data_6XT2
#
_entry.id   6XT2
#
_cell.length_a   50.150
_cell.length_b   180.270
_cell.length_c   86.900
_cell.angle_alpha   90.000
_cell.angle_beta   105.830
_cell.angle_gamma   90.000
#
_symmetry.space_group_name_H-M   'P 1 21 1'
#
loop_
_entity.id
_entity.type
_entity.pdbx_description
1 polymer 'Alcohol dehydrogenase E chain'
2 non-polymer 'ZINC ION'
3 non-polymer '1,4-DIHYDRONICOTINAMIDE ADENINE DINUCLEOTIDE'
4 non-polymer 2,2,3,3,4,4,4-heptafluorobutan-1-ol
5 non-polymer (4R)-2-METHYLPENTANE-2,4-DIOL
6 water water
#
_entity_poly.entity_id   1
_entity_poly.type   'polypeptide(L)'
_entity_poly.pdbx_seq_one_letter_code
;STAGKVIKCKAAVLWEEKKPFSIEEVEVAPPKAHEVRIKMVATGICRSDDHVVSGTLVTPLPVIAGHEAAGIVESIGEGV
TTVRPGDKVIPLFTPQCGKCRVCKHPEGNFCLKNDLSMPRGTMQDGTSRFTCRGKPIHHFLGTSTFSQYTVVDEISVAKI
DAASPLEKVCLIGCGFSTGYGSAVKVAKVTQGSTCAVFGLGGVGLSVIMGCKAAGAARIIGVDINKDKFAKAKEVGATEC
VNPQDYKKPIQEVLTEMSNGGVDFSFEVIGRLDTMVTALSCCQEAYGVSVIVGVPPDSQNLSMNPMLLLSGRTWKGAIFG
GFKSKDSVPKLVADFMAKKFALDPLITHVLPFEKINEGFDLLRSGESIRTILTF
;
_entity_poly.pdbx_strand_id   A,B,C,D
#
# COMPACT_ATOMS: atom_id res chain seq x y z
N SER A 1 47.21 34.15 9.83
CA SER A 1 46.88 35.57 9.46
C SER A 1 45.36 35.69 9.41
N THR A 2 44.64 34.67 8.92
CA THR A 2 43.16 34.64 9.00
C THR A 2 42.67 33.73 10.16
N ALA A 3 43.56 33.03 10.83
CA ALA A 3 43.20 32.02 11.84
C ALA A 3 42.37 32.72 12.90
N GLY A 4 41.23 32.14 13.30
CA GLY A 4 40.46 32.73 14.42
C GLY A 4 39.59 33.89 14.00
N LYS A 5 39.58 34.26 12.72
CA LYS A 5 38.84 35.44 12.23
C LYS A 5 37.79 35.00 11.25
N VAL A 6 36.74 35.78 11.17
CA VAL A 6 35.79 35.70 10.03
C VAL A 6 36.54 36.03 8.72
N ILE A 7 36.39 35.17 7.71
CA ILE A 7 36.89 35.47 6.35
C ILE A 7 35.77 36.05 5.52
N LYS A 8 36.06 37.16 4.85
CA LYS A 8 35.19 37.67 3.77
C LYS A 8 35.81 37.18 2.47
N CYS A 9 35.01 36.50 1.66
CA CYS A 9 35.52 35.91 0.40
C CYS A 9 34.38 35.79 -0.60
N LYS A 10 34.71 35.35 -1.80
CA LYS A 10 33.71 35.17 -2.89
C LYS A 10 33.19 33.73 -2.83
N ALA A 11 31.92 33.54 -3.02
CA ALA A 11 31.29 32.21 -3.19
C ALA A 11 30.18 32.29 -4.26
N ALA A 12 29.82 31.13 -4.78
CA ALA A 12 28.71 31.02 -5.73
C ALA A 12 27.49 30.60 -4.92
N VAL A 13 26.60 31.54 -4.62
CA VAL A 13 25.39 31.26 -3.83
C VAL A 13 24.25 30.93 -4.78
N LEU A 14 23.50 29.89 -4.43
CA LEU A 14 22.25 29.56 -5.15
C LEU A 14 21.07 30.00 -4.30
N TRP A 15 20.39 31.06 -4.71
CA TRP A 15 19.29 31.63 -3.93
C TRP A 15 17.98 30.90 -4.22
N GLU A 16 17.81 30.45 -5.46
CA GLU A 16 16.53 29.87 -5.97
C GLU A 16 16.82 28.78 -6.99
N GLU A 17 15.88 27.85 -7.13
CA GLU A 17 15.95 26.82 -8.18
C GLU A 17 16.01 27.50 -9.53
N LYS A 18 16.67 26.87 -10.49
CA LYS A 18 16.54 27.18 -11.94
C LYS A 18 17.02 28.61 -12.18
N LYS A 19 17.97 29.08 -11.39
CA LYS A 19 18.61 30.40 -11.57
C LYS A 19 20.12 30.21 -11.63
N PRO A 20 20.80 31.18 -12.26
CA PRO A 20 22.25 31.15 -12.27
C PRO A 20 22.77 31.29 -10.84
N PHE A 21 23.98 30.77 -10.61
CA PHE A 21 24.73 31.06 -9.38
C PHE A 21 24.97 32.56 -9.33
N SER A 22 24.90 33.12 -8.13
CA SER A 22 25.28 34.51 -7.85
C SER A 22 26.66 34.53 -7.18
N ILE A 23 27.67 35.05 -7.88
CA ILE A 23 29.02 35.19 -7.27
C ILE A 23 28.97 36.41 -6.39
N GLU A 24 29.05 36.23 -5.07
CA GLU A 24 29.04 37.44 -4.24
C GLU A 24 29.85 37.22 -2.98
N GLU A 25 29.96 38.28 -2.19
CA GLU A 25 30.73 38.24 -0.94
C GLU A 25 29.94 37.46 0.10
N VAL A 26 30.63 36.53 0.77
CA VAL A 26 30.08 35.77 1.93
C VAL A 26 31.04 35.95 3.09
N GLU A 27 30.52 35.72 4.31
CA GLU A 27 31.32 35.63 5.51
C GLU A 27 31.41 34.17 5.91
N VAL A 28 32.63 33.73 6.14
CA VAL A 28 32.95 32.35 6.55
C VAL A 28 33.49 32.36 7.97
N ALA A 29 32.71 31.83 8.90
CA ALA A 29 33.13 31.79 10.32
C ALA A 29 34.38 30.94 10.46
N PRO A 30 35.17 31.16 11.55
CA PRO A 30 36.27 30.27 11.92
C PRO A 30 35.70 28.93 12.37
N PRO A 31 36.49 27.87 12.19
CA PRO A 31 36.11 26.55 12.62
C PRO A 31 35.95 26.42 14.13
N LYS A 32 34.90 25.71 14.53
CA LYS A 32 34.66 25.32 15.93
C LYS A 32 35.37 24.00 16.19
N ALA A 33 35.18 23.45 17.38
CA ALA A 33 35.83 22.19 17.78
C ALA A 33 35.60 21.14 16.68
N HIS A 34 36.65 20.41 16.31
CA HIS A 34 36.56 19.28 15.34
C HIS A 34 36.04 19.76 13.97
N GLU A 35 36.35 21.00 13.58
CA GLU A 35 36.02 21.54 12.24
C GLU A 35 37.32 22.05 11.60
N VAL A 36 37.28 22.15 10.29
CA VAL A 36 38.47 22.43 9.43
C VAL A 36 38.05 23.46 8.40
N ARG A 37 38.76 24.59 8.33
CA ARG A 37 38.50 25.61 7.31
C ARG A 37 39.55 25.44 6.22
N ILE A 38 39.06 25.34 5.02
CA ILE A 38 39.82 24.98 3.80
C ILE A 38 39.79 26.13 2.80
N LYS A 39 40.98 26.49 2.31
CA LYS A 39 41.13 27.37 1.12
C LYS A 39 40.98 26.49 -0.12
N MET A 40 39.92 26.71 -0.91
CA MET A 40 39.68 25.88 -2.10
C MET A 40 40.74 26.17 -3.16
N VAL A 41 41.23 25.09 -3.80
CA VAL A 41 42.20 25.24 -4.93
C VAL A 41 41.55 24.90 -6.25
N ALA A 42 40.73 23.85 -6.29
CA ALA A 42 40.03 23.45 -7.51
C ALA A 42 38.73 22.72 -7.13
N THR A 43 37.72 22.88 -7.98
CA THR A 43 36.45 22.13 -7.79
C THR A 43 35.88 21.78 -9.12
N GLY A 44 35.38 20.54 -9.20
CA GLY A 44 34.77 20.07 -10.44
C GLY A 44 33.28 20.42 -10.46
N ILE A 45 32.72 20.45 -11.65
CA ILE A 45 31.27 20.62 -11.88
C ILE A 45 30.68 19.24 -12.12
N CYS A 46 29.99 18.68 -11.14
CA CYS A 46 29.38 17.33 -11.22
C CYS A 46 27.92 17.52 -11.57
N ARG A 47 27.33 16.58 -12.31
CA ARG A 47 25.90 16.72 -12.63
C ARG A 47 25.08 16.83 -11.34
N SER A 48 25.48 16.23 -10.23
CA SER A 48 24.69 16.38 -8.99
C SER A 48 24.58 17.85 -8.55
N ASP A 49 25.58 18.67 -8.80
CA ASP A 49 25.47 20.11 -8.47
C ASP A 49 24.36 20.72 -9.32
N ASP A 50 24.29 20.33 -10.58
CA ASP A 50 23.24 20.78 -11.53
C ASP A 50 21.87 20.28 -11.05
N HIS A 51 21.81 19.08 -10.47
CA HIS A 51 20.55 18.53 -9.91
C HIS A 51 20.02 19.45 -8.78
N VAL A 52 20.88 20.14 -8.06
CA VAL A 52 20.42 21.10 -7.01
C VAL A 52 19.73 22.28 -7.70
N VAL A 53 20.32 22.77 -8.80
CA VAL A 53 19.74 23.90 -9.56
C VAL A 53 18.37 23.48 -10.13
N SER A 54 18.28 22.26 -10.69
CA SER A 54 17.09 21.82 -11.44
C SER A 54 15.98 21.37 -10.47
N GLY A 55 16.25 21.20 -9.17
CA GLY A 55 15.35 20.59 -8.18
C GLY A 55 15.21 19.07 -8.34
N THR A 56 16.10 18.43 -9.09
CA THR A 56 16.18 16.95 -9.14
C THR A 56 16.63 16.44 -7.78
N LEU A 57 17.64 17.09 -7.21
CA LEU A 57 18.20 16.76 -5.88
C LEU A 57 17.82 17.88 -4.93
N VAL A 58 17.01 17.52 -3.97
CA VAL A 58 16.42 18.48 -3.01
C VAL A 58 17.36 18.64 -1.85
N THR A 59 17.75 19.89 -1.63
CA THR A 59 18.53 20.23 -0.41
C THR A 59 18.06 21.64 -0.03
N PRO A 60 18.12 22.05 1.23
CA PRO A 60 17.69 23.40 1.59
C PRO A 60 18.40 24.52 0.84
N LEU A 61 17.59 25.50 0.36
CA LEU A 61 18.07 26.75 -0.26
C LEU A 61 17.88 27.87 0.73
N PRO A 62 18.67 28.99 0.70
CA PRO A 62 19.76 29.18 -0.26
C PRO A 62 20.94 28.29 0.16
N VAL A 63 21.84 27.98 -0.77
CA VAL A 63 22.93 27.01 -0.53
C VAL A 63 24.21 27.43 -1.25
N ILE A 64 25.36 27.05 -0.68
CA ILE A 64 26.64 26.98 -1.40
C ILE A 64 26.81 25.51 -1.80
N ALA A 65 26.59 25.21 -3.06
CA ALA A 65 26.77 23.84 -3.56
C ALA A 65 28.23 23.61 -3.87
N GLY A 66 28.49 22.54 -4.62
CA GLY A 66 29.84 22.05 -4.85
C GLY A 66 30.26 20.99 -3.83
N HIS A 67 30.75 19.84 -4.32
CA HIS A 67 31.13 18.71 -3.45
C HIS A 67 32.35 17.92 -3.97
N GLU A 68 32.87 18.25 -5.15
CA GLU A 68 34.01 17.53 -5.80
C GLU A 68 35.18 18.52 -5.85
N ALA A 69 36.09 18.45 -4.90
CA ALA A 69 37.07 19.55 -4.75
C ALA A 69 38.34 19.09 -4.06
N ALA A 70 39.31 20.02 -4.06
CA ALA A 70 40.56 19.85 -3.30
C ALA A 70 41.04 21.25 -2.88
N GLY A 71 41.64 21.30 -1.70
CA GLY A 71 42.20 22.56 -1.20
C GLY A 71 43.26 22.33 -0.15
N ILE A 72 43.57 23.40 0.56
CA ILE A 72 44.67 23.47 1.56
C ILE A 72 44.07 23.98 2.85
N VAL A 73 44.34 23.27 3.93
CA VAL A 73 43.80 23.67 5.25
C VAL A 73 44.33 25.08 5.59
N GLU A 74 43.39 25.98 5.87
CA GLU A 74 43.73 27.34 6.39
C GLU A 74 43.89 27.28 7.91
N SER A 75 43.03 26.58 8.63
CA SER A 75 43.02 26.50 10.09
C SER A 75 42.16 25.34 10.58
N ILE A 76 42.42 24.91 11.80
CA ILE A 76 41.69 23.79 12.44
C ILE A 76 41.07 24.30 13.74
N GLY A 77 39.91 23.75 14.09
CA GLY A 77 39.30 23.95 15.40
C GLY A 77 39.99 23.11 16.45
N GLU A 78 39.58 23.32 17.69
CA GLU A 78 40.10 22.60 18.88
C GLU A 78 39.80 21.11 18.69
N GLY A 79 40.75 20.24 19.00
CA GLY A 79 40.53 18.79 19.00
C GLY A 79 40.82 18.13 17.68
N VAL A 80 40.96 18.87 16.56
CA VAL A 80 41.28 18.24 15.25
C VAL A 80 42.64 17.53 15.33
N THR A 81 42.68 16.26 14.96
CA THR A 81 43.92 15.45 14.98
C THR A 81 44.34 14.92 13.60
N THR A 82 43.47 14.91 12.59
CA THR A 82 43.76 14.14 11.37
C THR A 82 44.28 15.05 10.25
N VAL A 83 44.24 16.38 10.43
CA VAL A 83 44.78 17.35 9.44
C VAL A 83 45.42 18.50 10.21
N ARG A 84 46.31 19.20 9.53
CA ARG A 84 46.99 20.41 10.07
C ARG A 84 46.95 21.53 9.03
N PRO A 85 47.10 22.78 9.50
CA PRO A 85 47.18 23.89 8.58
C PRO A 85 48.28 23.59 7.54
N GLY A 86 47.98 23.93 6.30
CA GLY A 86 48.88 23.72 5.14
C GLY A 86 48.80 22.35 4.49
N ASP A 87 48.11 21.40 5.11
CA ASP A 87 47.84 20.08 4.51
C ASP A 87 46.96 20.25 3.27
N LYS A 88 47.25 19.46 2.24
CA LYS A 88 46.34 19.28 1.12
C LYS A 88 45.23 18.30 1.52
N VAL A 89 44.00 18.60 1.10
CA VAL A 89 42.79 17.87 1.59
C VAL A 89 41.76 17.78 0.46
N ILE A 90 40.96 16.75 0.56
CA ILE A 90 39.73 16.56 -0.25
C ILE A 90 38.57 16.45 0.73
N PRO A 91 37.59 17.36 0.60
CA PRO A 91 36.35 17.21 1.35
C PRO A 91 35.62 15.94 0.93
N LEU A 92 34.92 15.36 1.90
CA LEU A 92 34.26 14.05 1.76
C LEU A 92 32.75 14.30 1.85
N PHE A 93 32.01 14.20 0.76
CA PHE A 93 30.55 14.45 0.79
C PHE A 93 29.83 13.29 1.47
N THR A 94 30.50 12.14 1.50
CA THR A 94 30.08 11.00 2.34
C THR A 94 31.08 10.95 3.48
N PRO A 95 30.65 11.22 4.71
CA PRO A 95 31.58 11.25 5.85
C PRO A 95 32.08 9.85 6.21
N GLN A 96 33.08 9.81 7.09
CA GLN A 96 33.51 8.55 7.71
C GLN A 96 33.74 8.80 9.19
N CYS A 97 32.69 8.66 10.01
CA CYS A 97 32.82 8.97 11.45
C CYS A 97 33.68 7.89 12.12
N GLY A 98 33.67 6.68 11.53
CA GLY A 98 34.45 5.54 12.07
C GLY A 98 33.79 4.93 13.29
N LYS A 99 32.62 5.39 13.75
CA LYS A 99 32.04 4.95 15.03
C LYS A 99 30.71 4.23 14.81
N CYS A 100 29.98 4.52 13.72
CA CYS A 100 28.58 4.08 13.54
C CYS A 100 28.60 2.63 13.01
N ARG A 101 27.48 1.96 13.12
CA ARG A 101 27.33 0.55 12.67
C ARG A 101 27.71 0.38 11.19
N VAL A 102 27.49 1.38 10.36
CA VAL A 102 27.90 1.30 8.92
C VAL A 102 29.42 1.43 8.80
N CYS A 103 30.03 2.44 9.45
CA CYS A 103 31.49 2.64 9.34
C CYS A 103 32.21 1.37 9.85
N LYS A 104 31.63 0.68 10.81
CA LYS A 104 32.26 -0.56 11.37
C LYS A 104 31.94 -1.78 10.52
N HIS A 105 30.98 -1.70 9.59
CA HIS A 105 30.63 -2.85 8.71
C HIS A 105 31.68 -2.98 7.60
N PRO A 106 32.15 -4.19 7.28
CA PRO A 106 33.19 -4.36 6.25
C PRO A 106 32.78 -3.86 4.87
N GLU A 107 31.48 -3.89 4.54
CA GLU A 107 30.96 -3.51 3.19
CA GLU A 107 31.01 -3.54 3.18
C GLU A 107 30.16 -2.19 3.19
C GLU A 107 30.57 -2.06 3.17
N GLY A 108 29.98 -1.54 4.31
N GLY A 108 29.90 -1.59 4.24
CA GLY A 108 29.17 -0.31 4.26
C GLY A 108 30.06 0.92 4.08
N ASN A 109 29.56 1.94 3.39
CA ASN A 109 30.26 3.23 3.35
C ASN A 109 29.30 4.40 3.62
N PHE A 110 27.99 4.18 3.68
CA PHE A 110 26.99 5.26 3.83
C PHE A 110 26.84 5.63 5.31
N CYS A 111 27.90 6.23 5.85
CA CYS A 111 27.99 6.66 7.27
C CYS A 111 26.68 7.31 7.72
N LEU A 112 26.25 6.98 8.91
CA LEU A 112 24.96 7.49 9.46
C LEU A 112 25.03 8.98 9.75
N LYS A 113 26.22 9.58 9.70
CA LYS A 113 26.36 11.06 9.91
C LYS A 113 26.17 11.80 8.59
N ASN A 114 25.83 11.12 7.52
CA ASN A 114 25.63 11.73 6.17
C ASN A 114 24.54 12.80 6.24
N ASP A 115 24.62 13.75 5.31
CA ASP A 115 23.55 14.79 5.12
C ASP A 115 22.82 14.54 3.81
N LEU A 116 22.74 13.28 3.38
CA LEU A 116 22.18 12.95 2.02
C LEU A 116 20.76 12.44 2.20
N SER A 117 20.51 11.57 3.19
CA SER A 117 19.20 10.91 3.41
C SER A 117 18.11 11.92 3.73
N MET A 118 18.39 12.81 4.66
CA MET A 118 17.40 13.75 5.24
C MET A 118 18.09 15.09 5.32
N PRO A 119 18.34 15.73 4.17
CA PRO A 119 19.30 16.85 4.10
C PRO A 119 18.86 18.01 5.02
N ARG A 120 19.78 18.51 5.84
CA ARG A 120 19.56 19.67 6.73
C ARG A 120 20.38 20.86 6.17
N GLY A 121 21.45 20.58 5.44
CA GLY A 121 22.27 21.68 4.88
C GLY A 121 23.02 22.45 5.96
N THR A 122 23.52 21.74 6.96
CA THR A 122 24.25 22.34 8.09
C THR A 122 25.57 21.61 8.31
N MET A 123 26.36 22.13 9.24
CA MET A 123 27.47 21.42 9.89
C MET A 123 26.84 20.32 10.75
N GLN A 124 27.65 19.41 11.27
CA GLN A 124 27.14 18.35 12.18
C GLN A 124 26.36 18.98 13.34
N ASP A 125 26.76 20.14 13.88
CA ASP A 125 26.10 20.73 15.08
C ASP A 125 24.79 21.45 14.73
N GLY A 126 24.31 21.39 13.50
CA GLY A 126 23.00 21.90 13.06
C GLY A 126 23.02 23.36 12.78
N THR A 127 24.20 23.98 12.71
CA THR A 127 24.35 25.40 12.35
C THR A 127 25.15 25.57 11.05
N SER A 128 25.24 26.81 10.59
CA SER A 128 25.91 27.18 9.33
C SER A 128 27.12 28.04 9.66
N ARG A 129 28.15 27.91 8.87
CA ARG A 129 29.36 28.78 8.97
C ARG A 129 29.31 29.90 7.95
N PHE A 130 28.24 29.99 7.19
CA PHE A 130 28.18 30.97 6.06
C PHE A 130 27.11 32.00 6.32
N THR A 131 27.45 33.25 6.06
CA THR A 131 26.52 34.40 6.05
C THR A 131 26.65 35.11 4.70
N CYS A 132 25.55 35.56 4.15
CA CYS A 132 25.53 36.36 2.90
C CYS A 132 24.34 37.30 2.97
N ARG A 133 24.58 38.60 2.73
CA ARG A 133 23.50 39.62 2.75
C ARG A 133 22.86 39.60 4.14
N GLY A 134 23.65 39.26 5.16
CA GLY A 134 23.22 39.17 6.56
C GLY A 134 22.33 37.97 6.81
N LYS A 135 22.19 37.03 5.86
CA LYS A 135 21.36 35.81 6.07
C LYS A 135 22.25 34.57 6.24
N PRO A 136 21.88 33.55 7.04
CA PRO A 136 22.57 32.27 7.00
C PRO A 136 22.34 31.54 5.67
N ILE A 137 23.40 30.87 5.21
CA ILE A 137 23.35 30.12 3.92
C ILE A 137 23.62 28.66 4.25
N HIS A 138 22.87 27.77 3.64
CA HIS A 138 23.03 26.32 3.90
C HIS A 138 24.34 25.83 3.31
N HIS A 139 24.87 24.84 3.98
CA HIS A 139 25.93 23.95 3.43
C HIS A 139 25.31 22.92 2.49
N PHE A 140 26.14 22.20 1.76
CA PHE A 140 25.71 21.11 0.85
C PHE A 140 26.56 19.86 1.11
N LEU A 141 25.93 18.79 1.60
CA LEU A 141 26.60 17.49 1.84
C LEU A 141 27.82 17.63 2.78
N GLY A 142 27.81 18.60 3.68
CA GLY A 142 28.90 18.88 4.58
C GLY A 142 30.15 19.27 3.82
N THR A 143 30.03 19.78 2.60
CA THR A 143 31.24 20.16 1.84
C THR A 143 31.17 21.63 1.42
N SER A 144 30.30 21.99 0.52
CA SER A 144 30.18 23.40 0.02
C SER A 144 31.50 23.88 -0.54
N THR A 145 31.80 23.47 -1.74
CA THR A 145 33.12 23.71 -2.36
C THR A 145 33.05 24.86 -3.38
N PHE A 146 31.92 25.45 -3.67
CA PHE A 146 31.79 26.58 -4.62
C PHE A 146 32.00 27.89 -3.85
N SER A 147 33.12 27.97 -3.14
CA SER A 147 33.47 29.11 -2.27
C SER A 147 34.99 29.16 -2.19
N GLN A 148 35.55 30.35 -2.07
CA GLN A 148 37.02 30.44 -1.91
C GLN A 148 37.44 29.75 -0.61
N TYR A 149 36.61 29.80 0.40
CA TYR A 149 36.84 29.09 1.68
C TYR A 149 35.60 28.36 2.14
N THR A 150 35.78 27.19 2.76
CA THR A 150 34.66 26.43 3.35
C THR A 150 35.10 25.91 4.70
N VAL A 151 34.13 25.49 5.49
CA VAL A 151 34.36 24.88 6.81
C VAL A 151 33.63 23.53 6.76
N VAL A 152 34.36 22.48 7.09
CA VAL A 152 33.82 21.10 7.12
C VAL A 152 34.11 20.48 8.49
N ASP A 153 33.30 19.51 8.84
CA ASP A 153 33.53 18.67 10.02
C ASP A 153 34.74 17.77 9.75
N GLU A 154 35.48 17.42 10.79
CA GLU A 154 36.67 16.58 10.60
C GLU A 154 36.34 15.26 9.90
N ILE A 155 35.22 14.66 10.24
CA ILE A 155 34.81 13.37 9.59
C ILE A 155 34.52 13.54 8.09
N SER A 156 34.46 14.75 7.58
CA SER A 156 34.19 15.05 6.15
C SER A 156 35.43 15.65 5.45
N VAL A 157 36.62 15.31 5.91
CA VAL A 157 37.85 15.71 5.19
C VAL A 157 38.94 14.65 5.32
N ALA A 158 39.70 14.47 4.23
CA ALA A 158 40.87 13.57 4.23
C ALA A 158 42.13 14.31 3.84
N LYS A 159 43.22 14.04 4.56
CA LYS A 159 44.55 14.55 4.21
C LYS A 159 45.07 13.73 3.05
N ILE A 160 45.56 14.40 2.02
CA ILE A 160 46.19 13.70 0.87
C ILE A 160 47.65 14.10 0.72
N ASP A 161 48.32 13.39 -0.18
CA ASP A 161 49.76 13.59 -0.45
C ASP A 161 50.08 15.10 -0.61
N ALA A 162 51.15 15.55 0.05
CA ALA A 162 51.61 16.96 0.05
C ALA A 162 51.95 17.35 -1.38
N ALA A 163 52.30 16.39 -2.24
CA ALA A 163 52.76 16.74 -3.60
C ALA A 163 51.65 16.54 -4.64
N SER A 164 50.43 16.22 -4.25
CA SER A 164 49.42 15.91 -5.30
C SER A 164 49.03 17.16 -6.06
N PRO A 165 48.66 17.01 -7.34
CA PRO A 165 48.18 18.12 -8.17
C PRO A 165 46.68 18.34 -7.96
N LEU A 166 46.33 19.39 -7.23
CA LEU A 166 44.94 19.56 -6.72
C LEU A 166 43.99 19.80 -7.89
N GLU A 167 44.49 20.36 -8.99
CA GLU A 167 43.61 20.69 -10.16
C GLU A 167 43.22 19.40 -10.91
N LYS A 168 43.80 18.26 -10.57
CA LYS A 168 43.37 16.94 -11.06
C LYS A 168 42.67 16.12 -9.96
N VAL A 169 43.30 15.98 -8.78
CA VAL A 169 42.83 14.97 -7.79
C VAL A 169 41.52 15.44 -7.17
N CYS A 170 41.07 16.67 -7.41
CA CYS A 170 39.71 17.06 -6.98
C CYS A 170 38.68 16.05 -7.52
N LEU A 171 38.91 15.43 -8.66
CA LEU A 171 37.94 14.45 -9.21
C LEU A 171 37.82 13.21 -8.32
N ILE A 172 38.83 12.88 -7.52
CA ILE A 172 38.75 11.77 -6.56
C ILE A 172 37.68 12.10 -5.51
N GLY A 173 37.30 13.36 -5.36
CA GLY A 173 36.26 13.81 -4.45
C GLY A 173 34.87 13.43 -4.89
N CYS A 174 34.64 13.05 -6.13
CA CYS A 174 33.33 12.50 -6.48
C CYS A 174 33.44 11.62 -7.73
N GLY A 175 33.57 12.20 -8.90
CA GLY A 175 33.15 11.50 -10.12
C GLY A 175 34.04 10.30 -10.37
N PHE A 176 35.36 10.44 -10.25
CA PHE A 176 36.26 9.29 -10.56
C PHE A 176 36.01 8.13 -9.59
N SER A 177 36.00 8.43 -8.31
CA SER A 177 35.94 7.44 -7.22
C SER A 177 34.61 6.72 -7.33
N THR A 178 33.58 7.51 -7.54
CA THR A 178 32.21 6.94 -7.70
C THR A 178 32.18 5.95 -8.85
N GLY A 179 32.58 6.38 -10.06
CA GLY A 179 32.45 5.42 -11.17
C GLY A 179 33.34 4.22 -10.98
N TYR A 180 34.60 4.50 -10.71
CA TYR A 180 35.62 3.44 -10.54
C TYR A 180 35.18 2.41 -9.51
N GLY A 181 34.79 2.88 -8.34
CA GLY A 181 34.40 1.98 -7.23
C GLY A 181 33.13 1.22 -7.61
N SER A 182 32.21 1.87 -8.32
CA SER A 182 30.93 1.23 -8.75
C SER A 182 31.29 -0.07 -9.49
N ALA A 183 32.34 -0.04 -10.31
CA ALA A 183 32.78 -1.26 -11.04
C ALA A 183 33.60 -2.21 -10.15
N VAL A 184 34.66 -1.74 -9.50
CA VAL A 184 35.68 -2.62 -8.89
C VAL A 184 35.20 -3.09 -7.52
N LYS A 185 34.39 -2.31 -6.83
CA LYS A 185 34.04 -2.64 -5.42
C LYS A 185 32.57 -3.07 -5.37
N VAL A 186 31.66 -2.32 -5.99
CA VAL A 186 30.22 -2.58 -5.81
C VAL A 186 29.81 -3.75 -6.72
N ALA A 187 29.99 -3.61 -8.03
CA ALA A 187 29.69 -4.69 -8.98
C ALA A 187 30.66 -5.84 -8.76
N LYS A 188 31.93 -5.56 -8.44
CA LYS A 188 33.04 -6.58 -8.42
C LYS A 188 33.15 -7.24 -9.80
N VAL A 189 33.26 -6.41 -10.83
CA VAL A 189 33.40 -6.85 -12.24
C VAL A 189 34.52 -7.87 -12.34
N THR A 190 34.28 -8.92 -13.11
CA THR A 190 35.23 -10.08 -13.23
C THR A 190 36.02 -10.07 -14.55
N GLN A 191 37.21 -10.68 -14.50
CA GLN A 191 38.08 -10.89 -15.70
C GLN A 191 37.26 -11.63 -16.77
N GLY A 192 37.26 -11.09 -17.99
CA GLY A 192 36.63 -11.77 -19.11
C GLY A 192 35.16 -11.49 -19.23
N SER A 193 34.59 -10.62 -18.39
CA SER A 193 33.13 -10.36 -18.40
C SER A 193 32.74 -9.38 -19.50
N THR A 194 31.43 -9.24 -19.72
CA THR A 194 30.79 -8.24 -20.59
C THR A 194 30.02 -7.22 -19.72
N CYS A 195 30.35 -5.96 -19.88
CA CYS A 195 29.75 -4.84 -19.12
C CYS A 195 28.95 -3.93 -20.07
N ALA A 196 27.86 -3.31 -19.57
CA ALA A 196 27.09 -2.26 -20.29
C ALA A 196 27.02 -1.02 -19.36
N VAL A 197 27.49 0.10 -19.84
CA VAL A 197 27.54 1.37 -19.07
C VAL A 197 26.59 2.38 -19.72
N PHE A 198 25.53 2.76 -18.99
CA PHE A 198 24.51 3.72 -19.49
C PHE A 198 24.86 5.10 -18.99
N GLY A 199 25.28 5.95 -19.90
CA GLY A 199 25.71 7.33 -19.58
C GLY A 199 27.23 7.45 -19.62
N LEU A 200 27.75 8.30 -20.50
CA LEU A 200 29.22 8.40 -20.74
C LEU A 200 29.66 9.83 -20.38
N GLY A 201 29.16 10.36 -19.27
CA GLY A 201 29.75 11.54 -18.62
C GLY A 201 30.94 11.16 -17.76
N GLY A 202 31.37 12.08 -16.92
CA GLY A 202 32.56 11.83 -16.14
C GLY A 202 32.41 10.59 -15.27
N VAL A 203 31.21 10.37 -14.75
CA VAL A 203 31.05 9.20 -13.85
C VAL A 203 31.00 7.92 -14.70
N GLY A 204 30.31 7.92 -15.82
CA GLY A 204 30.27 6.74 -16.71
C GLY A 204 31.63 6.36 -17.28
N LEU A 205 32.47 7.36 -17.60
CA LEU A 205 33.83 7.05 -18.12
C LEU A 205 34.63 6.42 -17.01
N SER A 206 34.47 6.93 -15.77
CA SER A 206 35.15 6.33 -14.60
C SER A 206 34.72 4.86 -14.42
N VAL A 207 33.45 4.58 -14.56
CA VAL A 207 32.94 3.19 -14.54
C VAL A 207 33.66 2.34 -15.61
N ILE A 208 33.75 2.85 -16.81
CA ILE A 208 34.51 2.12 -17.85
C ILE A 208 35.95 1.88 -17.39
N MET A 209 36.63 2.90 -16.87
CA MET A 209 38.00 2.71 -16.38
C MET A 209 38.02 1.56 -15.40
N GLY A 210 37.05 1.47 -14.50
CA GLY A 210 37.05 0.41 -13.46
C GLY A 210 36.80 -0.93 -14.13
N CYS A 211 35.91 -0.96 -15.11
CA CYS A 211 35.60 -2.24 -15.83
C CYS A 211 36.86 -2.75 -16.55
N LYS A 212 37.62 -1.82 -17.18
CA LYS A 212 38.89 -2.23 -17.85
C LYS A 212 39.92 -2.71 -16.81
N ALA A 213 40.10 -1.98 -15.74
CA ALA A 213 41.03 -2.37 -14.65
C ALA A 213 40.69 -3.76 -14.13
N ALA A 214 39.42 -4.13 -14.09
CA ALA A 214 38.95 -5.44 -13.57
C ALA A 214 39.14 -6.52 -14.61
N GLY A 215 39.49 -6.15 -15.86
CA GLY A 215 39.86 -7.13 -16.90
C GLY A 215 38.63 -7.57 -17.69
N ALA A 216 37.57 -6.77 -17.74
CA ALA A 216 36.38 -7.08 -18.55
C ALA A 216 36.84 -7.31 -19.99
N ALA A 217 36.24 -8.26 -20.70
CA ALA A 217 36.54 -8.51 -22.12
C ALA A 217 35.84 -7.49 -23.03
N ARG A 218 34.59 -7.14 -22.73
CA ARG A 218 33.70 -6.26 -23.52
C ARG A 218 33.09 -5.23 -22.59
N ILE A 219 33.12 -4.00 -23.02
CA ILE A 219 32.55 -2.84 -22.28
C ILE A 219 31.76 -2.01 -23.30
N ILE A 220 30.45 -2.11 -23.23
CA ILE A 220 29.52 -1.48 -24.18
C ILE A 220 29.01 -0.19 -23.56
N GLY A 221 29.42 0.92 -24.12
CA GLY A 221 28.98 2.29 -23.75
C GLY A 221 27.66 2.64 -24.38
N VAL A 222 26.74 3.20 -23.60
CA VAL A 222 25.39 3.53 -24.12
C VAL A 222 25.10 4.99 -23.83
N ASP A 223 24.75 5.78 -24.83
CA ASP A 223 24.49 7.22 -24.66
C ASP A 223 23.72 7.66 -25.89
N ILE A 224 22.77 8.57 -25.68
CA ILE A 224 21.97 9.25 -26.74
C ILE A 224 22.77 10.35 -27.40
N ASN A 225 23.93 10.71 -26.86
CA ASN A 225 24.84 11.74 -27.45
C ASN A 225 26.08 11.04 -28.02
N LYS A 226 26.07 10.80 -29.33
CA LYS A 226 27.17 10.04 -29.98
C LYS A 226 28.48 10.83 -29.86
N ASP A 227 28.44 12.10 -29.49
CA ASP A 227 29.72 12.86 -29.31
C ASP A 227 30.49 12.35 -28.09
N LYS A 228 29.84 11.53 -27.25
CA LYS A 228 30.52 10.94 -26.08
C LYS A 228 31.35 9.71 -26.43
N PHE A 229 31.11 9.09 -27.60
CA PHE A 229 31.68 7.76 -27.88
C PHE A 229 33.21 7.73 -28.00
N ALA A 230 33.79 8.72 -28.66
CA ALA A 230 35.26 8.71 -28.90
C ALA A 230 35.98 8.58 -27.56
N LYS A 231 35.60 9.40 -26.56
CA LYS A 231 36.35 9.39 -25.26
C LYS A 231 36.09 8.09 -24.52
N ALA A 232 34.87 7.58 -24.63
CA ALA A 232 34.50 6.29 -24.01
C ALA A 232 35.38 5.17 -24.58
N LYS A 233 35.57 5.17 -25.90
CA LYS A 233 36.49 4.17 -26.52
C LYS A 233 37.91 4.43 -26.02
N GLU A 234 38.37 5.68 -25.89
CA GLU A 234 39.79 5.92 -25.46
C GLU A 234 39.99 5.31 -24.07
N VAL A 235 39.00 5.35 -23.17
CA VAL A 235 39.23 4.85 -21.78
C VAL A 235 38.76 3.40 -21.63
N GLY A 236 38.38 2.71 -22.72
CA GLY A 236 38.25 1.24 -22.69
C GLY A 236 36.93 0.68 -23.22
N ALA A 237 35.97 1.50 -23.66
CA ALA A 237 34.74 0.94 -24.23
C ALA A 237 35.18 0.18 -25.49
N THR A 238 34.70 -1.03 -25.67
CA THR A 238 34.99 -1.87 -26.88
C THR A 238 33.95 -1.54 -27.97
N GLU A 239 32.74 -1.14 -27.59
CA GLU A 239 31.67 -0.74 -28.54
C GLU A 239 30.87 0.34 -27.87
N CYS A 240 30.26 1.20 -28.66
CA CYS A 240 29.28 2.21 -28.18
C CYS A 240 28.00 2.11 -29.01
N VAL A 241 26.85 2.22 -28.34
CA VAL A 241 25.52 2.15 -29.02
C VAL A 241 24.71 3.35 -28.57
N ASN A 242 24.02 3.97 -29.52
CA ASN A 242 23.06 5.05 -29.29
C ASN A 242 21.65 4.47 -29.43
N PRO A 243 20.85 4.44 -28.35
CA PRO A 243 19.48 3.96 -28.43
C PRO A 243 18.65 4.54 -29.57
N GLN A 244 18.92 5.78 -29.98
CA GLN A 244 18.11 6.50 -31.01
C GLN A 244 18.36 5.90 -32.41
N ASP A 245 19.45 5.15 -32.61
CA ASP A 245 19.78 4.47 -33.89
C ASP A 245 19.06 3.11 -34.06
N TYR A 246 18.29 2.63 -33.07
CA TYR A 246 17.64 1.29 -33.18
C TYR A 246 16.12 1.40 -33.14
N LYS A 247 15.43 0.52 -33.86
CA LYS A 247 13.96 0.41 -33.76
C LYS A 247 13.58 -0.34 -32.46
N LYS A 248 14.36 -1.31 -32.00
CA LYS A 248 14.07 -2.14 -30.79
C LYS A 248 14.53 -1.37 -29.55
N PRO A 249 13.89 -1.59 -28.37
CA PRO A 249 14.35 -0.98 -27.14
C PRO A 249 15.77 -1.49 -26.84
N ILE A 250 16.58 -0.63 -26.21
CA ILE A 250 18.03 -0.91 -26.13
C ILE A 250 18.30 -2.14 -25.23
N GLN A 251 17.45 -2.50 -24.25
CA GLN A 251 17.71 -3.74 -23.46
C GLN A 251 17.67 -4.96 -24.42
N GLU A 252 16.85 -4.92 -25.44
CA GLU A 252 16.77 -6.03 -26.44
C GLU A 252 18.04 -6.09 -27.29
N VAL A 253 18.47 -4.93 -27.80
CA VAL A 253 19.75 -4.76 -28.53
C VAL A 253 20.90 -5.34 -27.70
N LEU A 254 21.05 -4.88 -26.45
CA LEU A 254 22.17 -5.32 -25.57
C LEU A 254 22.10 -6.82 -25.26
N THR A 255 20.88 -7.33 -25.04
CA THR A 255 20.69 -8.77 -24.75
C THR A 255 21.21 -9.60 -25.93
N GLU A 256 20.90 -9.17 -27.15
CA GLU A 256 21.33 -9.86 -28.39
C GLU A 256 22.85 -9.75 -28.55
N MET A 257 23.36 -8.52 -28.47
CA MET A 257 24.81 -8.23 -28.61
C MET A 257 25.60 -9.13 -27.64
N SER A 258 25.04 -9.43 -26.44
CA SER A 258 25.75 -10.19 -25.40
C SER A 258 25.35 -11.66 -25.36
N ASN A 259 24.59 -12.14 -26.36
CA ASN A 259 24.29 -13.58 -26.48
C ASN A 259 23.49 -13.99 -25.25
N GLY A 260 22.58 -13.11 -24.84
CA GLY A 260 21.56 -13.40 -23.83
C GLY A 260 21.66 -12.54 -22.56
N GLY A 261 22.39 -11.43 -22.60
CA GLY A 261 22.45 -10.45 -21.50
C GLY A 261 23.86 -10.22 -20.99
N VAL A 262 24.14 -9.06 -20.39
CA VAL A 262 25.52 -8.72 -19.94
C VAL A 262 25.77 -9.28 -18.54
N ASP A 263 27.03 -9.40 -18.15
CA ASP A 263 27.39 -9.86 -16.78
C ASP A 263 27.05 -8.70 -15.83
N PHE A 264 27.40 -7.49 -16.22
CA PHE A 264 27.30 -6.32 -15.31
C PHE A 264 26.75 -5.14 -16.09
N SER A 265 25.69 -4.46 -15.61
CA SER A 265 25.19 -3.19 -16.19
C SER A 265 25.24 -2.08 -15.12
N PHE A 266 25.37 -0.88 -15.59
CA PHE A 266 25.50 0.33 -14.75
C PHE A 266 24.57 1.43 -15.27
N GLU A 267 23.71 2.00 -14.40
CA GLU A 267 22.90 3.18 -14.76
C GLU A 267 23.64 4.40 -14.19
N VAL A 268 24.12 5.24 -15.09
CA VAL A 268 25.01 6.38 -14.74
C VAL A 268 24.43 7.65 -15.37
N ILE A 269 23.13 7.78 -15.27
CA ILE A 269 22.37 8.88 -15.89
C ILE A 269 21.55 9.62 -14.84
N GLY A 270 20.55 8.95 -14.32
CA GLY A 270 19.59 9.41 -13.32
C GLY A 270 18.20 9.47 -13.91
N ARG A 271 17.79 8.41 -14.61
CA ARG A 271 16.39 8.31 -15.05
C ARG A 271 15.76 7.01 -14.58
N LEU A 272 14.50 7.09 -14.23
CA LEU A 272 13.79 5.88 -13.75
C LEU A 272 13.78 4.82 -14.88
N ASP A 273 13.54 5.24 -16.11
CA ASP A 273 13.36 4.31 -17.24
C ASP A 273 14.67 3.59 -17.49
N THR A 274 15.79 4.29 -17.51
CA THR A 274 17.09 3.67 -17.79
C THR A 274 17.48 2.75 -16.62
N MET A 275 17.06 3.03 -15.40
CA MET A 275 17.34 2.10 -14.29
C MET A 275 16.70 0.76 -14.57
N VAL A 276 15.44 0.75 -15.00
CA VAL A 276 14.77 -0.52 -15.35
C VAL A 276 15.40 -1.17 -16.58
N THR A 277 15.71 -0.42 -17.63
CA THR A 277 16.36 -0.92 -18.86
C THR A 277 17.70 -1.57 -18.47
N ALA A 278 18.52 -0.91 -17.67
CA ALA A 278 19.86 -1.41 -17.34
C ALA A 278 19.68 -2.73 -16.60
N LEU A 279 18.71 -2.80 -15.71
CA LEU A 279 18.48 -4.07 -15.00
C LEU A 279 18.09 -5.13 -16.03
N SER A 280 17.18 -4.79 -16.94
CA SER A 280 16.63 -5.77 -17.89
C SER A 280 17.75 -6.36 -18.77
N CYS A 281 18.75 -5.57 -19.13
CA CYS A 281 19.80 -5.98 -20.08
C CYS A 281 20.87 -6.87 -19.44
N CYS A 282 20.93 -7.00 -18.14
CA CYS A 282 21.86 -7.97 -17.51
CA CYS A 282 21.76 -7.97 -17.38
C CYS A 282 21.22 -9.38 -17.60
N GLN A 283 22.11 -10.38 -17.67
CA GLN A 283 21.66 -11.78 -17.88
C GLN A 283 20.69 -12.17 -16.74
N GLU A 284 19.58 -12.82 -17.10
CA GLU A 284 18.45 -13.01 -16.15
C GLU A 284 18.79 -13.89 -14.97
N ALA A 285 19.72 -14.85 -15.10
CA ALA A 285 20.04 -15.83 -14.03
C ALA A 285 21.19 -15.33 -13.14
N TYR A 286 22.13 -14.55 -13.64
CA TYR A 286 23.34 -14.25 -12.83
C TYR A 286 23.82 -12.82 -13.05
N GLY A 287 23.16 -12.01 -13.88
CA GLY A 287 23.50 -10.59 -14.10
C GLY A 287 23.42 -9.75 -12.84
N VAL A 288 24.25 -8.71 -12.83
CA VAL A 288 24.27 -7.70 -11.76
C VAL A 288 24.08 -6.34 -12.39
N SER A 289 23.21 -5.52 -11.81
CA SER A 289 22.94 -4.15 -12.29
C SER A 289 23.15 -3.20 -11.14
N VAL A 290 23.93 -2.13 -11.35
CA VAL A 290 24.26 -1.15 -10.29
C VAL A 290 23.70 0.21 -10.69
N ILE A 291 22.88 0.78 -9.80
CA ILE A 291 22.36 2.16 -10.01
C ILE A 291 23.40 3.11 -9.42
N VAL A 292 23.85 4.02 -10.27
CA VAL A 292 24.74 5.14 -9.84
C VAL A 292 24.03 6.50 -10.01
N GLY A 293 23.25 6.68 -11.06
CA GLY A 293 22.50 7.91 -11.37
C GLY A 293 21.60 8.30 -10.24
N VAL A 294 21.39 9.61 -10.07
CA VAL A 294 20.45 10.16 -9.06
C VAL A 294 19.18 10.56 -9.79
N PRO A 295 18.06 9.91 -9.41
CA PRO A 295 16.77 10.15 -10.02
C PRO A 295 16.09 11.35 -9.39
N PRO A 296 15.03 11.85 -10.06
CA PRO A 296 14.28 13.02 -9.62
C PRO A 296 13.66 12.74 -8.24
N ASP A 297 13.79 13.72 -7.36
CA ASP A 297 13.38 13.59 -5.94
C ASP A 297 11.96 12.97 -5.80
N SER A 298 11.83 11.99 -4.93
CA SER A 298 10.53 11.45 -4.44
C SER A 298 9.77 10.65 -5.52
N GLN A 299 10.38 10.38 -6.66
CA GLN A 299 9.67 9.67 -7.76
C GLN A 299 9.99 8.17 -7.67
N ASN A 300 8.95 7.34 -7.83
CA ASN A 300 9.05 5.87 -7.83
C ASN A 300 9.11 5.35 -9.25
N LEU A 301 9.92 4.33 -9.44
CA LEU A 301 9.89 3.51 -10.66
C LEU A 301 8.89 2.34 -10.46
N SER A 302 8.57 1.77 -11.59
CA SER A 302 7.66 0.63 -11.70
C SER A 302 8.41 -0.49 -12.41
N MET A 303 8.41 -1.68 -11.84
CA MET A 303 9.13 -2.80 -12.43
C MET A 303 8.46 -4.14 -12.08
N ASN A 304 8.70 -5.11 -12.93
CA ASN A 304 8.19 -6.48 -12.77
C ASN A 304 9.22 -7.29 -11.96
N PRO A 305 8.87 -7.74 -10.74
CA PRO A 305 9.82 -8.46 -9.89
C PRO A 305 10.24 -9.82 -10.44
N MET A 306 9.63 -10.28 -11.53
CA MET A 306 10.14 -11.48 -12.23
C MET A 306 11.55 -11.22 -12.79
N LEU A 307 11.92 -9.96 -13.03
CA LEU A 307 13.33 -9.65 -13.39
C LEU A 307 14.30 -10.12 -12.33
N LEU A 308 13.91 -10.03 -11.04
CA LEU A 308 14.80 -10.42 -9.94
C LEU A 308 14.65 -11.93 -9.64
N LEU A 309 13.42 -12.44 -9.65
CA LEU A 309 13.14 -13.86 -9.29
CA LEU A 309 13.18 -13.86 -9.26
C LEU A 309 14.02 -14.81 -10.12
N SER A 310 14.26 -14.49 -11.40
CA SER A 310 15.07 -15.35 -12.27
C SER A 310 16.49 -15.47 -11.74
N GLY A 311 16.97 -14.46 -10.99
CA GLY A 311 18.33 -14.55 -10.40
C GLY A 311 19.11 -13.25 -10.44
N ARG A 312 18.62 -12.22 -11.10
CA ARG A 312 19.38 -10.94 -11.18
C ARG A 312 19.59 -10.33 -9.81
N THR A 313 20.70 -9.60 -9.68
CA THR A 313 21.04 -8.78 -8.52
C THR A 313 20.95 -7.32 -8.92
N TRP A 314 20.30 -6.53 -8.09
CA TRP A 314 20.14 -5.09 -8.33
C TRP A 314 20.72 -4.41 -7.11
N LYS A 315 21.61 -3.44 -7.30
CA LYS A 315 22.15 -2.72 -6.16
C LYS A 315 22.46 -1.29 -6.58
N GLY A 316 22.67 -0.45 -5.59
CA GLY A 316 23.15 0.89 -5.85
C GLY A 316 24.22 1.24 -4.88
N ALA A 317 24.83 2.41 -5.05
CA ALA A 317 25.88 2.84 -4.11
C ALA A 317 26.12 4.34 -4.26
N ILE A 318 26.58 4.91 -3.16
CA ILE A 318 27.09 6.30 -3.11
C ILE A 318 28.61 6.20 -3.15
N PHE A 319 29.22 7.08 -3.92
CA PHE A 319 30.71 7.24 -3.86
C PHE A 319 31.39 5.89 -4.14
N GLY A 320 30.85 5.09 -5.07
CA GLY A 320 31.52 3.87 -5.53
C GLY A 320 31.71 2.83 -4.42
N GLY A 321 30.97 2.95 -3.32
CA GLY A 321 31.09 2.03 -2.17
C GLY A 321 32.34 2.25 -1.34
N PHE A 322 33.08 3.31 -1.59
CA PHE A 322 34.32 3.53 -0.85
C PHE A 322 34.04 4.13 0.55
N LYS A 323 34.64 3.55 1.59
CA LYS A 323 34.77 4.20 2.90
C LYS A 323 35.64 5.44 2.65
N SER A 324 35.06 6.61 2.79
CA SER A 324 35.60 7.81 2.14
C SER A 324 36.98 8.22 2.70
N LYS A 325 37.12 8.31 4.02
CA LYS A 325 38.37 8.85 4.63
C LYS A 325 39.49 7.81 4.58
N ASP A 326 39.16 6.51 4.59
CA ASP A 326 40.24 5.48 4.38
C ASP A 326 40.66 5.53 2.90
N SER A 327 39.71 5.72 1.97
CA SER A 327 39.94 5.42 0.54
C SER A 327 40.59 6.58 -0.20
N VAL A 328 40.15 7.80 0.08
CA VAL A 328 40.55 8.95 -0.76
C VAL A 328 42.08 9.11 -0.72
N PRO A 329 42.80 9.04 0.41
CA PRO A 329 44.26 9.20 0.35
C PRO A 329 44.98 8.08 -0.43
N LYS A 330 44.44 6.85 -0.36
CA LYS A 330 44.99 5.69 -1.12
C LYS A 330 44.75 5.94 -2.61
N LEU A 331 43.58 6.42 -3.00
CA LEU A 331 43.28 6.73 -4.40
C LEU A 331 44.22 7.82 -4.93
N VAL A 332 44.47 8.84 -4.14
CA VAL A 332 45.44 9.87 -4.56
C VAL A 332 46.83 9.19 -4.69
N ALA A 333 47.24 8.34 -3.74
CA ALA A 333 48.58 7.66 -3.81
C ALA A 333 48.62 6.82 -5.09
N ASP A 334 47.53 6.13 -5.43
CA ASP A 334 47.46 5.32 -6.68
C ASP A 334 47.54 6.23 -7.92
N PHE A 335 46.90 7.37 -7.90
CA PHE A 335 46.94 8.33 -9.01
C PHE A 335 48.40 8.78 -9.18
N MET A 336 49.07 9.14 -8.09
CA MET A 336 50.49 9.63 -8.15
CA MET A 336 50.45 9.67 -8.25
C MET A 336 51.40 8.57 -8.78
N ALA A 337 51.06 7.30 -8.58
CA ALA A 337 51.80 6.13 -9.11
C ALA A 337 51.30 5.74 -10.51
N LYS A 338 50.44 6.55 -11.11
CA LYS A 338 49.84 6.43 -12.46
C LYS A 338 49.08 5.09 -12.59
N LYS A 339 48.41 4.63 -11.52
CA LYS A 339 47.56 3.40 -11.58
C LYS A 339 46.24 3.65 -12.34
N PHE A 340 45.78 4.89 -12.41
CA PHE A 340 44.65 5.30 -13.28
C PHE A 340 44.95 6.70 -13.77
N ALA A 341 44.09 7.14 -14.67
CA ALA A 341 44.22 8.42 -15.37
C ALA A 341 43.04 9.30 -14.99
N LEU A 342 43.30 10.59 -14.80
CA LEU A 342 42.23 11.61 -14.58
C LEU A 342 42.10 12.55 -15.76
N ASP A 343 43.18 12.85 -16.47
CA ASP A 343 43.10 13.81 -17.60
C ASP A 343 42.00 13.47 -18.60
N PRO A 344 41.72 12.17 -18.95
CA PRO A 344 40.67 11.92 -19.92
C PRO A 344 39.28 12.49 -19.53
N LEU A 345 39.07 12.73 -18.24
CA LEU A 345 37.78 13.26 -17.72
C LEU A 345 37.76 14.77 -17.83
N ILE A 346 38.92 15.43 -17.94
CA ILE A 346 38.97 16.91 -17.83
C ILE A 346 38.95 17.48 -19.25
N THR A 347 37.87 18.15 -19.65
CA THR A 347 37.70 18.71 -21.01
C THR A 347 37.89 20.22 -21.00
N HIS A 348 37.69 20.84 -19.84
CA HIS A 348 37.66 22.31 -19.76
C HIS A 348 38.21 22.72 -18.39
N VAL A 349 38.97 23.81 -18.36
CA VAL A 349 39.44 24.46 -17.10
C VAL A 349 39.04 25.92 -17.20
N LEU A 350 38.40 26.44 -16.17
CA LEU A 350 37.93 27.85 -16.10
C LEU A 350 38.25 28.38 -14.71
N PRO A 351 38.45 29.69 -14.57
CA PRO A 351 38.42 30.27 -13.24
C PRO A 351 37.02 30.13 -12.61
N PHE A 352 37.00 30.09 -11.28
CA PHE A 352 35.81 30.02 -10.42
C PHE A 352 34.75 31.04 -10.85
N GLU A 353 35.13 32.28 -11.14
CA GLU A 353 34.18 33.37 -11.48
C GLU A 353 33.36 33.02 -12.70
N LYS A 354 33.83 32.07 -13.54
CA LYS A 354 33.09 31.64 -14.77
C LYS A 354 32.29 30.37 -14.48
N ILE A 355 31.92 30.12 -13.22
CA ILE A 355 31.09 28.93 -12.86
C ILE A 355 29.83 28.81 -13.74
N ASN A 356 29.11 29.88 -14.04
CA ASN A 356 27.87 29.77 -14.85
C ASN A 356 28.20 29.28 -16.27
N GLU A 357 29.30 29.75 -16.87
CA GLU A 357 29.76 29.17 -18.17
C GLU A 357 30.02 27.66 -18.02
N GLY A 358 30.62 27.24 -16.91
CA GLY A 358 30.88 25.84 -16.57
C GLY A 358 29.60 25.02 -16.57
N PHE A 359 28.52 25.55 -16.01
CA PHE A 359 27.22 24.82 -15.96
C PHE A 359 26.61 24.79 -17.36
N ASP A 360 26.71 25.89 -18.09
CA ASP A 360 26.31 25.89 -19.52
C ASP A 360 27.04 24.80 -20.33
N LEU A 361 28.37 24.63 -20.20
CA LEU A 361 29.18 23.60 -20.88
C LEU A 361 28.61 22.22 -20.56
N LEU A 362 28.21 22.00 -19.31
CA LEU A 362 27.67 20.66 -18.94
C LEU A 362 26.30 20.49 -19.58
N ARG A 363 25.41 21.50 -19.42
CA ARG A 363 23.99 21.39 -19.86
C ARG A 363 23.88 21.25 -21.38
N SER A 364 24.80 21.82 -22.13
CA SER A 364 24.83 21.74 -23.61
C SER A 364 25.32 20.35 -24.07
N GLY A 365 25.94 19.52 -23.22
CA GLY A 365 26.47 18.23 -23.69
C GLY A 365 27.90 18.34 -24.12
N GLU A 366 28.48 19.53 -24.05
CA GLU A 366 29.85 19.74 -24.59
C GLU A 366 30.95 19.23 -23.63
N SER A 367 30.83 19.38 -22.31
CA SER A 367 31.94 19.01 -21.38
C SER A 367 31.74 17.59 -20.82
N ILE A 368 32.82 17.04 -20.27
CA ILE A 368 32.79 15.93 -19.28
C ILE A 368 32.95 16.66 -17.95
N ARG A 369 34.19 16.88 -17.49
CA ARG A 369 34.42 17.71 -16.29
C ARG A 369 35.09 19.03 -16.67
N THR A 370 34.45 20.11 -16.25
CA THR A 370 35.09 21.43 -16.07
C THR A 370 35.67 21.51 -14.65
N ILE A 371 36.97 21.83 -14.54
CA ILE A 371 37.64 22.14 -13.27
C ILE A 371 37.67 23.66 -13.13
N LEU A 372 37.04 24.17 -12.06
CA LEU A 372 37.12 25.60 -11.67
C LEU A 372 38.34 25.84 -10.78
N THR A 373 39.16 26.83 -11.11
CA THR A 373 40.37 27.19 -10.33
C THR A 373 40.11 28.50 -9.58
N PHE A 374 40.54 28.54 -8.34
CA PHE A 374 40.30 29.70 -7.47
C PHE A 374 41.43 30.71 -7.57
N SER B 1 7.94 -54.39 -17.41
CA SER B 1 6.87 -55.04 -18.28
C SER B 1 6.02 -53.97 -18.96
N THR B 2 5.84 -52.80 -18.33
CA THR B 2 5.11 -51.68 -18.96
C THR B 2 6.03 -50.89 -19.85
N ALA B 3 7.32 -51.21 -19.87
CA ALA B 3 8.29 -50.49 -20.71
C ALA B 3 7.83 -50.54 -22.16
N GLY B 4 7.89 -49.40 -22.82
CA GLY B 4 7.58 -49.21 -24.25
C GLY B 4 6.09 -49.22 -24.51
N LYS B 5 5.27 -49.30 -23.45
CA LYS B 5 3.80 -49.30 -23.61
C LYS B 5 3.15 -48.06 -23.01
N VAL B 6 1.94 -47.75 -23.49
CA VAL B 6 1.05 -46.73 -22.87
C VAL B 6 0.63 -47.24 -21.48
N ILE B 7 0.65 -46.33 -20.49
CA ILE B 7 0.10 -46.63 -19.14
C ILE B 7 -1.23 -45.86 -19.05
N LYS B 8 -2.28 -46.58 -18.67
CA LYS B 8 -3.52 -45.93 -18.22
C LYS B 8 -3.40 -45.80 -16.71
N CYS B 9 -3.58 -44.61 -16.17
CA CYS B 9 -3.51 -44.37 -14.72
C CYS B 9 -4.38 -43.19 -14.37
N LYS B 10 -4.41 -42.86 -13.09
CA LYS B 10 -5.13 -41.71 -12.54
C LYS B 10 -4.17 -40.53 -12.48
N ALA B 11 -4.67 -39.37 -12.84
CA ALA B 11 -3.96 -38.10 -12.63
C ALA B 11 -4.97 -37.06 -12.13
N ALA B 12 -4.50 -36.00 -11.49
CA ALA B 12 -5.36 -34.86 -11.10
C ALA B 12 -5.23 -33.83 -12.21
N VAL B 13 -6.30 -33.60 -12.96
CA VAL B 13 -6.32 -32.63 -14.09
C VAL B 13 -6.99 -31.36 -13.59
N LEU B 14 -6.38 -30.23 -13.92
CA LEU B 14 -7.01 -28.93 -13.70
C LEU B 14 -7.50 -28.46 -15.05
N TRP B 15 -8.83 -28.48 -15.24
CA TRP B 15 -9.44 -28.15 -16.54
C TRP B 15 -9.58 -26.64 -16.72
N GLU B 16 -9.73 -25.93 -15.62
CA GLU B 16 -10.16 -24.51 -15.60
C GLU B 16 -9.61 -23.85 -14.35
N GLU B 17 -9.33 -22.57 -14.39
CA GLU B 17 -8.86 -21.90 -13.16
CA GLU B 17 -8.91 -21.79 -13.19
C GLU B 17 -10.02 -21.91 -12.14
N LYS B 18 -9.66 -21.88 -10.86
CA LYS B 18 -10.61 -21.64 -9.71
C LYS B 18 -11.59 -22.81 -9.58
N LYS B 19 -11.25 -23.98 -10.11
CA LYS B 19 -12.02 -25.24 -9.87
C LYS B 19 -11.18 -26.23 -9.07
N PRO B 20 -11.85 -27.20 -8.42
CA PRO B 20 -11.18 -28.35 -7.85
C PRO B 20 -10.43 -29.11 -8.94
N PHE B 21 -9.37 -29.75 -8.51
CA PHE B 21 -8.73 -30.77 -9.36
C PHE B 21 -9.75 -31.89 -9.61
N SER B 22 -9.65 -32.51 -10.78
CA SER B 22 -10.52 -33.60 -11.24
C SER B 22 -9.64 -34.85 -11.42
N ILE B 23 -9.91 -35.90 -10.64
CA ILE B 23 -9.19 -37.19 -10.75
C ILE B 23 -9.73 -37.85 -12.02
N GLU B 24 -8.88 -38.07 -13.00
CA GLU B 24 -9.26 -38.55 -14.35
C GLU B 24 -8.41 -39.78 -14.66
N GLU B 25 -8.97 -40.62 -15.50
CA GLU B 25 -8.18 -41.66 -16.19
CA GLU B 25 -8.19 -41.68 -16.18
C GLU B 25 -7.41 -40.98 -17.30
N VAL B 26 -6.09 -41.07 -17.27
CA VAL B 26 -5.28 -40.52 -18.39
C VAL B 26 -4.47 -41.68 -18.99
N GLU B 27 -4.02 -41.45 -20.21
CA GLU B 27 -2.99 -42.28 -20.85
C GLU B 27 -1.67 -41.52 -20.85
N VAL B 28 -0.65 -42.20 -20.39
CA VAL B 28 0.75 -41.69 -20.35
C VAL B 28 1.58 -42.46 -21.39
N ALA B 29 2.00 -41.75 -22.43
CA ALA B 29 2.85 -42.32 -23.50
C ALA B 29 4.15 -42.83 -22.91
N PRO B 30 4.79 -43.80 -23.58
CA PRO B 30 6.13 -44.23 -23.19
C PRO B 30 7.12 -43.09 -23.47
N PRO B 31 8.28 -43.10 -22.77
CA PRO B 31 9.29 -42.06 -22.94
C PRO B 31 9.94 -42.19 -24.32
N LYS B 32 10.13 -41.08 -24.99
CA LYS B 32 10.92 -40.98 -26.24
C LYS B 32 12.38 -40.75 -25.90
N ALA B 33 13.21 -40.49 -26.89
CA ALA B 33 14.66 -40.44 -26.66
C ALA B 33 14.92 -39.40 -25.57
N HIS B 34 15.78 -39.72 -24.61
CA HIS B 34 16.25 -38.77 -23.56
C HIS B 34 15.08 -38.37 -22.64
N GLU B 35 14.11 -39.26 -22.46
CA GLU B 35 12.96 -39.06 -21.54
C GLU B 35 12.91 -40.22 -20.56
N VAL B 36 12.31 -39.95 -19.40
CA VAL B 36 12.25 -40.89 -18.24
C VAL B 36 10.81 -40.94 -17.77
N ARG B 37 10.24 -42.14 -17.69
CA ARG B 37 8.90 -42.29 -17.12
C ARG B 37 9.05 -42.74 -15.67
N ILE B 38 8.35 -42.06 -14.77
CA ILE B 38 8.49 -42.20 -13.31
C ILE B 38 7.15 -42.65 -12.72
N LYS B 39 7.23 -43.62 -11.83
CA LYS B 39 6.08 -44.05 -10.99
C LYS B 39 6.17 -43.17 -9.73
N MET B 40 5.19 -42.33 -9.49
CA MET B 40 5.25 -41.42 -8.34
C MET B 40 5.11 -42.20 -7.02
N VAL B 41 5.78 -41.72 -5.99
CA VAL B 41 5.68 -42.30 -4.66
C VAL B 41 5.16 -41.24 -3.68
N ALA B 42 5.60 -39.97 -3.78
CA ALA B 42 5.09 -38.93 -2.88
C ALA B 42 5.18 -37.59 -3.62
N THR B 43 4.22 -36.73 -3.39
CA THR B 43 4.29 -35.36 -3.93
C THR B 43 3.74 -34.40 -2.88
N GLY B 44 4.43 -33.27 -2.72
CA GLY B 44 4.04 -32.21 -1.79
C GLY B 44 3.09 -31.24 -2.42
N ILE B 45 2.26 -30.59 -1.61
CA ILE B 45 1.36 -29.54 -2.16
C ILE B 45 2.05 -28.21 -1.89
N CYS B 46 2.54 -27.55 -2.94
CA CYS B 46 3.29 -26.30 -2.80
C CYS B 46 2.30 -25.17 -3.11
N ARG B 47 2.47 -24.00 -2.49
CA ARG B 47 1.62 -22.86 -2.83
C ARG B 47 1.71 -22.55 -4.33
N SER B 48 2.85 -22.80 -5.00
CA SER B 48 2.94 -22.55 -6.47
C SER B 48 1.91 -23.37 -7.25
N ASP B 49 1.66 -24.59 -6.85
CA ASP B 49 0.58 -25.40 -7.49
C ASP B 49 -0.79 -24.70 -7.34
N ASP B 50 -1.08 -24.14 -6.16
CA ASP B 50 -2.31 -23.39 -5.86
C ASP B 50 -2.30 -22.16 -6.79
N HIS B 51 -1.14 -21.55 -7.06
CA HIS B 51 -1.10 -20.35 -7.92
C HIS B 51 -1.65 -20.67 -9.30
N VAL B 52 -1.47 -21.88 -9.78
CA VAL B 52 -2.06 -22.25 -11.09
C VAL B 52 -3.60 -22.22 -10.99
N VAL B 53 -4.16 -22.75 -9.90
CA VAL B 53 -5.63 -22.80 -9.68
C VAL B 53 -6.15 -21.34 -9.59
N SER B 54 -5.44 -20.48 -8.87
CA SER B 54 -5.96 -19.12 -8.57
C SER B 54 -5.74 -18.18 -9.76
N GLY B 55 -4.88 -18.54 -10.72
CA GLY B 55 -4.49 -17.67 -11.87
C GLY B 55 -3.37 -16.69 -11.50
N THR B 56 -2.76 -16.81 -10.33
CA THR B 56 -1.53 -16.05 -9.97
C THR B 56 -0.43 -16.41 -10.96
N LEU B 57 -0.32 -17.71 -11.28
CA LEU B 57 0.71 -18.27 -12.16
C LEU B 57 0.00 -18.77 -13.42
N VAL B 58 0.31 -18.16 -14.55
CA VAL B 58 -0.29 -18.46 -15.86
C VAL B 58 0.55 -19.55 -16.55
N THR B 59 -0.12 -20.63 -16.92
CA THR B 59 0.48 -21.76 -17.66
C THR B 59 -0.68 -22.38 -18.45
N PRO B 60 -0.43 -22.92 -19.65
CA PRO B 60 -1.56 -23.42 -20.46
C PRO B 60 -2.38 -24.51 -19.75
N LEU B 61 -3.70 -24.39 -19.90
CA LEU B 61 -4.70 -25.33 -19.34
C LEU B 61 -5.33 -26.05 -20.52
N PRO B 62 -5.87 -27.27 -20.36
CA PRO B 62 -5.86 -27.99 -19.09
C PRO B 62 -4.46 -28.56 -18.76
N VAL B 63 -4.17 -28.84 -17.49
CA VAL B 63 -2.79 -29.17 -17.05
C VAL B 63 -2.81 -30.19 -15.91
N ILE B 64 -1.77 -31.02 -15.87
CA ILE B 64 -1.40 -31.81 -14.67
C ILE B 64 -0.31 -31.04 -13.95
N ALA B 65 -0.66 -30.47 -12.81
CA ALA B 65 0.27 -29.64 -12.02
C ALA B 65 1.02 -30.57 -11.07
N GLY B 66 1.70 -30.02 -10.09
CA GLY B 66 2.59 -30.83 -9.23
C GLY B 66 4.04 -30.73 -9.71
N HIS B 67 4.97 -30.36 -8.83
CA HIS B 67 6.39 -30.15 -9.20
C HIS B 67 7.32 -30.54 -8.04
N GLU B 68 6.80 -30.88 -6.87
CA GLU B 68 7.57 -31.19 -5.63
C GLU B 68 7.35 -32.67 -5.32
N ALA B 69 8.25 -33.54 -5.79
CA ALA B 69 7.91 -34.99 -5.77
C ALA B 69 9.13 -35.88 -5.75
N ALA B 70 8.87 -37.17 -5.49
CA ALA B 70 9.89 -38.21 -5.61
C ALA B 70 9.20 -39.48 -6.10
N GLY B 71 9.94 -40.28 -6.87
CA GLY B 71 9.38 -41.53 -7.39
C GLY B 71 10.46 -42.50 -7.78
N ILE B 72 10.06 -43.52 -8.49
CA ILE B 72 10.98 -44.58 -8.97
C ILE B 72 10.81 -44.67 -10.48
N VAL B 73 11.92 -44.74 -11.18
CA VAL B 73 11.94 -44.84 -12.67
C VAL B 73 11.28 -46.15 -13.07
N GLU B 74 10.25 -46.01 -13.86
CA GLU B 74 9.54 -47.18 -14.43
C GLU B 74 10.27 -47.58 -15.72
N SER B 75 10.70 -46.62 -16.54
CA SER B 75 11.46 -46.97 -17.77
C SER B 75 12.21 -45.75 -18.28
N ILE B 76 13.16 -45.97 -19.18
CA ILE B 76 13.98 -44.88 -19.80
C ILE B 76 13.86 -45.00 -21.32
N GLY B 77 13.82 -43.86 -21.97
CA GLY B 77 13.90 -43.74 -23.43
C GLY B 77 15.32 -43.96 -23.93
N GLU B 78 15.44 -43.99 -25.23
CA GLU B 78 16.72 -44.18 -25.94
C GLU B 78 17.70 -43.08 -25.53
N GLY B 79 18.89 -43.47 -25.13
CA GLY B 79 20.04 -42.55 -24.94
C GLY B 79 20.13 -41.97 -23.55
N VAL B 80 19.25 -42.34 -22.63
CA VAL B 80 19.31 -41.91 -21.21
C VAL B 80 20.52 -42.58 -20.56
N THR B 81 21.33 -41.79 -19.90
CA THR B 81 22.57 -42.28 -19.29
C THR B 81 22.58 -41.96 -17.81
N THR B 82 21.69 -41.12 -17.26
CA THR B 82 21.85 -40.63 -15.88
C THR B 82 20.94 -41.29 -14.83
N VAL B 83 19.96 -42.09 -15.27
CA VAL B 83 19.06 -42.90 -14.40
C VAL B 83 18.82 -44.25 -15.09
N ARG B 84 18.47 -45.23 -14.28
CA ARG B 84 17.98 -46.53 -14.81
C ARG B 84 16.66 -46.93 -14.17
N PRO B 85 15.95 -47.87 -14.80
CA PRO B 85 14.75 -48.44 -14.16
C PRO B 85 15.03 -48.88 -12.73
N GLY B 86 14.14 -48.55 -11.78
CA GLY B 86 14.30 -48.95 -10.37
C GLY B 86 14.96 -47.88 -9.51
N ASP B 87 15.58 -46.88 -10.14
CA ASP B 87 16.28 -45.80 -9.40
C ASP B 87 15.25 -44.92 -8.70
N LYS B 88 15.58 -44.51 -7.48
CA LYS B 88 14.84 -43.39 -6.83
C LYS B 88 15.23 -42.10 -7.52
N VAL B 89 14.24 -41.25 -7.83
CA VAL B 89 14.49 -39.92 -8.49
C VAL B 89 13.65 -38.82 -7.87
N ILE B 90 14.14 -37.60 -8.03
CA ILE B 90 13.38 -36.36 -7.81
C ILE B 90 13.32 -35.62 -9.13
N PRO B 91 12.09 -35.31 -9.62
CA PRO B 91 11.92 -34.47 -10.82
C PRO B 91 12.38 -33.03 -10.51
N LEU B 92 12.94 -32.40 -11.51
CA LEU B 92 13.56 -31.05 -11.35
C LEU B 92 12.80 -30.01 -12.16
N PHE B 93 12.07 -29.12 -11.48
CA PHE B 93 11.17 -28.16 -12.19
C PHE B 93 12.02 -27.07 -12.83
N THR B 94 13.24 -26.91 -12.32
CA THR B 94 14.32 -26.14 -12.97
C THR B 94 15.32 -27.17 -13.50
N PRO B 95 15.48 -27.28 -14.83
CA PRO B 95 16.35 -28.30 -15.41
C PRO B 95 17.82 -27.93 -15.19
N GLN B 96 18.70 -28.87 -15.51
CA GLN B 96 20.16 -28.57 -15.62
C GLN B 96 20.71 -29.27 -16.88
N CYS B 97 20.63 -28.61 -18.01
CA CYS B 97 21.07 -29.18 -19.32
C CYS B 97 22.60 -29.39 -19.35
N GLY B 98 23.35 -28.62 -18.56
CA GLY B 98 24.81 -28.68 -18.46
C GLY B 98 25.53 -28.08 -19.65
N LYS B 99 24.81 -27.52 -20.65
CA LYS B 99 25.40 -27.01 -21.92
C LYS B 99 25.14 -25.52 -22.16
N CYS B 100 24.16 -24.88 -21.52
CA CYS B 100 23.80 -23.45 -21.77
C CYS B 100 24.75 -22.53 -20.96
N ARG B 101 24.76 -21.25 -21.35
CA ARG B 101 25.61 -20.22 -20.69
C ARG B 101 25.38 -20.28 -19.18
N VAL B 102 24.12 -20.48 -18.76
CA VAL B 102 23.81 -20.46 -17.28
C VAL B 102 24.36 -21.71 -16.57
N CYS B 103 24.13 -22.88 -17.15
CA CYS B 103 24.61 -24.13 -16.55
C CYS B 103 26.14 -24.09 -16.43
N LYS B 104 26.82 -23.47 -17.38
CA LYS B 104 28.32 -23.33 -17.36
C LYS B 104 28.80 -22.24 -16.37
N HIS B 105 27.95 -21.31 -15.95
CA HIS B 105 28.33 -20.19 -15.06
C HIS B 105 28.42 -20.75 -13.65
N PRO B 106 29.39 -20.33 -12.83
CA PRO B 106 29.51 -20.85 -11.47
C PRO B 106 28.32 -20.58 -10.53
N GLU B 107 27.60 -19.48 -10.72
CA GLU B 107 26.54 -19.03 -9.77
CA GLU B 107 26.53 -19.00 -9.80
C GLU B 107 25.18 -19.49 -10.34
C GLU B 107 25.12 -19.00 -10.39
N GLY B 108 24.97 -19.32 -11.65
N GLY B 108 24.96 -19.39 -11.65
CA GLY B 108 23.63 -19.39 -12.29
C GLY B 108 22.97 -20.74 -12.14
N ASN B 109 21.67 -20.79 -11.90
CA ASN B 109 20.96 -22.10 -11.94
C ASN B 109 19.75 -22.06 -12.88
N PHE B 110 19.34 -20.91 -13.39
CA PHE B 110 18.07 -20.78 -14.17
C PHE B 110 18.37 -21.20 -15.62
N CYS B 111 18.54 -22.52 -15.77
CA CYS B 111 18.92 -23.13 -17.08
C CYS B 111 17.99 -22.60 -18.19
N LEU B 112 18.53 -22.33 -19.36
CA LEU B 112 17.77 -21.73 -20.49
C LEU B 112 16.75 -22.73 -21.06
N LYS B 113 16.77 -24.00 -20.62
CA LYS B 113 15.74 -25.01 -21.08
C LYS B 113 14.47 -25.00 -20.20
N ASN B 114 14.41 -24.11 -19.20
CA ASN B 114 13.28 -24.03 -18.25
C ASN B 114 11.97 -23.76 -19.00
N ASP B 115 10.85 -24.21 -18.41
CA ASP B 115 9.50 -23.90 -18.89
C ASP B 115 8.81 -22.87 -17.99
N LEU B 116 9.57 -21.99 -17.32
CA LEU B 116 9.04 -21.01 -16.35
C LEU B 116 8.84 -19.66 -17.04
N SER B 117 9.83 -19.17 -17.76
CA SER B 117 9.87 -17.79 -18.32
C SER B 117 8.69 -17.59 -19.27
N MET B 118 8.52 -18.49 -20.21
CA MET B 118 7.46 -18.36 -21.25
C MET B 118 6.76 -19.73 -21.32
N PRO B 119 5.92 -20.07 -20.32
CA PRO B 119 5.42 -21.45 -20.20
C PRO B 119 4.67 -21.95 -21.44
N ARG B 120 5.09 -23.13 -21.93
CA ARG B 120 4.50 -23.87 -23.07
C ARG B 120 3.68 -25.05 -22.52
N GLY B 121 4.06 -25.59 -21.35
CA GLY B 121 3.36 -26.75 -20.78
C GLY B 121 3.53 -27.99 -21.66
N THR B 122 4.75 -28.25 -22.14
CA THR B 122 5.08 -29.42 -22.99
C THR B 122 6.37 -30.07 -22.49
N MET B 123 6.71 -31.21 -23.13
CA MET B 123 8.08 -31.77 -23.07
C MET B 123 9.02 -30.83 -23.84
N GLN B 124 10.33 -31.08 -23.73
CA GLN B 124 11.32 -30.29 -24.51
C GLN B 124 10.95 -30.32 -26.01
N ASP B 125 10.41 -31.41 -26.53
CA ASP B 125 10.12 -31.50 -27.98
C ASP B 125 8.83 -30.75 -28.38
N GLY B 126 8.12 -30.10 -27.44
CA GLY B 126 6.94 -29.28 -27.76
C GLY B 126 5.66 -30.10 -27.84
N THR B 127 5.70 -31.38 -27.43
CA THR B 127 4.51 -32.23 -27.40
C THR B 127 4.23 -32.70 -25.96
N SER B 128 3.01 -33.23 -25.74
CA SER B 128 2.53 -33.78 -24.45
C SER B 128 2.56 -35.31 -24.43
N ARG B 129 2.90 -35.92 -23.28
CA ARG B 129 2.83 -37.39 -23.12
C ARG B 129 1.49 -37.82 -22.53
N PHE B 130 0.61 -36.86 -22.21
CA PHE B 130 -0.65 -37.11 -21.50
C PHE B 130 -1.87 -36.88 -22.39
N THR B 131 -2.79 -37.83 -22.37
CA THR B 131 -4.10 -37.65 -23.06
C THR B 131 -5.22 -37.94 -22.06
N CYS B 132 -6.32 -37.21 -22.17
CA CYS B 132 -7.53 -37.55 -21.39
C CYS B 132 -8.71 -37.57 -22.36
N ARG B 133 -9.35 -38.72 -22.52
CA ARG B 133 -10.39 -38.95 -23.57
C ARG B 133 -10.00 -38.25 -24.88
N GLY B 134 -8.85 -38.60 -25.44
CA GLY B 134 -8.33 -38.08 -26.72
C GLY B 134 -7.86 -36.62 -26.66
N LYS B 135 -7.98 -35.94 -25.52
CA LYS B 135 -7.56 -34.51 -25.45
C LYS B 135 -6.16 -34.48 -24.85
N PRO B 136 -5.22 -33.78 -25.51
CA PRO B 136 -3.90 -33.60 -24.92
C PRO B 136 -4.00 -32.77 -23.63
N ILE B 137 -3.24 -33.15 -22.60
CA ILE B 137 -3.23 -32.41 -21.31
C ILE B 137 -1.84 -31.81 -21.17
N HIS B 138 -1.75 -30.51 -20.89
CA HIS B 138 -0.44 -29.88 -20.72
C HIS B 138 0.35 -30.46 -19.55
N HIS B 139 1.68 -30.37 -19.72
CA HIS B 139 2.64 -30.57 -18.61
C HIS B 139 2.78 -29.27 -17.82
N PHE B 140 3.42 -29.36 -16.67
CA PHE B 140 3.72 -28.22 -15.77
C PHE B 140 5.19 -28.24 -15.39
N LEU B 141 5.91 -27.17 -15.77
CA LEU B 141 7.38 -26.99 -15.47
C LEU B 141 8.19 -28.24 -15.79
N GLY B 142 7.74 -29.03 -16.76
CA GLY B 142 8.43 -30.26 -17.19
C GLY B 142 8.44 -31.34 -16.11
N THR B 143 7.51 -31.28 -15.17
CA THR B 143 7.44 -32.25 -14.05
C THR B 143 6.07 -32.93 -14.09
N SER B 144 5.01 -32.26 -13.73
CA SER B 144 3.66 -32.87 -13.66
C SER B 144 3.61 -34.07 -12.74
N THR B 145 3.63 -33.83 -11.44
CA THR B 145 3.80 -34.91 -10.46
C THR B 145 2.47 -35.31 -9.84
N PHE B 146 1.38 -34.63 -10.17
CA PHE B 146 0.03 -34.98 -9.64
C PHE B 146 -0.55 -36.07 -10.52
N SER B 147 0.17 -37.16 -10.60
CA SER B 147 -0.18 -38.29 -11.49
C SER B 147 0.51 -39.54 -10.96
N GLN B 148 -0.11 -40.71 -11.16
CA GLN B 148 0.53 -41.98 -10.76
C GLN B 148 1.83 -42.19 -11.53
N TYR B 149 1.84 -41.75 -12.78
CA TYR B 149 3.02 -41.84 -13.66
C TYR B 149 3.22 -40.51 -14.38
N THR B 150 4.46 -40.09 -14.53
CA THR B 150 4.73 -38.92 -15.41
C THR B 150 5.91 -39.24 -16.34
N VAL B 151 6.09 -38.41 -17.36
CA VAL B 151 7.29 -38.47 -18.23
C VAL B 151 8.01 -37.12 -18.17
N VAL B 152 9.30 -37.15 -17.91
CA VAL B 152 10.15 -35.92 -17.85
C VAL B 152 11.32 -36.06 -18.80
N ASP B 153 11.82 -34.94 -19.27
CA ASP B 153 13.14 -34.85 -19.95
C ASP B 153 14.25 -35.24 -18.97
N GLU B 154 15.27 -35.92 -19.47
CA GLU B 154 16.43 -36.39 -18.66
C GLU B 154 17.08 -35.20 -17.91
N ILE B 155 17.10 -34.04 -18.52
CA ILE B 155 17.69 -32.84 -17.85
C ILE B 155 16.77 -32.36 -16.71
N SER B 156 15.57 -32.91 -16.58
CA SER B 156 14.63 -32.55 -15.50
C SER B 156 14.48 -33.71 -14.50
N VAL B 157 15.47 -34.60 -14.33
CA VAL B 157 15.41 -35.63 -13.26
C VAL B 157 16.81 -35.90 -12.71
N ALA B 158 16.90 -36.14 -11.40
CA ALA B 158 18.16 -36.52 -10.69
C ALA B 158 17.96 -37.84 -9.97
N LYS B 159 18.92 -38.72 -10.11
CA LYS B 159 19.03 -39.94 -9.29
C LYS B 159 19.44 -39.58 -7.88
N ILE B 160 18.76 -40.17 -6.92
CA ILE B 160 19.08 -39.96 -5.48
C ILE B 160 19.35 -41.32 -4.82
N ASP B 161 19.75 -41.23 -3.57
CA ASP B 161 20.15 -42.37 -2.71
C ASP B 161 19.05 -43.45 -2.69
N ALA B 162 19.44 -44.70 -2.97
CA ALA B 162 18.50 -45.85 -3.06
C ALA B 162 17.76 -46.06 -1.73
N ALA B 163 18.31 -45.61 -0.61
CA ALA B 163 17.78 -45.82 0.76
C ALA B 163 16.92 -44.63 1.23
N SER B 164 16.82 -43.57 0.45
CA SER B 164 16.11 -42.35 0.89
C SER B 164 14.62 -42.57 1.05
N PRO B 165 13.99 -41.98 2.11
CA PRO B 165 12.54 -42.05 2.31
C PRO B 165 11.80 -41.02 1.44
N LEU B 166 11.19 -41.48 0.36
CA LEU B 166 10.59 -40.63 -0.72
C LEU B 166 9.43 -39.79 -0.15
N GLU B 167 8.78 -40.27 0.90
CA GLU B 167 7.66 -39.54 1.57
C GLU B 167 8.21 -38.34 2.33
N LYS B 168 9.54 -38.20 2.53
CA LYS B 168 10.15 -37.00 3.13
C LYS B 168 10.96 -36.24 2.07
N VAL B 169 11.78 -36.92 1.30
CA VAL B 169 12.76 -36.19 0.46
C VAL B 169 12.09 -35.54 -0.75
N CYS B 170 10.81 -35.82 -1.03
CA CYS B 170 10.06 -35.11 -2.08
C CYS B 170 10.17 -33.60 -1.83
N LEU B 171 10.28 -33.18 -0.56
CA LEU B 171 10.37 -31.73 -0.21
C LEU B 171 11.65 -31.09 -0.74
N ILE B 172 12.67 -31.89 -1.03
CA ILE B 172 13.93 -31.40 -1.66
C ILE B 172 13.63 -31.03 -3.12
N GLY B 173 12.54 -31.50 -3.70
CA GLY B 173 12.21 -31.12 -5.09
C GLY B 173 11.72 -29.68 -5.17
N CYS B 174 11.33 -29.04 -4.07
CA CYS B 174 10.99 -27.58 -4.16
C CYS B 174 11.14 -26.88 -2.82
N GLY B 175 10.25 -27.08 -1.86
CA GLY B 175 10.08 -26.10 -0.79
C GLY B 175 11.30 -26.03 0.12
N PHE B 176 11.87 -27.17 0.53
CA PHE B 176 13.03 -27.16 1.45
C PHE B 176 14.21 -26.45 0.73
N SER B 177 14.55 -26.96 -0.43
CA SER B 177 15.76 -26.55 -1.14
C SER B 177 15.62 -25.07 -1.48
N THR B 178 14.45 -24.65 -1.92
CA THR B 178 14.25 -23.24 -2.28
C THR B 178 14.51 -22.36 -1.05
N GLY B 179 13.87 -22.65 0.10
CA GLY B 179 14.07 -21.77 1.27
C GLY B 179 15.49 -21.83 1.84
N TYR B 180 16.01 -23.03 1.98
CA TYR B 180 17.33 -23.27 2.58
C TYR B 180 18.38 -22.57 1.71
N GLY B 181 18.37 -22.84 0.40
CA GLY B 181 19.33 -22.22 -0.54
C GLY B 181 19.16 -20.71 -0.63
N SER B 182 17.95 -20.19 -0.52
CA SER B 182 17.77 -18.73 -0.56
C SER B 182 18.59 -18.08 0.56
N ALA B 183 18.61 -18.68 1.74
CA ALA B 183 19.40 -18.22 2.90
C ALA B 183 20.88 -18.50 2.68
N VAL B 184 21.26 -19.76 2.47
CA VAL B 184 22.68 -20.16 2.52
C VAL B 184 23.43 -19.84 1.22
N LYS B 185 22.79 -19.88 0.08
CA LYS B 185 23.50 -19.70 -1.21
C LYS B 185 23.24 -18.32 -1.80
N VAL B 186 22.00 -17.84 -1.82
CA VAL B 186 21.61 -16.59 -2.53
C VAL B 186 21.95 -15.38 -1.62
N ALA B 187 21.37 -15.33 -0.43
CA ALA B 187 21.66 -14.24 0.54
C ALA B 187 23.09 -14.37 1.09
N LYS B 188 23.60 -15.59 1.29
CA LYS B 188 24.88 -15.88 1.99
C LYS B 188 24.78 -15.27 3.39
N VAL B 189 23.74 -15.66 4.12
CA VAL B 189 23.55 -15.17 5.51
C VAL B 189 24.84 -15.40 6.31
N THR B 190 25.20 -14.42 7.14
CA THR B 190 26.48 -14.51 7.91
C THR B 190 26.23 -14.83 9.39
N GLN B 191 27.27 -15.35 10.02
CA GLN B 191 27.29 -15.66 11.46
C GLN B 191 26.99 -14.37 12.25
N GLY B 192 26.05 -14.41 13.20
CA GLY B 192 25.73 -13.28 14.09
C GLY B 192 24.82 -12.24 13.46
N SER B 193 24.32 -12.44 12.25
CA SER B 193 23.46 -11.48 11.53
C SER B 193 22.04 -11.48 12.11
N THR B 194 21.28 -10.44 11.77
CA THR B 194 19.82 -10.35 11.98
C THR B 194 19.10 -10.54 10.65
N CYS B 195 18.16 -11.47 10.64
CA CYS B 195 17.36 -11.84 9.45
C CYS B 195 15.88 -11.57 9.74
N ALA B 196 15.14 -11.19 8.73
CA ALA B 196 13.67 -11.10 8.79
C ALA B 196 13.13 -11.97 7.67
N VAL B 197 12.16 -12.82 8.01
CA VAL B 197 11.54 -13.78 7.05
C VAL B 197 10.04 -13.50 6.99
N PHE B 198 9.57 -13.04 5.83
CA PHE B 198 8.17 -12.67 5.57
C PHE B 198 7.49 -13.91 4.95
N GLY B 199 6.56 -14.52 5.70
CA GLY B 199 5.88 -15.75 5.24
C GLY B 199 6.47 -16.93 5.94
N LEU B 200 5.62 -17.65 6.68
CA LEU B 200 6.06 -18.76 7.54
C LEU B 200 5.35 -20.06 7.11
N GLY B 201 5.20 -20.22 5.80
CA GLY B 201 4.81 -21.49 5.20
C GLY B 201 6.02 -22.41 5.07
N GLY B 202 5.87 -23.47 4.27
CA GLY B 202 6.94 -24.44 4.12
C GLY B 202 8.21 -23.81 3.58
N VAL B 203 8.09 -22.86 2.66
CA VAL B 203 9.33 -22.30 2.09
C VAL B 203 9.94 -21.33 3.13
N GLY B 204 9.15 -20.48 3.79
CA GLY B 204 9.69 -19.59 4.83
C GLY B 204 10.28 -20.32 6.01
N LEU B 205 9.70 -21.47 6.40
CA LEU B 205 10.33 -22.26 7.48
C LEU B 205 11.70 -22.75 7.01
N SER B 206 11.82 -23.14 5.75
CA SER B 206 13.09 -23.60 5.17
C SER B 206 14.11 -22.46 5.10
N VAL B 207 13.69 -21.24 4.83
CA VAL B 207 14.54 -20.02 4.95
C VAL B 207 15.02 -19.90 6.40
N ILE B 208 14.14 -20.06 7.38
CA ILE B 208 14.58 -20.02 8.79
C ILE B 208 15.63 -21.11 9.08
N MET B 209 15.38 -22.35 8.65
CA MET B 209 16.36 -23.44 8.80
C MET B 209 17.71 -22.99 8.26
N GLY B 210 17.73 -22.36 7.07
CA GLY B 210 18.98 -21.93 6.44
C GLY B 210 19.67 -20.81 7.19
N CYS B 211 18.89 -19.85 7.66
CA CYS B 211 19.46 -18.75 8.47
C CYS B 211 20.07 -19.31 9.77
N LYS B 212 19.43 -20.25 10.43
CA LYS B 212 19.98 -20.84 11.69
C LYS B 212 21.25 -21.63 11.35
N ALA B 213 21.24 -22.39 10.25
CA ALA B 213 22.42 -23.16 9.81
C ALA B 213 23.59 -22.20 9.55
N ALA B 214 23.32 -21.01 9.03
CA ALA B 214 24.31 -19.99 8.68
C ALA B 214 24.77 -19.22 9.94
N GLY B 215 24.13 -19.45 11.09
CA GLY B 215 24.56 -18.92 12.41
C GLY B 215 23.99 -17.54 12.68
N ALA B 216 22.88 -17.16 12.02
CA ALA B 216 22.24 -15.87 12.31
C ALA B 216 21.98 -15.81 13.83
N ALA B 217 22.19 -14.67 14.46
CA ALA B 217 21.90 -14.47 15.87
C ALA B 217 20.40 -14.18 16.08
N ARG B 218 19.75 -13.50 15.14
CA ARG B 218 18.32 -13.12 15.26
C ARG B 218 17.62 -13.45 13.94
N ILE B 219 16.46 -14.08 14.06
CA ILE B 219 15.63 -14.53 12.93
C ILE B 219 14.20 -14.17 13.30
N ILE B 220 13.73 -13.11 12.69
CA ILE B 220 12.42 -12.51 12.94
C ILE B 220 11.44 -13.02 11.91
N GLY B 221 10.48 -13.83 12.35
CA GLY B 221 9.44 -14.32 11.45
C GLY B 221 8.32 -13.31 11.38
N VAL B 222 7.76 -13.11 10.19
CA VAL B 222 6.62 -12.17 9.98
C VAL B 222 5.51 -12.94 9.28
N ASP B 223 4.31 -12.96 9.87
CA ASP B 223 3.11 -13.59 9.26
C ASP B 223 1.86 -12.95 9.84
N ILE B 224 0.82 -12.82 9.03
CA ILE B 224 -0.49 -12.31 9.51
C ILE B 224 -1.27 -13.44 10.19
N ASN B 225 -0.83 -14.70 10.06
CA ASN B 225 -1.48 -15.85 10.71
C ASN B 225 -0.61 -16.24 11.90
N LYS B 226 -1.02 -15.80 13.10
CA LYS B 226 -0.22 -16.06 14.29
C LYS B 226 -0.14 -17.56 14.60
N ASP B 227 -1.03 -18.42 14.06
CA ASP B 227 -0.91 -19.90 14.26
C ASP B 227 0.39 -20.43 13.63
N LYS B 228 1.07 -19.69 12.76
CA LYS B 228 2.33 -20.16 12.12
C LYS B 228 3.53 -19.94 13.04
N PHE B 229 3.36 -19.17 14.12
CA PHE B 229 4.53 -18.69 14.92
C PHE B 229 5.18 -19.85 15.70
N ALA B 230 4.39 -20.82 16.23
CA ALA B 230 4.96 -21.85 17.12
C ALA B 230 6.02 -22.64 16.34
N LYS B 231 5.64 -23.06 15.16
CA LYS B 231 6.52 -23.91 14.32
C LYS B 231 7.71 -23.07 13.84
N ALA B 232 7.48 -21.82 13.47
CA ALA B 232 8.60 -20.94 13.11
C ALA B 232 9.65 -20.92 14.25
N LYS B 233 9.20 -20.80 15.51
CA LYS B 233 10.12 -20.74 16.69
C LYS B 233 10.81 -22.10 16.86
N GLU B 234 10.12 -23.21 16.59
CA GLU B 234 10.73 -24.57 16.69
C GLU B 234 11.94 -24.73 15.75
N VAL B 235 11.90 -24.17 14.55
CA VAL B 235 13.00 -24.37 13.55
C VAL B 235 14.00 -23.18 13.57
N GLY B 236 13.82 -22.16 14.44
CA GLY B 236 14.91 -21.23 14.75
C GLY B 236 14.51 -19.76 14.84
N ALA B 237 13.25 -19.39 14.56
CA ALA B 237 12.85 -17.98 14.75
C ALA B 237 13.05 -17.58 16.23
N THR B 238 13.75 -16.46 16.46
CA THR B 238 13.97 -15.91 17.80
C THR B 238 12.78 -15.07 18.24
N GLU B 239 12.01 -14.56 17.28
CA GLU B 239 10.88 -13.61 17.51
C GLU B 239 9.92 -13.79 16.35
N CYS B 240 8.64 -13.52 16.57
CA CYS B 240 7.68 -13.42 15.47
C CYS B 240 6.81 -12.19 15.65
N VAL B 241 6.46 -11.55 14.53
CA VAL B 241 5.55 -10.39 14.56
C VAL B 241 4.44 -10.55 13.54
N ASN B 242 3.27 -10.06 13.93
CA ASN B 242 2.05 -10.01 13.09
C ASN B 242 1.79 -8.56 12.74
N PRO B 243 1.98 -8.16 11.47
CA PRO B 243 1.75 -6.78 11.05
C PRO B 243 0.37 -6.28 11.50
N GLN B 244 -0.62 -7.17 11.62
CA GLN B 244 -2.01 -6.76 12.00
C GLN B 244 -2.07 -6.27 13.46
N ASP B 245 -1.08 -6.59 14.29
CA ASP B 245 -1.05 -6.17 15.72
C ASP B 245 -0.62 -4.70 15.86
N TYR B 246 -0.13 -4.06 14.80
CA TYR B 246 0.60 -2.78 14.89
C TYR B 246 -0.22 -1.73 14.17
N LYS B 247 -0.17 -0.50 14.67
CA LYS B 247 -0.87 0.65 14.08
C LYS B 247 0.03 1.31 13.02
N LYS B 248 1.31 0.96 12.97
CA LYS B 248 2.31 1.51 12.01
C LYS B 248 2.83 0.40 11.09
N PRO B 249 3.43 0.77 9.93
CA PRO B 249 3.96 -0.20 8.97
C PRO B 249 5.04 -1.12 9.55
N ILE B 250 5.02 -2.41 9.20
CA ILE B 250 5.96 -3.37 9.84
C ILE B 250 7.41 -3.06 9.45
N GLN B 251 7.70 -2.40 8.32
CA GLN B 251 9.11 -2.04 7.99
C GLN B 251 9.64 -1.11 9.09
N GLU B 252 8.84 -0.17 9.62
CA GLU B 252 9.26 0.74 10.73
C GLU B 252 9.53 -0.09 12.00
N VAL B 253 8.60 -1.02 12.32
CA VAL B 253 8.70 -1.92 13.49
C VAL B 253 10.01 -2.69 13.38
N LEU B 254 10.30 -3.27 12.23
CA LEU B 254 11.49 -4.12 12.06
C LEU B 254 12.74 -3.27 12.10
N THR B 255 12.68 -2.06 11.60
CA THR B 255 13.85 -1.16 11.60
C THR B 255 14.14 -0.82 13.09
N GLU B 256 13.12 -0.53 13.92
CA GLU B 256 13.34 -0.19 15.37
C GLU B 256 13.82 -1.46 16.11
N MET B 257 13.25 -2.63 15.80
CA MET B 257 13.63 -3.89 16.48
C MET B 257 15.08 -4.23 16.19
N SER B 258 15.57 -3.86 14.97
CA SER B 258 16.92 -4.20 14.48
C SER B 258 17.85 -3.00 14.64
N ASN B 259 17.42 -1.95 15.33
CA ASN B 259 18.31 -0.81 15.68
C ASN B 259 18.89 -0.25 14.36
N GLY B 260 18.02 -0.12 13.36
CA GLY B 260 18.30 0.62 12.12
C GLY B 260 18.32 -0.26 10.87
N GLY B 261 17.74 -1.48 10.90
CA GLY B 261 17.59 -2.33 9.71
C GLY B 261 18.21 -3.68 9.90
N VAL B 262 17.63 -4.70 9.25
CA VAL B 262 18.18 -6.07 9.34
C VAL B 262 19.34 -6.26 8.34
N ASP B 263 20.14 -7.28 8.55
CA ASP B 263 21.21 -7.66 7.60
C ASP B 263 20.60 -8.34 6.38
N PHE B 264 19.63 -9.20 6.57
CA PHE B 264 19.07 -10.01 5.47
C PHE B 264 17.56 -10.13 5.64
N SER B 265 16.81 -9.86 4.58
CA SER B 265 15.35 -10.03 4.56
C SER B 265 14.97 -10.91 3.39
N PHE B 266 13.88 -11.63 3.59
CA PHE B 266 13.38 -12.62 2.61
C PHE B 266 11.89 -12.42 2.45
N GLU B 267 11.42 -12.25 1.21
CA GLU B 267 9.98 -12.22 0.88
C GLU B 267 9.63 -13.64 0.45
N VAL B 268 8.83 -14.33 1.27
CA VAL B 268 8.45 -15.75 1.02
C VAL B 268 6.92 -15.85 1.04
N ILE B 269 6.20 -14.91 0.41
CA ILE B 269 4.72 -14.84 0.36
C ILE B 269 4.28 -14.80 -1.11
N GLY B 270 4.69 -13.79 -1.86
CA GLY B 270 4.24 -13.51 -3.23
C GLY B 270 3.33 -12.32 -3.27
N ARG B 271 3.66 -11.24 -2.56
CA ARG B 271 2.89 -9.98 -2.72
C ARG B 271 3.86 -8.87 -3.07
N LEU B 272 3.43 -8.00 -3.95
CA LEU B 272 4.26 -6.81 -4.31
C LEU B 272 4.51 -5.95 -3.08
N ASP B 273 3.52 -5.71 -2.23
CA ASP B 273 3.73 -4.80 -1.10
C ASP B 273 4.76 -5.39 -0.12
N THR B 274 4.70 -6.68 0.18
CA THR B 274 5.70 -7.30 1.10
C THR B 274 7.08 -7.35 0.44
N MET B 275 7.19 -7.39 -0.87
CA MET B 275 8.52 -7.35 -1.53
C MET B 275 9.12 -5.98 -1.26
N VAL B 276 8.34 -4.90 -1.35
CA VAL B 276 8.90 -3.55 -1.08
C VAL B 276 9.16 -3.38 0.42
N THR B 277 8.26 -3.83 1.28
CA THR B 277 8.47 -3.79 2.75
C THR B 277 9.76 -4.56 3.09
N ALA B 278 9.97 -5.74 2.53
CA ALA B 278 11.16 -6.56 2.88
C ALA B 278 12.43 -5.83 2.46
N LEU B 279 12.43 -5.20 1.31
CA LEU B 279 13.64 -4.45 0.90
C LEU B 279 13.86 -3.32 1.89
N SER B 280 12.78 -2.58 2.21
CA SER B 280 12.87 -1.36 3.06
C SER B 280 13.42 -1.70 4.44
N CYS B 281 13.06 -2.85 4.99
CA CYS B 281 13.42 -3.21 6.39
C CYS B 281 14.89 -3.66 6.51
N CYS B 282 15.58 -3.98 5.40
N CYS B 282 15.56 -3.88 5.38
CA CYS B 282 17.03 -4.26 5.45
CA CYS B 282 17.02 -4.08 5.33
C CYS B 282 17.83 -2.93 5.56
C CYS B 282 17.76 -2.80 5.69
N GLN B 283 18.99 -2.99 6.21
N GLN B 283 18.96 -2.96 6.21
CA GLN B 283 19.81 -1.80 6.56
C GLN B 283 20.17 -1.09 5.25
N GLU B 284 20.06 0.25 5.22
CA GLU B 284 20.11 0.99 3.93
C GLU B 284 21.48 0.96 3.26
N ALA B 285 22.57 0.71 4.00
CA ALA B 285 23.94 0.79 3.48
C ALA B 285 24.46 -0.57 3.01
N TYR B 286 24.05 -1.65 3.69
CA TYR B 286 24.68 -2.96 3.48
C TYR B 286 23.67 -4.12 3.55
N GLY B 287 22.41 -3.82 3.75
CA GLY B 287 21.35 -4.82 3.81
C GLY B 287 21.17 -5.56 2.48
N VAL B 288 20.72 -6.80 2.58
CA VAL B 288 20.41 -7.63 1.40
C VAL B 288 18.98 -8.15 1.58
N SER B 289 18.19 -8.06 0.50
CA SER B 289 16.79 -8.56 0.47
C SER B 289 16.65 -9.55 -0.69
N VAL B 290 16.13 -10.74 -0.41
CA VAL B 290 15.90 -11.80 -1.43
C VAL B 290 14.40 -12.00 -1.65
N ILE B 291 13.98 -11.92 -2.90
CA ILE B 291 12.60 -12.27 -3.28
C ILE B 291 12.57 -13.76 -3.59
N VAL B 292 11.67 -14.44 -2.92
CA VAL B 292 11.39 -15.89 -3.12
C VAL B 292 9.93 -16.04 -3.59
N GLY B 293 9.00 -15.26 -3.02
CA GLY B 293 7.57 -15.37 -3.36
C GLY B 293 7.28 -15.07 -4.83
N VAL B 294 6.32 -15.80 -5.41
CA VAL B 294 5.80 -15.55 -6.78
C VAL B 294 4.58 -14.65 -6.67
N PRO B 295 4.65 -13.45 -7.26
CA PRO B 295 3.53 -12.50 -7.23
C PRO B 295 2.61 -12.72 -8.41
N PRO B 296 1.43 -12.08 -8.38
CA PRO B 296 0.46 -12.19 -9.46
C PRO B 296 1.03 -11.80 -10.83
N ASP B 297 0.70 -12.64 -11.80
CA ASP B 297 1.09 -12.46 -13.20
C ASP B 297 0.95 -11.02 -13.70
N SER B 298 2.00 -10.52 -14.33
CA SER B 298 2.03 -9.27 -15.12
C SER B 298 1.75 -8.06 -14.23
N GLN B 299 1.96 -8.15 -12.94
CA GLN B 299 1.77 -6.98 -12.05
C GLN B 299 3.14 -6.41 -11.70
N ASN B 300 3.27 -5.10 -11.81
CA ASN B 300 4.52 -4.38 -11.47
C ASN B 300 4.42 -3.81 -10.06
N LEU B 301 5.55 -3.81 -9.37
CA LEU B 301 5.70 -3.06 -8.09
C LEU B 301 6.23 -1.66 -8.35
N SER B 302 5.96 -0.83 -7.38
CA SER B 302 6.39 0.58 -7.33
C SER B 302 7.36 0.72 -6.17
N MET B 303 8.50 1.36 -6.40
CA MET B 303 9.53 1.54 -5.37
C MET B 303 10.40 2.75 -5.70
N ASN B 304 10.97 3.29 -4.63
CA ASN B 304 11.89 4.45 -4.71
C ASN B 304 13.31 3.92 -4.85
N PRO B 305 14.01 4.20 -5.98
CA PRO B 305 15.35 3.66 -6.19
C PRO B 305 16.36 4.23 -5.18
N MET B 306 16.02 5.25 -4.39
CA MET B 306 16.90 5.71 -3.30
C MET B 306 17.12 4.56 -2.31
N LEU B 307 16.19 3.61 -2.24
CA LEU B 307 16.39 2.44 -1.35
C LEU B 307 17.65 1.68 -1.76
N LEU B 308 17.95 1.60 -3.05
CA LEU B 308 19.15 0.91 -3.57
C LEU B 308 20.34 1.83 -3.58
N LEU B 309 20.16 3.10 -3.97
CA LEU B 309 21.35 4.00 -4.11
C LEU B 309 22.16 4.07 -2.81
N SER B 310 21.51 4.03 -1.65
CA SER B 310 22.20 4.04 -0.33
C SER B 310 23.16 2.86 -0.14
N GLY B 311 22.91 1.76 -0.85
CA GLY B 311 23.78 0.58 -0.70
C GLY B 311 23.06 -0.77 -0.64
N ARG B 312 21.75 -0.81 -0.55
CA ARG B 312 21.05 -2.11 -0.44
C ARG B 312 21.31 -2.94 -1.69
N THR B 313 21.21 -4.24 -1.50
CA THR B 313 21.27 -5.23 -2.59
C THR B 313 19.92 -5.95 -2.62
N TRP B 314 19.36 -6.10 -3.78
CA TRP B 314 18.04 -6.76 -3.97
C TRP B 314 18.27 -7.85 -4.97
N LYS B 315 17.84 -9.05 -4.66
CA LYS B 315 17.96 -10.12 -5.62
C LYS B 315 16.79 -11.07 -5.48
N GLY B 316 16.63 -11.95 -6.46
CA GLY B 316 15.67 -13.03 -6.32
C GLY B 316 16.30 -14.31 -6.80
N ALA B 317 15.60 -15.44 -6.59
CA ALA B 317 16.12 -16.71 -7.12
C ALA B 317 14.96 -17.69 -7.27
N ILE B 318 15.17 -18.63 -8.16
CA ILE B 318 14.36 -19.87 -8.29
C ILE B 318 15.15 -21.03 -7.67
N PHE B 319 14.48 -21.84 -6.90
CA PHE B 319 15.00 -23.11 -6.37
C PHE B 319 16.24 -22.83 -5.52
N GLY B 320 16.23 -21.73 -4.77
CA GLY B 320 17.28 -21.47 -3.78
C GLY B 320 18.65 -21.23 -4.44
N GLY B 321 18.68 -20.98 -5.73
CA GLY B 321 19.92 -20.79 -6.52
C GLY B 321 20.71 -22.07 -6.76
N PHE B 322 20.16 -23.22 -6.38
CA PHE B 322 20.82 -24.52 -6.59
C PHE B 322 20.75 -24.92 -8.06
N LYS B 323 21.92 -25.19 -8.65
CA LYS B 323 22.04 -26.02 -9.88
C LYS B 323 21.40 -27.39 -9.61
N SER B 324 20.25 -27.64 -10.24
CA SER B 324 19.26 -28.62 -9.71
C SER B 324 19.84 -30.05 -9.74
N LYS B 325 20.35 -30.49 -10.90
CA LYS B 325 20.75 -31.91 -11.01
C LYS B 325 22.01 -32.22 -10.16
N ASP B 326 22.92 -31.23 -10.08
CA ASP B 326 24.09 -31.40 -9.23
C ASP B 326 23.66 -31.37 -7.77
N SER B 327 22.74 -30.51 -7.38
CA SER B 327 22.52 -30.25 -5.92
C SER B 327 21.54 -31.26 -5.28
N VAL B 328 20.47 -31.62 -5.98
CA VAL B 328 19.38 -32.44 -5.37
C VAL B 328 20.00 -33.71 -4.80
N PRO B 329 20.86 -34.48 -5.49
CA PRO B 329 21.44 -35.66 -4.82
C PRO B 329 22.28 -35.39 -3.56
N LYS B 330 23.05 -34.29 -3.58
CA LYS B 330 23.88 -33.91 -2.43
C LYS B 330 22.95 -33.51 -1.27
N LEU B 331 21.85 -32.78 -1.58
CA LEU B 331 20.87 -32.41 -0.50
C LEU B 331 20.26 -33.70 0.11
N VAL B 332 19.93 -34.69 -0.71
CA VAL B 332 19.39 -35.96 -0.18
C VAL B 332 20.46 -36.63 0.67
N ALA B 333 21.68 -36.72 0.19
CA ALA B 333 22.80 -37.30 0.96
C ALA B 333 22.92 -36.55 2.31
N ASP B 334 22.84 -35.22 2.31
CA ASP B 334 22.99 -34.44 3.58
C ASP B 334 21.81 -34.73 4.52
N PHE B 335 20.59 -34.87 3.99
CA PHE B 335 19.41 -35.28 4.79
C PHE B 335 19.70 -36.66 5.46
N MET B 336 20.22 -37.61 4.68
CA MET B 336 20.47 -39.01 5.14
C MET B 336 21.51 -38.96 6.27
N ALA B 337 22.41 -37.97 6.22
CA ALA B 337 23.48 -37.74 7.20
C ALA B 337 23.03 -36.81 8.34
N LYS B 338 21.73 -36.49 8.43
CA LYS B 338 21.05 -35.71 9.52
C LYS B 338 21.58 -34.27 9.57
N LYS B 339 21.94 -33.70 8.43
CA LYS B 339 22.46 -32.30 8.36
C LYS B 339 21.31 -31.30 8.55
N PHE B 340 20.09 -31.72 8.23
CA PHE B 340 18.86 -30.89 8.34
C PHE B 340 17.66 -31.83 8.49
N ALA B 341 16.54 -31.30 8.95
CA ALA B 341 15.29 -32.04 9.22
C ALA B 341 14.20 -31.58 8.23
N LEU B 342 13.31 -32.49 7.84
CA LEU B 342 12.18 -32.25 6.92
C LEU B 342 10.84 -32.48 7.66
N ASP B 343 10.80 -33.33 8.70
CA ASP B 343 9.56 -33.59 9.45
C ASP B 343 8.93 -32.31 9.96
N PRO B 344 9.66 -31.24 10.40
CA PRO B 344 8.96 -30.02 10.85
C PRO B 344 8.07 -29.37 9.77
N LEU B 345 8.34 -29.63 8.50
CA LEU B 345 7.56 -29.07 7.37
C LEU B 345 6.28 -29.86 7.10
N ILE B 346 6.21 -31.12 7.58
CA ILE B 346 5.14 -32.08 7.16
C ILE B 346 4.08 -32.08 8.24
N THR B 347 2.88 -31.55 7.95
CA THR B 347 1.79 -31.44 8.94
C THR B 347 0.68 -32.45 8.65
N HIS B 348 0.63 -32.91 7.41
CA HIS B 348 -0.48 -33.81 6.99
C HIS B 348 0.03 -34.75 5.93
N VAL B 349 -0.48 -35.98 5.95
CA VAL B 349 -0.14 -36.99 4.92
C VAL B 349 -1.47 -37.59 4.45
N LEU B 350 -1.73 -37.56 3.16
CA LEU B 350 -3.04 -38.01 2.61
C LEU B 350 -2.70 -38.90 1.42
N PRO B 351 -3.55 -39.87 1.08
CA PRO B 351 -3.42 -40.50 -0.21
C PRO B 351 -3.72 -39.51 -1.34
N PHE B 352 -3.12 -39.76 -2.50
CA PHE B 352 -3.19 -38.91 -3.70
C PHE B 352 -4.64 -38.55 -3.98
N GLU B 353 -5.54 -39.53 -3.96
CA GLU B 353 -6.91 -39.24 -4.43
C GLU B 353 -7.61 -38.18 -3.54
N LYS B 354 -7.07 -37.84 -2.35
CA LYS B 354 -7.59 -36.77 -1.44
C LYS B 354 -6.87 -35.43 -1.71
N ILE B 355 -6.31 -35.28 -2.88
CA ILE B 355 -5.64 -34.02 -3.32
C ILE B 355 -6.47 -32.80 -2.96
N ASN B 356 -7.77 -32.77 -3.28
CA ASN B 356 -8.55 -31.53 -3.02
C ASN B 356 -8.61 -31.21 -1.52
N GLU B 357 -8.65 -32.21 -0.66
CA GLU B 357 -8.62 -31.99 0.81
C GLU B 357 -7.26 -31.36 1.17
N GLY B 358 -6.20 -31.85 0.57
CA GLY B 358 -4.86 -31.25 0.73
C GLY B 358 -4.82 -29.78 0.39
N PHE B 359 -5.39 -29.39 -0.74
CA PHE B 359 -5.43 -27.96 -1.13
C PHE B 359 -6.37 -27.18 -0.19
N ASP B 360 -7.46 -27.79 0.30
CA ASP B 360 -8.38 -27.09 1.24
C ASP B 360 -7.57 -26.79 2.51
N LEU B 361 -6.71 -27.73 2.94
CA LEU B 361 -5.92 -27.54 4.18
C LEU B 361 -4.95 -26.37 3.99
N LEU B 362 -4.32 -26.29 2.83
CA LEU B 362 -3.38 -25.19 2.55
C LEU B 362 -4.14 -23.86 2.58
N ARG B 363 -5.26 -23.79 1.87
CA ARG B 363 -6.03 -22.54 1.70
C ARG B 363 -6.61 -22.07 3.02
N SER B 364 -6.95 -22.98 3.91
CA SER B 364 -7.54 -22.63 5.22
C SER B 364 -6.49 -22.07 6.19
N GLY B 365 -5.19 -22.26 5.93
CA GLY B 365 -4.07 -21.83 6.79
C GLY B 365 -3.60 -22.91 7.76
C GLY B 365 -3.59 -22.91 7.75
N GLU B 366 -4.26 -24.08 7.78
N GLU B 366 -4.15 -24.13 7.72
CA GLU B 366 -3.98 -25.13 8.81
CA GLU B 366 -3.98 -25.08 8.86
C GLU B 366 -2.61 -25.74 8.53
C GLU B 366 -2.89 -26.10 8.53
N SER B 367 -2.34 -26.10 7.27
N SER B 367 -2.32 -26.08 7.32
CA SER B 367 -1.18 -26.94 6.92
C SER B 367 0.06 -26.11 6.59
N ILE B 368 1.19 -26.78 6.69
CA ILE B 368 2.43 -26.34 6.02
C ILE B 368 2.55 -27.20 4.76
N ARG B 369 3.17 -28.38 4.82
CA ARG B 369 3.15 -29.31 3.68
C ARG B 369 2.24 -30.50 3.99
N THR B 370 1.35 -30.78 3.05
CA THR B 370 0.64 -32.07 2.96
C THR B 370 1.42 -32.86 1.93
N ILE B 371 1.84 -34.07 2.28
CA ILE B 371 2.46 -35.04 1.35
C ILE B 371 1.33 -35.98 0.88
N LEU B 372 1.18 -36.09 -0.45
CA LEU B 372 0.25 -37.06 -1.10
C LEU B 372 1.03 -38.32 -1.44
N THR B 373 0.52 -39.46 -0.99
CA THR B 373 1.23 -40.72 -1.16
C THR B 373 0.43 -41.58 -2.12
N PHE B 374 1.16 -42.43 -2.80
CA PHE B 374 0.61 -43.36 -3.81
C PHE B 374 0.65 -44.80 -3.29
N SER C 1 7.90 47.15 21.94
CA SER C 1 7.38 48.49 21.67
C SER C 1 5.85 48.46 21.78
N THR C 2 5.13 47.44 21.29
CA THR C 2 3.65 47.43 21.38
C THR C 2 3.22 46.47 22.50
N ALA C 3 4.16 45.71 23.05
CA ALA C 3 3.83 44.67 24.04
C ALA C 3 3.10 45.33 25.21
N GLY C 4 2.12 44.63 25.79
CA GLY C 4 1.34 45.12 26.93
C GLY C 4 0.36 46.25 26.58
N LYS C 5 0.26 46.68 25.33
CA LYS C 5 -0.61 47.83 25.02
C LYS C 5 -1.60 47.50 23.92
N VAL C 6 -2.73 48.19 23.95
CA VAL C 6 -3.72 48.17 22.85
C VAL C 6 -3.03 48.56 21.55
N ILE C 7 -3.28 47.82 20.48
CA ILE C 7 -2.86 48.21 19.11
C ILE C 7 -4.04 48.75 18.31
N LYS C 8 -3.89 49.92 17.72
CA LYS C 8 -4.85 50.44 16.75
C LYS C 8 -4.32 49.99 15.40
N CYS C 9 -5.12 49.29 14.62
CA CYS C 9 -4.66 48.82 13.30
C CYS C 9 -5.86 48.68 12.38
N LYS C 10 -5.59 48.34 11.12
CA LYS C 10 -6.67 48.15 10.13
C LYS C 10 -7.14 46.69 10.17
N ALA C 11 -8.45 46.50 10.01
CA ALA C 11 -9.07 45.15 9.88
C ALA C 11 -10.23 45.26 8.90
N ALA C 12 -10.60 44.13 8.36
CA ALA C 12 -11.77 44.04 7.47
C ALA C 12 -12.91 43.55 8.34
N VAL C 13 -13.82 44.47 8.66
CA VAL C 13 -14.99 44.18 9.52
C VAL C 13 -16.19 43.84 8.63
N LEU C 14 -16.89 42.76 9.01
CA LEU C 14 -18.16 42.40 8.37
C LEU C 14 -19.29 42.78 9.32
N TRP C 15 -20.01 43.85 8.99
CA TRP C 15 -21.05 44.39 9.88
C TRP C 15 -22.38 43.67 9.68
N GLU C 16 -22.68 43.21 8.47
CA GLU C 16 -23.98 42.63 8.09
C GLU C 16 -23.71 41.55 7.03
N GLU C 17 -24.59 40.57 6.94
CA GLU C 17 -24.53 39.58 5.85
C GLU C 17 -24.69 40.26 4.49
N LYS C 18 -24.08 39.68 3.46
CA LYS C 18 -24.33 40.01 2.03
C LYS C 18 -23.88 41.45 1.78
N LYS C 19 -22.95 41.97 2.54
CA LYS C 19 -22.39 43.33 2.33
C LYS C 19 -20.88 43.20 2.15
N PRO C 20 -20.26 44.20 1.50
CA PRO C 20 -18.81 44.24 1.42
C PRO C 20 -18.19 44.35 2.82
N PHE C 21 -16.96 43.85 2.93
CA PHE C 21 -16.13 44.08 4.14
C PHE C 21 -15.84 45.59 4.22
N SER C 22 -15.68 46.09 5.42
CA SER C 22 -15.35 47.49 5.66
C SER C 22 -13.94 47.52 6.23
N ILE C 23 -12.98 48.04 5.46
CA ILE C 23 -11.60 48.20 5.96
C ILE C 23 -11.56 49.43 6.85
N GLU C 24 -11.32 49.27 8.14
CA GLU C 24 -11.35 50.46 9.03
C GLU C 24 -10.58 50.16 10.32
N GLU C 25 -10.43 51.18 11.13
CA GLU C 25 -9.58 51.09 12.32
C GLU C 25 -10.31 50.27 13.39
N VAL C 26 -9.59 49.30 13.96
CA VAL C 26 -10.04 48.53 15.13
C VAL C 26 -8.99 48.65 16.21
N GLU C 27 -9.40 48.33 17.43
CA GLU C 27 -8.51 48.26 18.61
C GLU C 27 -8.36 46.80 18.95
N VAL C 28 -7.10 46.37 19.04
CA VAL C 28 -6.76 44.96 19.37
C VAL C 28 -6.14 44.98 20.76
N ALA C 29 -6.82 44.34 21.71
CA ALA C 29 -6.33 44.25 23.11
C ALA C 29 -5.05 43.43 23.18
N PRO C 30 -4.20 43.64 24.20
CA PRO C 30 -3.04 42.77 24.41
C PRO C 30 -3.50 41.38 24.88
N PRO C 31 -2.67 40.37 24.60
CA PRO C 31 -3.06 39.00 24.97
C PRO C 31 -3.10 38.82 26.49
N LYS C 32 -4.11 38.06 26.94
CA LYS C 32 -4.19 37.58 28.33
C LYS C 32 -3.49 36.24 28.48
N ALA C 33 -3.57 35.64 29.64
CA ALA C 33 -2.85 34.38 29.92
C ALA C 33 -3.19 33.39 28.80
N HIS C 34 -2.18 32.69 28.34
CA HIS C 34 -2.31 31.62 27.31
C HIS C 34 -2.89 32.16 25.99
N GLU C 35 -2.65 33.41 25.66
CA GLU C 35 -3.03 34.00 24.36
C GLU C 35 -1.80 34.55 23.67
N VAL C 36 -1.94 34.74 22.36
CA VAL C 36 -0.82 35.08 21.46
C VAL C 36 -1.31 36.14 20.50
N ARG C 37 -0.61 37.28 20.46
CA ARG C 37 -0.94 38.34 19.51
C ARG C 37 0.02 38.20 18.33
N ILE C 38 -0.59 38.18 17.14
CA ILE C 38 0.09 37.88 15.88
C ILE C 38 -0.03 39.07 14.97
N LYS C 39 1.11 39.48 14.39
CA LYS C 39 1.16 40.43 13.25
C LYS C 39 0.95 39.60 11.98
N MET C 40 -0.17 39.78 11.30
CA MET C 40 -0.41 39.00 10.08
C MET C 40 0.53 39.42 8.93
N VAL C 41 0.91 38.42 8.13
CA VAL C 41 1.80 38.66 6.96
C VAL C 41 1.05 38.33 5.69
N ALA C 42 0.26 37.23 5.70
CA ALA C 42 -0.47 36.82 4.52
C ALA C 42 -1.73 36.10 4.99
N THR C 43 -2.79 36.25 4.22
CA THR C 43 -4.04 35.50 4.42
C THR C 43 -4.64 35.15 3.06
N GLY C 44 -5.15 33.90 2.96
CA GLY C 44 -5.86 33.45 1.76
C GLY C 44 -7.34 33.71 1.91
N ILE C 45 -7.99 33.88 0.77
CA ILE C 45 -9.47 33.97 0.67
C ILE C 45 -10.02 32.56 0.36
N CYS C 46 -10.57 31.92 1.39
CA CYS C 46 -11.18 30.57 1.29
C CYS C 46 -12.68 30.79 0.98
N ARG C 47 -13.32 29.84 0.32
CA ARG C 47 -14.77 29.91 0.06
C ARG C 47 -15.50 29.97 1.42
N SER C 48 -14.99 29.33 2.48
CA SER C 48 -15.66 29.36 3.80
C SER C 48 -15.79 30.81 4.29
N ASP C 49 -14.80 31.71 4.03
CA ASP C 49 -14.96 33.13 4.44
C ASP C 49 -16.12 33.75 3.66
N ASP C 50 -16.29 33.41 2.40
CA ASP C 50 -17.43 33.90 1.58
C ASP C 50 -18.74 33.33 2.13
N HIS C 51 -18.74 32.10 2.59
CA HIS C 51 -19.95 31.52 3.25
C HIS C 51 -20.40 32.33 4.48
N VAL C 52 -19.49 32.99 5.21
CA VAL C 52 -19.85 33.88 6.32
C VAL C 52 -20.60 35.09 5.77
N VAL C 53 -20.13 35.61 4.66
CA VAL C 53 -20.79 36.76 4.01
C VAL C 53 -22.20 36.33 3.57
N SER C 54 -22.32 35.18 2.92
CA SER C 54 -23.57 34.78 2.22
C SER C 54 -24.59 34.25 3.22
N GLY C 55 -24.17 33.93 4.45
CA GLY C 55 -25.04 33.31 5.47
C GLY C 55 -25.06 31.79 5.34
N THR C 56 -24.34 31.22 4.39
CA THR C 56 -24.22 29.73 4.26
C THR C 56 -23.60 29.19 5.55
N LEU C 57 -22.56 29.85 6.04
CA LEU C 57 -21.89 29.50 7.32
C LEU C 57 -22.26 30.55 8.34
N VAL C 58 -22.95 30.11 9.37
CA VAL C 58 -23.44 31.00 10.47
C VAL C 58 -22.41 31.18 11.57
N THR C 59 -22.13 32.44 11.90
CA THR C 59 -21.27 32.82 13.02
C THR C 59 -21.74 34.21 13.45
N PRO C 60 -21.66 34.55 14.74
CA PRO C 60 -22.16 35.86 15.18
C PRO C 60 -21.51 37.04 14.44
N LEU C 61 -22.35 38.02 14.10
CA LEU C 61 -21.88 39.29 13.46
C LEU C 61 -22.12 40.40 14.48
N PRO C 62 -21.36 41.51 14.45
CA PRO C 62 -20.34 41.74 13.44
C PRO C 62 -19.10 40.89 13.75
N VAL C 63 -18.27 40.67 12.73
CA VAL C 63 -17.14 39.72 12.86
C VAL C 63 -15.91 40.18 12.07
N ILE C 64 -14.72 39.78 12.54
CA ILE C 64 -13.49 39.76 11.73
C ILE C 64 -13.29 38.30 11.28
N ALA C 65 -13.60 38.05 10.02
CA ALA C 65 -13.43 36.70 9.41
C ALA C 65 -11.97 36.49 9.02
N GLY C 66 -11.70 35.45 8.19
CA GLY C 66 -10.33 35.07 7.85
C GLY C 66 -9.87 33.96 8.78
N HIS C 67 -9.40 32.85 8.18
CA HIS C 67 -8.95 31.68 8.98
C HIS C 67 -7.71 30.98 8.37
N GLU C 68 -7.29 31.36 7.16
CA GLU C 68 -6.21 30.75 6.34
C GLU C 68 -5.08 31.76 6.24
N ALA C 69 -4.08 31.67 7.09
CA ALA C 69 -3.14 32.80 7.24
C ALA C 69 -1.82 32.36 7.86
N ALA C 70 -0.86 33.29 7.79
CA ALA C 70 0.40 33.12 8.48
C ALA C 70 0.85 34.49 8.97
N GLY C 71 1.61 34.50 10.04
CA GLY C 71 2.19 35.75 10.57
C GLY C 71 3.32 35.51 11.52
N ILE C 72 3.65 36.56 12.25
CA ILE C 72 4.82 36.58 13.15
C ILE C 72 4.28 37.02 14.51
N VAL C 73 4.63 36.30 15.55
CA VAL C 73 4.18 36.61 16.92
C VAL C 73 4.73 38.00 17.28
N GLU C 74 3.84 38.86 17.75
CA GLU C 74 4.21 40.21 18.26
C GLU C 74 4.41 40.15 19.78
N SER C 75 3.57 39.41 20.49
CA SER C 75 3.69 39.24 21.94
C SER C 75 2.89 38.03 22.41
N ILE C 76 3.25 37.55 23.59
CA ILE C 76 2.62 36.37 24.25
C ILE C 76 2.13 36.82 25.61
N GLY C 77 1.03 36.20 26.03
CA GLY C 77 0.48 36.36 27.39
C GLY C 77 1.23 35.47 28.34
N GLU C 78 0.92 35.61 29.61
CA GLU C 78 1.51 34.85 30.75
C GLU C 78 1.31 33.36 30.44
N GLY C 79 2.34 32.52 30.60
CA GLY C 79 2.15 31.05 30.61
C GLY C 79 2.31 30.41 29.24
N VAL C 80 2.43 31.17 28.16
CA VAL C 80 2.64 30.61 26.80
C VAL C 80 4.03 29.97 26.72
N THR C 81 4.06 28.72 26.24
CA THR C 81 5.29 27.91 26.10
C THR C 81 5.59 27.54 24.64
N THR C 82 4.63 27.58 23.72
CA THR C 82 4.81 26.86 22.43
C THR C 82 5.25 27.81 21.32
N VAL C 83 5.26 29.12 21.57
CA VAL C 83 5.69 30.16 20.61
C VAL C 83 6.31 31.28 21.42
N ARG C 84 7.09 32.08 20.72
CA ARG C 84 7.76 33.28 21.28
C ARG C 84 7.58 34.42 20.31
N PRO C 85 7.76 35.68 20.77
CA PRO C 85 7.89 36.82 19.87
C PRO C 85 8.91 36.57 18.79
N GLY C 86 8.55 36.91 17.55
CA GLY C 86 9.38 36.81 16.35
C GLY C 86 9.23 35.46 15.68
N ASP C 87 8.55 34.52 16.29
CA ASP C 87 8.28 33.21 15.62
C ASP C 87 7.23 33.39 14.49
N LYS C 88 7.43 32.64 13.43
CA LYS C 88 6.48 32.43 12.33
C LYS C 88 5.45 31.42 12.84
N VAL C 89 4.18 31.75 12.60
CA VAL C 89 3.05 30.95 13.12
C VAL C 89 1.91 30.92 12.11
N ILE C 90 1.18 29.83 12.19
CA ILE C 90 -0.08 29.67 11.45
C ILE C 90 -1.17 29.52 12.48
N PRO C 91 -2.20 30.40 12.47
CA PRO C 91 -3.35 30.16 13.30
C PRO C 91 -4.15 28.90 12.89
N LEU C 92 -4.70 28.27 13.89
CA LEU C 92 -5.39 26.94 13.72
C LEU C 92 -6.90 27.13 13.95
N PHE C 93 -7.70 27.06 12.90
CA PHE C 93 -9.17 27.26 13.02
C PHE C 93 -9.83 26.06 13.70
N THR C 94 -9.17 24.90 13.62
CA THR C 94 -9.49 23.75 14.49
C THR C 94 -8.42 23.68 15.56
N PRO C 95 -8.75 23.92 16.86
CA PRO C 95 -7.73 23.92 17.90
C PRO C 95 -7.19 22.49 18.14
N GLN C 96 -6.09 22.41 18.86
CA GLN C 96 -5.57 21.14 19.42
C GLN C 96 -5.26 21.35 20.88
N CYS C 97 -6.26 21.19 21.77
CA CYS C 97 -6.10 21.37 23.24
C CYS C 97 -5.15 20.33 23.85
N GLY C 98 -5.03 19.15 23.20
CA GLY C 98 -4.15 18.05 23.62
C GLY C 98 -4.71 17.28 24.79
N LYS C 99 -5.89 17.66 25.32
CA LYS C 99 -6.43 17.17 26.61
C LYS C 99 -7.76 16.44 26.47
N CYS C 100 -8.62 16.77 25.49
CA CYS C 100 -10.02 16.29 25.42
C CYS C 100 -9.95 14.86 24.85
N ARG C 101 -11.07 14.20 24.83
CA ARG C 101 -11.14 12.78 24.40
C ARG C 101 -10.83 12.66 22.91
N VAL C 102 -11.15 13.71 22.14
CA VAL C 102 -10.83 13.73 20.69
C VAL C 102 -9.31 13.90 20.47
N CYS C 103 -8.69 14.88 21.12
CA CYS C 103 -7.23 15.13 21.00
C CYS C 103 -6.45 13.86 21.38
N LYS C 104 -6.95 13.09 22.36
CA LYS C 104 -6.29 11.85 22.83
C LYS C 104 -6.54 10.65 21.90
N HIS C 105 -7.56 10.69 21.05
CA HIS C 105 -7.93 9.58 20.16
C HIS C 105 -7.02 9.63 18.94
N PRO C 106 -6.43 8.49 18.49
CA PRO C 106 -5.48 8.55 17.38
C PRO C 106 -6.09 9.08 16.07
N GLU C 107 -7.40 8.88 15.85
CA GLU C 107 -8.06 9.22 14.57
C GLU C 107 -8.86 10.52 14.67
N GLY C 108 -9.02 11.10 15.84
CA GLY C 108 -9.80 12.34 15.98
C GLY C 108 -9.00 13.60 15.74
N ASN C 109 -9.65 14.65 15.21
CA ASN C 109 -9.01 15.96 15.16
C ASN C 109 -9.96 17.09 15.52
N PHE C 110 -11.26 16.82 15.71
CA PHE C 110 -12.30 17.86 15.94
C PHE C 110 -12.36 18.12 17.44
N CYS C 111 -11.31 18.80 17.89
CA CYS C 111 -11.06 19.14 19.30
C CYS C 111 -12.34 19.75 19.90
N LEU C 112 -12.69 19.35 21.11
CA LEU C 112 -13.94 19.80 21.77
C LEU C 112 -13.90 21.29 22.11
N LYS C 113 -12.74 21.94 22.00
CA LYS C 113 -12.63 23.40 22.27
C LYS C 113 -12.93 24.22 21.01
N ASN C 114 -13.33 23.55 19.88
CA ASN C 114 -13.66 24.22 18.59
C ASN C 114 -14.80 25.23 18.76
N ASP C 115 -14.81 26.24 17.89
CA ASP C 115 -15.91 27.24 17.82
C ASP C 115 -16.74 27.01 16.57
N LEU C 116 -16.76 25.79 16.06
CA LEU C 116 -17.42 25.50 14.76
C LEU C 116 -18.82 24.94 15.01
N SER C 117 -19.01 24.06 15.98
CA SER C 117 -20.30 23.33 16.18
CA SER C 117 -20.31 23.33 16.14
C SER C 117 -21.39 24.27 16.67
N MET C 118 -21.04 25.12 17.62
CA MET C 118 -21.98 26.06 18.31
C MET C 118 -21.30 27.43 18.35
N PRO C 119 -21.14 28.12 17.21
CA PRO C 119 -20.28 29.30 17.13
C PRO C 119 -20.72 30.43 18.08
N ARG C 120 -19.77 30.85 18.92
CA ARG C 120 -19.89 31.94 19.90
C ARG C 120 -19.12 33.17 19.39
N GLY C 121 -18.10 32.97 18.54
CA GLY C 121 -17.28 34.10 18.01
C GLY C 121 -16.51 34.86 19.08
N THR C 122 -15.94 34.15 20.05
CA THR C 122 -15.15 34.69 21.17
C THR C 122 -13.80 33.98 21.25
N MET C 123 -12.93 34.49 22.10
CA MET C 123 -11.74 33.76 22.63
C MET C 123 -12.26 32.62 23.53
N GLN C 124 -11.38 31.73 23.96
CA GLN C 124 -11.80 30.59 24.81
C GLN C 124 -12.48 31.14 26.08
N ASP C 125 -12.09 32.32 26.57
CA ASP C 125 -12.67 32.84 27.83
C ASP C 125 -14.04 33.50 27.63
N GLY C 126 -14.64 33.49 26.46
CA GLY C 126 -15.97 34.05 26.20
C GLY C 126 -16.00 35.53 25.91
N THR C 127 -14.83 36.19 25.81
CA THR C 127 -14.77 37.64 25.51
C THR C 127 -14.12 37.90 24.14
N SER C 128 -14.14 39.16 23.72
CA SER C 128 -13.52 39.61 22.47
C SER C 128 -12.30 40.45 22.80
N ARG C 129 -11.31 40.35 21.93
CA ARG C 129 -10.12 41.24 21.97
C ARG C 129 -10.24 42.40 20.98
N PHE C 130 -11.36 42.52 20.30
CA PHE C 130 -11.53 43.50 19.20
C PHE C 130 -12.59 44.52 19.57
N THR C 131 -12.29 45.79 19.29
CA THR C 131 -13.24 46.90 19.39
C THR C 131 -13.26 47.66 18.06
N CYS C 132 -14.42 48.13 17.65
CA CYS C 132 -14.52 48.96 16.43
C CYS C 132 -15.72 49.87 16.59
N ARG C 133 -15.50 51.16 16.40
CA ARG C 133 -16.56 52.18 16.57
C ARG C 133 -17.16 52.07 17.97
N GLY C 134 -16.37 51.74 19.00
CA GLY C 134 -16.81 51.64 20.39
C GLY C 134 -17.45 50.30 20.68
N LYS C 135 -17.55 49.36 19.72
CA LYS C 135 -18.39 48.16 19.95
C LYS C 135 -17.51 46.93 19.90
N PRO C 136 -17.80 45.88 20.68
CA PRO C 136 -17.09 44.62 20.56
C PRO C 136 -17.38 43.99 19.19
N ILE C 137 -16.35 43.40 18.62
CA ILE C 137 -16.43 42.69 17.32
C ILE C 137 -16.11 41.21 17.58
N HIS C 138 -16.90 40.32 17.01
CA HIS C 138 -16.68 38.88 17.19
C HIS C 138 -15.42 38.40 16.47
N HIS C 139 -14.84 37.36 17.05
CA HIS C 139 -13.82 36.51 16.43
C HIS C 139 -14.49 35.48 15.52
N PHE C 140 -13.68 34.83 14.70
CA PHE C 140 -14.13 33.79 13.75
C PHE C 140 -13.26 32.56 13.93
N LEU C 141 -13.83 31.46 14.40
CA LEU C 141 -13.15 30.15 14.59
C LEU C 141 -11.85 30.34 15.40
N GLY C 142 -11.84 31.26 16.36
CA GLY C 142 -10.66 31.56 17.18
C GLY C 142 -9.46 31.96 16.40
N THR C 143 -9.66 32.49 15.19
CA THR C 143 -8.52 32.93 14.33
C THR C 143 -8.64 34.42 13.99
N SER C 144 -9.59 34.82 13.18
CA SER C 144 -9.82 36.22 12.75
C SER C 144 -8.55 36.79 12.11
N THR C 145 -8.27 36.38 10.89
CA THR C 145 -6.99 36.68 10.19
C THR C 145 -7.12 37.86 9.23
N PHE C 146 -8.28 38.45 9.05
CA PHE C 146 -8.52 39.62 8.18
C PHE C 146 -8.29 40.88 9.05
N SER C 147 -7.11 40.94 9.64
CA SER C 147 -6.70 42.05 10.52
C SER C 147 -5.19 42.13 10.48
N GLN C 148 -4.66 43.35 10.58
CA GLN C 148 -3.21 43.48 10.66
C GLN C 148 -2.66 42.77 11.91
N TYR C 149 -3.43 42.72 12.99
CA TYR C 149 -3.08 41.99 14.21
C TYR C 149 -4.29 41.20 14.68
N THR C 150 -4.06 40.03 15.24
CA THR C 150 -5.15 39.26 15.86
C THR C 150 -4.61 38.69 17.15
N VAL C 151 -5.50 38.22 17.99
CA VAL C 151 -5.16 37.49 19.22
C VAL C 151 -5.88 36.15 19.17
N VAL C 152 -5.12 35.10 19.48
CA VAL C 152 -5.60 33.70 19.46
C VAL C 152 -5.22 33.03 20.76
N ASP C 153 -6.00 32.05 21.14
CA ASP C 153 -5.64 31.14 22.24
C ASP C 153 -4.44 30.28 21.80
N GLU C 154 -3.55 29.99 22.75
CA GLU C 154 -2.35 29.14 22.50
C GLU C 154 -2.69 27.81 21.80
N ILE C 155 -3.83 27.22 22.09
CA ILE C 155 -4.23 25.93 21.45
C ILE C 155 -4.63 26.14 19.96
N SER C 156 -4.71 27.38 19.51
CA SER C 156 -5.15 27.79 18.15
C SER C 156 -3.98 28.43 17.41
N VAL C 157 -2.73 28.09 17.76
CA VAL C 157 -1.56 28.55 16.97
C VAL C 157 -0.48 27.49 17.00
N ALA C 158 0.21 27.36 15.85
CA ALA C 158 1.40 26.52 15.68
C ALA C 158 2.62 27.35 15.19
N LYS C 159 3.76 27.10 15.80
CA LYS C 159 5.09 27.56 15.37
C LYS C 159 5.54 26.77 14.15
N ILE C 160 6.02 27.47 13.13
CA ILE C 160 6.53 26.84 11.88
C ILE C 160 7.96 27.30 11.59
N ASP C 161 8.54 26.69 10.54
CA ASP C 161 9.95 26.93 10.12
C ASP C 161 10.18 28.45 10.05
N ALA C 162 11.25 28.99 10.69
CA ALA C 162 11.62 30.43 10.63
C ALA C 162 11.92 30.85 9.19
N ALA C 163 12.32 29.90 8.31
CA ALA C 163 12.62 30.22 6.91
C ALA C 163 11.39 30.06 5.98
N SER C 164 10.17 29.77 6.51
CA SER C 164 8.93 29.58 5.70
C SER C 164 8.59 30.82 4.93
N PRO C 165 8.20 30.70 3.63
CA PRO C 165 7.63 31.81 2.87
C PRO C 165 6.12 31.97 3.18
N LEU C 166 5.81 32.98 3.98
CA LEU C 166 4.47 33.06 4.63
C LEU C 166 3.42 33.36 3.56
N GLU C 167 3.78 33.98 2.43
CA GLU C 167 2.84 34.29 1.34
C GLU C 167 2.36 32.98 0.65
N LYS C 168 3.06 31.88 0.85
CA LYS C 168 2.67 30.55 0.28
C LYS C 168 2.12 29.68 1.40
N VAL C 169 2.84 29.56 2.50
CA VAL C 169 2.46 28.57 3.55
C VAL C 169 1.17 28.89 4.29
N CYS C 170 0.69 30.11 4.20
CA CYS C 170 -0.65 30.43 4.73
C CYS C 170 -1.70 29.39 4.23
N LEU C 171 -1.55 28.86 3.01
CA LEU C 171 -2.53 27.87 2.49
C LEU C 171 -2.51 26.57 3.31
N ILE C 172 -1.49 26.30 4.09
CA ILE C 172 -1.47 25.15 5.00
C ILE C 172 -2.45 25.35 6.16
N GLY C 173 -2.81 26.60 6.41
CA GLY C 173 -3.82 26.96 7.40
C GLY C 173 -5.19 26.49 7.04
N CYS C 174 -5.51 26.24 5.75
CA CYS C 174 -6.84 25.68 5.46
C CYS C 174 -6.80 24.88 4.18
N GLY C 175 -6.83 25.53 3.02
CA GLY C 175 -7.29 24.82 1.83
C GLY C 175 -6.37 23.69 1.40
N PHE C 176 -5.05 23.87 1.40
CA PHE C 176 -4.14 22.77 1.01
C PHE C 176 -4.31 21.59 1.96
N SER C 177 -4.17 21.83 3.26
CA SER C 177 -4.15 20.75 4.27
C SER C 177 -5.47 20.02 4.19
N THR C 178 -6.56 20.79 4.09
CA THR C 178 -7.91 20.17 4.05
C THR C 178 -7.98 19.19 2.88
N GLY C 179 -7.66 19.67 1.67
CA GLY C 179 -7.88 18.79 0.51
C GLY C 179 -6.93 17.63 0.51
N TYR C 180 -5.65 17.91 0.74
CA TYR C 180 -4.59 16.86 0.72
C TYR C 180 -4.88 15.78 1.78
N GLY C 181 -5.15 16.17 3.03
CA GLY C 181 -5.55 15.25 4.11
C GLY C 181 -6.84 14.46 3.80
N SER C 182 -7.81 15.10 3.16
CA SER C 182 -9.08 14.42 2.81
C SER C 182 -8.73 13.19 1.96
N ALA C 183 -7.78 13.32 1.05
CA ALA C 183 -7.32 12.22 0.17
C ALA C 183 -6.42 11.24 0.92
N VAL C 184 -5.35 11.71 1.51
CA VAL C 184 -4.29 10.79 2.01
C VAL C 184 -4.63 10.23 3.38
N LYS C 185 -5.37 10.94 4.20
CA LYS C 185 -5.56 10.59 5.65
C LYS C 185 -6.99 10.08 5.86
N VAL C 186 -8.00 10.79 5.34
CA VAL C 186 -9.44 10.48 5.55
C VAL C 186 -9.85 9.34 4.62
N ALA C 187 -9.82 9.56 3.32
CA ALA C 187 -10.17 8.51 2.31
C ALA C 187 -9.14 7.38 2.34
N LYS C 188 -7.85 7.69 2.54
CA LYS C 188 -6.74 6.70 2.37
C LYS C 188 -6.79 6.14 0.95
N VAL C 189 -6.71 7.02 -0.03
CA VAL C 189 -6.61 6.66 -1.46
C VAL C 189 -5.45 5.66 -1.67
N THR C 190 -5.73 4.63 -2.47
CA THR C 190 -4.82 3.49 -2.74
C THR C 190 -4.18 3.63 -4.13
N GLN C 191 -2.97 3.10 -4.24
CA GLN C 191 -2.19 3.00 -5.49
C GLN C 191 -3.06 2.30 -6.54
N GLY C 192 -3.19 2.90 -7.71
CA GLY C 192 -3.94 2.30 -8.83
C GLY C 192 -5.45 2.51 -8.81
N SER C 193 -6.00 3.19 -7.81
CA SER C 193 -7.44 3.45 -7.72
C SER C 193 -7.88 4.54 -8.72
N THR C 194 -9.20 4.66 -8.80
CA THR C 194 -9.95 5.66 -9.54
C THR C 194 -10.65 6.57 -8.53
N CYS C 195 -10.40 7.87 -8.65
CA CYS C 195 -10.97 8.93 -7.80
C CYS C 195 -11.83 9.87 -8.62
N ALA C 196 -12.88 10.41 -8.00
CA ALA C 196 -13.68 11.49 -8.60
C ALA C 196 -13.71 12.64 -7.60
N VAL C 197 -13.35 13.82 -8.09
CA VAL C 197 -13.28 15.05 -7.25
C VAL C 197 -14.29 16.05 -7.78
N PHE C 198 -15.30 16.35 -6.97
CA PHE C 198 -16.38 17.29 -7.33
C PHE C 198 -16.01 18.66 -6.77
N GLY C 199 -15.73 19.61 -7.66
CA GLY C 199 -15.27 20.95 -7.28
C GLY C 199 -13.78 21.04 -7.47
N LEU C 200 -13.37 21.98 -8.32
CA LEU C 200 -11.94 22.17 -8.68
C LEU C 200 -11.50 23.60 -8.30
N GLY C 201 -11.95 24.09 -7.15
CA GLY C 201 -11.31 25.23 -6.48
C GLY C 201 -10.06 24.85 -5.70
N GLY C 202 -9.59 25.71 -4.81
CA GLY C 202 -8.33 25.46 -4.09
C GLY C 202 -8.34 24.17 -3.31
N VAL C 203 -9.47 23.84 -2.69
CA VAL C 203 -9.48 22.63 -1.88
C VAL C 203 -9.58 21.41 -2.81
N GLY C 204 -10.39 21.45 -3.86
CA GLY C 204 -10.52 20.30 -4.80
C GLY C 204 -9.18 20.02 -5.46
N LEU C 205 -8.48 21.08 -5.84
CA LEU C 205 -7.13 20.88 -6.45
C LEU C 205 -6.20 20.21 -5.44
N SER C 206 -6.31 20.55 -4.17
CA SER C 206 -5.49 19.95 -3.11
C SER C 206 -5.87 18.47 -2.92
N VAL C 207 -7.14 18.14 -3.01
CA VAL C 207 -7.60 16.73 -3.06
C VAL C 207 -6.91 16.01 -4.23
N ILE C 208 -6.91 16.61 -5.43
CA ILE C 208 -6.28 15.99 -6.62
C ILE C 208 -4.78 15.77 -6.30
N MET C 209 -4.10 16.77 -5.73
CA MET C 209 -2.68 16.61 -5.32
C MET C 209 -2.53 15.42 -4.39
N GLY C 210 -3.45 15.24 -3.45
CA GLY C 210 -3.31 14.11 -2.48
C GLY C 210 -3.59 12.77 -3.18
N CYS C 211 -4.57 12.70 -4.06
CA CYS C 211 -4.87 11.47 -4.82
C CYS C 211 -3.66 11.09 -5.66
N LYS C 212 -3.04 12.06 -6.34
CA LYS C 212 -1.83 11.82 -7.18
C LYS C 212 -0.69 11.33 -6.28
N ALA C 213 -0.49 11.96 -5.14
CA ALA C 213 0.56 11.53 -4.20
C ALA C 213 0.32 10.11 -3.73
N ALA C 214 -0.93 9.70 -3.63
CA ALA C 214 -1.33 8.36 -3.12
C ALA C 214 -1.15 7.34 -4.27
N GLY C 215 -0.96 7.79 -5.52
CA GLY C 215 -0.72 6.86 -6.64
C GLY C 215 -2.00 6.44 -7.33
N ALA C 216 -3.06 7.21 -7.21
CA ALA C 216 -4.30 6.89 -7.97
C ALA C 216 -3.91 6.77 -9.45
N ALA C 217 -4.51 5.84 -10.18
CA ALA C 217 -4.27 5.72 -11.63
C ALA C 217 -5.14 6.71 -12.40
N ARG C 218 -6.32 7.00 -11.86
CA ARG C 218 -7.28 7.87 -12.59
C ARG C 218 -7.88 8.85 -11.58
N ILE C 219 -7.94 10.11 -11.94
CA ILE C 219 -8.43 11.19 -11.06
C ILE C 219 -9.31 12.03 -11.96
N ILE C 220 -10.60 11.87 -11.78
CA ILE C 220 -11.62 12.53 -12.61
C ILE C 220 -12.09 13.80 -11.90
N GLY C 221 -11.81 14.96 -12.47
CA GLY C 221 -12.31 16.21 -11.90
C GLY C 221 -13.68 16.52 -12.45
N VAL C 222 -14.54 17.00 -11.60
CA VAL C 222 -15.92 17.37 -11.97
C VAL C 222 -16.13 18.83 -11.61
N ASP C 223 -16.49 19.66 -12.58
CA ASP C 223 -16.88 21.05 -12.27
C ASP C 223 -17.79 21.55 -13.39
N ILE C 224 -18.75 22.41 -13.06
CA ILE C 224 -19.62 23.05 -14.05
C ILE C 224 -18.88 24.22 -14.71
N ASN C 225 -17.71 24.62 -14.22
CA ASN C 225 -16.93 25.73 -14.81
C ASN C 225 -15.73 25.10 -15.53
N LYS C 226 -15.82 24.94 -16.87
CA LYS C 226 -14.73 24.25 -17.61
C LYS C 226 -13.44 25.05 -17.59
N ASP C 227 -13.46 26.35 -17.27
CA ASP C 227 -12.19 27.09 -17.16
C ASP C 227 -11.33 26.51 -16.03
N LYS C 228 -11.87 25.68 -15.11
CA LYS C 228 -11.10 25.12 -13.98
C LYS C 228 -10.30 23.89 -14.43
N PHE C 229 -10.61 23.34 -15.60
CA PHE C 229 -10.05 22.02 -15.98
C PHE C 229 -8.55 22.06 -16.24
N ALA C 230 -8.04 23.12 -16.88
CA ALA C 230 -6.61 23.14 -17.24
C ALA C 230 -5.77 22.97 -15.98
N LYS C 231 -6.08 23.74 -14.92
CA LYS C 231 -5.24 23.69 -13.71
C LYS C 231 -5.41 22.31 -13.08
N ALA C 232 -6.62 21.77 -13.12
CA ALA C 232 -6.81 20.43 -12.48
C ALA C 232 -5.93 19.38 -13.17
N LYS C 233 -5.89 19.46 -14.50
CA LYS C 233 -5.02 18.53 -15.26
C LYS C 233 -3.56 18.77 -14.87
N GLU C 234 -3.17 20.05 -14.75
CA GLU C 234 -1.77 20.35 -14.43
C GLU C 234 -1.38 19.67 -13.09
N VAL C 235 -2.25 19.61 -12.11
CA VAL C 235 -1.87 19.08 -10.76
C VAL C 235 -2.25 17.61 -10.62
N GLY C 236 -2.79 16.96 -11.66
CA GLY C 236 -2.87 15.49 -11.60
C GLY C 236 -4.19 14.92 -12.12
N ALA C 237 -5.21 15.73 -12.45
CA ALA C 237 -6.44 15.14 -13.01
C ALA C 237 -6.08 14.43 -14.34
N THR C 238 -6.60 13.23 -14.54
CA THR C 238 -6.41 12.48 -15.78
C THR C 238 -7.51 12.82 -16.79
N GLU C 239 -8.66 13.30 -16.32
CA GLU C 239 -9.83 13.61 -17.16
C GLU C 239 -10.65 14.60 -16.36
N CYS C 240 -11.38 15.42 -17.07
CA CYS C 240 -12.29 16.40 -16.47
C CYS C 240 -13.64 16.27 -17.14
N VAL C 241 -14.72 16.31 -16.33
CA VAL C 241 -16.09 16.27 -16.88
C VAL C 241 -16.92 17.43 -16.35
N ASN C 242 -17.67 18.03 -17.26
CA ASN C 242 -18.70 19.06 -16.98
C ASN C 242 -20.06 18.41 -17.05
N PRO C 243 -20.77 18.28 -15.91
CA PRO C 243 -22.11 17.72 -15.93
C PRO C 243 -23.05 18.38 -16.96
N GLN C 244 -22.79 19.64 -17.30
CA GLN C 244 -23.66 20.42 -18.21
C GLN C 244 -23.55 19.83 -19.64
N ASP C 245 -22.50 19.06 -19.95
CA ASP C 245 -22.15 18.50 -21.28
C ASP C 245 -23.04 17.30 -21.59
N TYR C 246 -23.70 16.74 -20.56
CA TYR C 246 -24.37 15.43 -20.65
C TYR C 246 -25.88 15.53 -20.52
N LYS C 247 -26.58 14.64 -21.23
CA LYS C 247 -28.05 14.49 -21.17
C LYS C 247 -28.45 13.58 -20.00
N LYS C 248 -27.50 12.95 -19.30
CA LYS C 248 -27.83 12.06 -18.17
C LYS C 248 -27.20 12.60 -16.89
N PRO C 249 -27.71 12.17 -15.70
CA PRO C 249 -27.12 12.54 -14.43
C PRO C 249 -25.63 12.18 -14.38
N ILE C 250 -24.86 13.05 -13.76
CA ILE C 250 -23.41 12.82 -13.76
C ILE C 250 -23.04 11.57 -12.96
N GLN C 251 -23.81 11.12 -11.98
CA GLN C 251 -23.37 9.86 -11.28
C GLN C 251 -23.43 8.67 -12.26
N GLU C 252 -24.35 8.67 -13.21
CA GLU C 252 -24.44 7.58 -14.22
C GLU C 252 -23.23 7.68 -15.17
N VAL C 253 -22.93 8.90 -15.61
CA VAL C 253 -21.70 9.12 -16.44
C VAL C 253 -20.45 8.60 -15.72
N LEU C 254 -20.27 8.98 -14.46
CA LEU C 254 -19.06 8.53 -13.72
C LEU C 254 -19.04 7.03 -13.45
N THR C 255 -20.22 6.43 -13.26
CA THR C 255 -20.32 4.97 -13.03
C THR C 255 -19.91 4.26 -14.32
N GLU C 256 -20.36 4.77 -15.48
CA GLU C 256 -20.01 4.18 -16.79
C GLU C 256 -18.50 4.34 -16.99
N MET C 257 -17.96 5.53 -16.79
CA MET C 257 -16.51 5.80 -17.05
C MET C 257 -15.60 4.93 -16.16
N SER C 258 -16.03 4.58 -14.96
CA SER C 258 -15.23 3.80 -13.99
C SER C 258 -15.62 2.32 -14.02
N ASN C 259 -16.37 1.89 -15.05
CA ASN C 259 -16.73 0.46 -15.20
C ASN C 259 -17.38 -0.07 -13.93
N GLY C 260 -18.27 0.74 -13.35
CA GLY C 260 -19.15 0.31 -12.27
C GLY C 260 -19.01 1.12 -11.00
N GLY C 261 -18.36 2.25 -11.06
CA GLY C 261 -18.23 3.18 -9.91
C GLY C 261 -16.80 3.38 -9.47
N VAL C 262 -16.54 4.52 -8.82
CA VAL C 262 -15.15 4.89 -8.46
C VAL C 262 -14.77 4.25 -7.13
N ASP C 263 -13.49 4.13 -6.89
CA ASP C 263 -12.94 3.70 -5.57
C ASP C 263 -13.19 4.80 -4.53
N PHE C 264 -12.90 6.06 -4.86
CA PHE C 264 -12.96 7.17 -3.89
C PHE C 264 -13.61 8.36 -4.56
N SER C 265 -14.60 8.96 -3.89
CA SER C 265 -15.19 10.19 -4.39
C SER C 265 -15.10 11.24 -3.29
N PHE C 266 -15.05 12.50 -3.75
CA PHE C 266 -14.90 13.70 -2.86
C PHE C 266 -15.90 14.76 -3.25
N GLU C 267 -16.69 15.26 -2.26
CA GLU C 267 -17.55 16.42 -2.51
C GLU C 267 -16.76 17.61 -1.95
N VAL C 268 -16.37 18.51 -2.83
CA VAL C 268 -15.52 19.69 -2.46
C VAL C 268 -16.18 20.97 -2.97
N ILE C 269 -17.48 21.09 -2.79
CA ILE C 269 -18.29 22.24 -3.27
C ILE C 269 -19.07 22.84 -2.10
N GLY C 270 -19.97 22.05 -1.53
CA GLY C 270 -20.89 22.50 -0.47
C GLY C 270 -22.34 22.52 -0.93
N ARG C 271 -22.78 21.49 -1.63
CA ARG C 271 -24.18 21.38 -2.09
C ARG C 271 -24.70 20.03 -1.63
N LEU C 272 -25.91 20.05 -1.11
CA LEU C 272 -26.59 18.79 -0.69
C LEU C 272 -26.68 17.82 -1.89
N ASP C 273 -27.04 18.31 -3.07
CA ASP C 273 -27.26 17.40 -4.23
C ASP C 273 -25.94 16.73 -4.62
N THR C 274 -24.84 17.47 -4.72
CA THR C 274 -23.54 16.88 -5.09
C THR C 274 -23.04 15.96 -3.97
N MET C 275 -23.39 16.18 -2.68
CA MET C 275 -22.99 15.19 -1.67
C MET C 275 -23.60 13.82 -2.02
N VAL C 276 -24.86 13.79 -2.38
CA VAL C 276 -25.58 12.53 -2.65
C VAL C 276 -25.05 11.94 -3.98
N THR C 277 -24.87 12.78 -4.99
CA THR C 277 -24.26 12.40 -6.27
C THR C 277 -22.88 11.77 -6.04
N ALA C 278 -22.00 12.37 -5.22
CA ALA C 278 -20.64 11.84 -5.04
C ALA C 278 -20.72 10.51 -4.31
N LEU C 279 -21.64 10.36 -3.38
CA LEU C 279 -21.79 9.03 -2.75
C LEU C 279 -22.22 8.01 -3.82
N SER C 280 -23.25 8.34 -4.59
CA SER C 280 -23.86 7.43 -5.58
C SER C 280 -22.78 6.92 -6.56
N CYS C 281 -21.82 7.77 -6.92
CA CYS C 281 -20.89 7.47 -8.04
C CYS C 281 -19.75 6.58 -7.54
N CYS C 282 -19.57 6.41 -6.23
CA CYS C 282 -18.57 5.45 -5.74
C CYS C 282 -19.16 4.02 -5.82
N GLN C 283 -18.30 3.05 -6.06
CA GLN C 283 -18.70 1.66 -6.28
C GLN C 283 -19.56 1.17 -5.10
N GLU C 284 -20.66 0.49 -5.41
CA GLU C 284 -21.73 0.25 -4.41
C GLU C 284 -21.30 -0.71 -3.28
N ALA C 285 -20.30 -1.56 -3.50
CA ALA C 285 -19.87 -2.59 -2.56
C ALA C 285 -18.69 -2.14 -1.72
N TYR C 286 -17.76 -1.33 -2.30
CA TYR C 286 -16.48 -1.06 -1.59
C TYR C 286 -16.07 0.40 -1.75
N GLY C 287 -16.87 1.21 -2.44
CA GLY C 287 -16.61 2.65 -2.59
C GLY C 287 -16.60 3.43 -1.26
N VAL C 288 -15.79 4.47 -1.24
CA VAL C 288 -15.69 5.46 -0.12
C VAL C 288 -15.97 6.84 -0.70
N SER C 289 -16.84 7.60 -0.03
CA SER C 289 -17.15 9.00 -0.41
C SER C 289 -16.87 9.89 0.78
N VAL C 290 -16.08 10.95 0.56
CA VAL C 290 -15.70 11.92 1.62
C VAL C 290 -16.36 13.26 1.35
N ILE C 291 -17.14 13.75 2.32
CA ILE C 291 -17.69 15.12 2.24
C ILE C 291 -16.65 16.09 2.82
N VAL C 292 -16.23 17.04 2.01
CA VAL C 292 -15.37 18.16 2.44
C VAL C 292 -16.15 19.49 2.37
N GLY C 293 -17.00 19.72 1.38
CA GLY C 293 -17.69 21.00 1.23
C GLY C 293 -18.64 21.27 2.38
N VAL C 294 -18.81 22.56 2.65
CA VAL C 294 -19.69 23.07 3.74
C VAL C 294 -21.01 23.47 3.11
N PRO C 295 -22.10 22.78 3.47
CA PRO C 295 -23.45 23.09 2.99
C PRO C 295 -24.14 24.21 3.75
N PRO C 296 -25.23 24.78 3.17
CA PRO C 296 -26.00 25.84 3.82
C PRO C 296 -26.48 25.38 5.20
N ASP C 297 -26.33 26.30 6.14
CA ASP C 297 -26.67 26.07 7.56
C ASP C 297 -28.07 25.44 7.69
N SER C 298 -28.13 24.40 8.50
CA SER C 298 -29.38 23.81 9.02
C SER C 298 -30.11 23.04 7.94
N GLN C 299 -29.60 22.88 6.74
CA GLN C 299 -30.36 22.21 5.69
C GLN C 299 -29.99 20.73 5.66
N ASN C 300 -31.03 19.90 5.53
CA ASN C 300 -30.88 18.44 5.48
C ASN C 300 -30.85 17.97 4.03
N LEU C 301 -30.02 16.96 3.75
CA LEU C 301 -30.09 16.21 2.49
C LEU C 301 -31.06 15.03 2.65
N SER C 302 -31.46 14.51 1.51
CA SER C 302 -32.39 13.37 1.43
C SER C 302 -31.67 12.26 0.63
N MET C 303 -31.63 11.06 1.15
CA MET C 303 -30.92 9.95 0.47
C MET C 303 -31.58 8.63 0.83
N ASN C 304 -31.38 7.67 -0.06
CA ASN C 304 -31.87 6.30 0.08
C ASN C 304 -30.77 5.48 0.76
N PRO C 305 -30.97 4.95 1.96
CA PRO C 305 -29.91 4.26 2.68
C PRO C 305 -29.50 2.91 2.04
N MET C 306 -30.23 2.42 1.03
CA MET C 306 -29.75 1.30 0.18
C MET C 306 -28.35 1.59 -0.39
N LEU C 307 -28.02 2.88 -0.58
CA LEU C 307 -26.68 3.25 -1.08
C LEU C 307 -25.63 2.75 -0.08
N LEU C 308 -25.92 2.83 1.21
CA LEU C 308 -24.95 2.37 2.23
C LEU C 308 -25.05 0.87 2.42
N LEU C 309 -26.27 0.32 2.48
CA LEU C 309 -26.45 -1.12 2.83
C LEU C 309 -25.63 -2.00 1.86
N SER C 310 -25.48 -1.63 0.58
CA SER C 310 -24.69 -2.45 -0.39
C SER C 310 -23.22 -2.52 0.00
N GLY C 311 -22.70 -1.55 0.76
CA GLY C 311 -21.31 -1.63 1.28
C GLY C 311 -20.57 -0.31 1.23
N ARG C 312 -21.12 0.73 0.64
CA ARG C 312 -20.41 2.03 0.59
C ARG C 312 -20.11 2.58 2.00
N THR C 313 -19.05 3.36 2.05
CA THR C 313 -18.63 4.09 3.24
C THR C 313 -18.75 5.58 2.95
N TRP C 314 -19.39 6.32 3.85
CA TRP C 314 -19.56 7.76 3.73
C TRP C 314 -18.93 8.43 4.93
N LYS C 315 -18.08 9.40 4.70
CA LYS C 315 -17.53 10.12 5.84
C LYS C 315 -17.29 11.57 5.49
N GLY C 316 -17.05 12.35 6.51
CA GLY C 316 -16.64 13.73 6.31
C GLY C 316 -15.47 14.03 7.22
N ALA C 317 -14.91 15.22 7.08
CA ALA C 317 -13.84 15.66 7.97
C ALA C 317 -13.69 17.18 7.91
N ILE C 318 -13.15 17.68 9.00
CA ILE C 318 -12.66 19.10 9.05
C ILE C 318 -11.16 19.08 8.90
N PHE C 319 -10.62 20.01 8.13
CA PHE C 319 -9.15 20.19 8.05
C PHE C 319 -8.42 18.91 7.65
N GLY C 320 -9.01 18.14 6.73
CA GLY C 320 -8.33 16.95 6.17
C GLY C 320 -8.04 15.88 7.24
N GLY C 321 -8.74 15.92 8.37
CA GLY C 321 -8.55 15.00 9.51
C GLY C 321 -7.24 15.18 10.26
N PHE C 322 -6.52 16.26 9.95
CA PHE C 322 -5.23 16.52 10.61
C PHE C 322 -5.43 17.04 12.03
N LYS C 323 -4.77 16.45 13.03
CA LYS C 323 -4.65 17.05 14.38
C LYS C 323 -3.81 18.32 14.21
N SER C 324 -4.39 19.50 14.43
CA SER C 324 -3.90 20.73 13.74
C SER C 324 -2.49 21.16 14.22
N LYS C 325 -2.24 21.16 15.50
CA LYS C 325 -0.98 21.73 16.05
C LYS C 325 0.17 20.75 15.81
N ASP C 326 -0.08 19.44 15.90
CA ASP C 326 0.95 18.45 15.51
C ASP C 326 1.25 18.53 14.01
N SER C 327 0.24 18.71 13.17
CA SER C 327 0.38 18.50 11.72
C SER C 327 0.91 19.73 11.02
N VAL C 328 0.46 20.92 11.40
CA VAL C 328 0.77 22.13 10.59
C VAL C 328 2.30 22.27 10.49
N PRO C 329 3.06 22.14 11.59
CA PRO C 329 4.52 22.32 11.47
C PRO C 329 5.17 21.27 10.54
N LYS C 330 4.64 20.04 10.56
CA LYS C 330 5.14 18.93 9.71
C LYS C 330 4.82 19.20 8.27
N LEU C 331 3.61 19.71 8.00
CA LEU C 331 3.24 20.05 6.64
C LEU C 331 4.16 21.17 6.13
N VAL C 332 4.42 22.20 6.92
CA VAL C 332 5.35 23.26 6.43
C VAL C 332 6.72 22.64 6.15
N ALA C 333 7.22 21.83 7.06
CA ALA C 333 8.52 21.14 6.90
C ALA C 333 8.48 20.32 5.58
N ASP C 334 7.35 19.66 5.27
CA ASP C 334 7.31 18.89 4.01
C ASP C 334 7.30 19.80 2.78
N PHE C 335 6.63 20.98 2.88
CA PHE C 335 6.65 21.99 1.82
C PHE C 335 8.11 22.43 1.59
N MET C 336 8.82 22.69 2.67
CA MET C 336 10.20 23.22 2.60
C MET C 336 11.09 22.15 1.93
N ALA C 337 10.74 20.87 2.09
CA ALA C 337 11.45 19.71 1.50
C ALA C 337 10.85 19.33 0.14
N LYS C 338 10.03 20.17 -0.47
CA LYS C 338 9.47 20.02 -1.84
C LYS C 338 8.62 18.76 -1.96
N LYS C 339 7.93 18.36 -0.89
CA LYS C 339 7.07 17.16 -1.00
C LYS C 339 5.76 17.45 -1.75
N PHE C 340 5.29 18.70 -1.73
CA PHE C 340 4.13 19.18 -2.53
C PHE C 340 4.38 20.63 -2.92
N ALA C 341 3.56 21.15 -3.84
CA ALA C 341 3.60 22.49 -4.41
C ALA C 341 2.34 23.28 -4.00
N LEU C 342 2.52 24.55 -3.67
CA LEU C 342 1.45 25.48 -3.30
C LEU C 342 1.24 26.49 -4.43
N ASP C 343 2.28 26.82 -5.23
CA ASP C 343 2.12 27.85 -6.29
C ASP C 343 0.95 27.53 -7.22
N PRO C 344 0.61 26.27 -7.59
CA PRO C 344 -0.54 26.04 -8.48
C PRO C 344 -1.87 26.52 -7.94
N LEU C 345 -1.99 26.72 -6.64
CA LEU C 345 -3.26 27.19 -5.99
C LEU C 345 -3.34 28.70 -6.01
N ILE C 346 -2.18 29.39 -6.14
CA ILE C 346 -2.18 30.87 -6.02
C ILE C 346 -2.34 31.46 -7.42
N THR C 347 -3.46 32.13 -7.68
CA THR C 347 -3.75 32.71 -9.00
C THR C 347 -3.66 34.24 -8.96
N HIS C 348 -3.81 34.85 -7.80
CA HIS C 348 -3.93 36.30 -7.64
C HIS C 348 -3.26 36.73 -6.31
N VAL C 349 -2.57 37.86 -6.34
CA VAL C 349 -1.94 38.47 -5.13
C VAL C 349 -2.39 39.94 -5.09
N LEU C 350 -2.90 40.33 -3.94
CA LEU C 350 -3.40 41.69 -3.71
C LEU C 350 -2.98 42.15 -2.33
N PRO C 351 -2.87 43.49 -2.15
CA PRO C 351 -2.74 44.02 -0.81
C PRO C 351 -4.04 43.76 -0.04
N PHE C 352 -3.92 43.64 1.28
CA PHE C 352 -5.05 43.47 2.21
C PHE C 352 -6.17 44.50 1.95
N GLU C 353 -5.81 45.76 1.63
CA GLU C 353 -6.82 46.82 1.43
C GLU C 353 -7.81 46.46 0.31
N LYS C 354 -7.42 45.57 -0.60
CA LYS C 354 -8.21 45.16 -1.78
C LYS C 354 -8.93 43.84 -1.52
N ILE C 355 -9.16 43.52 -0.26
CA ILE C 355 -9.92 42.29 0.13
C ILE C 355 -11.22 42.15 -0.69
N ASN C 356 -12.04 43.22 -0.82
CA ASN C 356 -13.35 43.10 -1.51
C ASN C 356 -13.12 42.65 -2.96
N GLU C 357 -12.13 43.26 -3.63
CA GLU C 357 -11.73 42.84 -4.99
C GLU C 357 -11.37 41.34 -5.00
N GLY C 358 -10.71 40.85 -3.96
CA GLY C 358 -10.31 39.44 -3.87
C GLY C 358 -11.52 38.52 -3.70
N PHE C 359 -12.53 38.97 -2.99
CA PHE C 359 -13.80 38.20 -2.90
C PHE C 359 -14.56 38.25 -4.23
N ASP C 360 -14.54 39.40 -4.93
CA ASP C 360 -15.16 39.51 -6.25
C ASP C 360 -14.53 38.50 -7.23
N LEU C 361 -13.21 38.30 -7.17
CA LEU C 361 -12.49 37.35 -8.05
C LEU C 361 -12.99 35.94 -7.75
N LEU C 362 -13.14 35.64 -6.47
CA LEU C 362 -13.61 34.29 -6.10
C LEU C 362 -15.03 34.09 -6.63
N ARG C 363 -15.91 35.06 -6.39
CA ARG C 363 -17.35 34.89 -6.72
C ARG C 363 -17.56 34.78 -8.23
N SER C 364 -16.72 35.49 -8.99
CA SER C 364 -16.80 35.55 -10.46
C SER C 364 -16.42 34.20 -11.06
N GLY C 365 -15.73 33.35 -10.30
CA GLY C 365 -15.11 32.11 -10.83
C GLY C 365 -13.69 32.27 -11.32
N GLU C 366 -13.13 33.49 -11.34
CA GLU C 366 -11.86 33.71 -12.03
C GLU C 366 -10.69 33.18 -11.19
N SER C 367 -10.74 33.20 -9.87
CA SER C 367 -9.57 32.83 -9.03
C SER C 367 -9.67 31.42 -8.45
N ILE C 368 -8.51 30.94 -8.02
CA ILE C 368 -8.40 29.80 -7.06
C ILE C 368 -8.16 30.36 -5.67
N ARG C 369 -6.91 30.62 -5.30
CA ARG C 369 -6.62 31.45 -4.12
C ARG C 369 -6.01 32.80 -4.50
N THR C 370 -6.64 33.84 -3.98
CA THR C 370 -6.04 35.16 -3.81
C THR C 370 -5.33 35.19 -2.46
N ILE C 371 -4.07 35.60 -2.44
CA ILE C 371 -3.31 35.82 -1.20
C ILE C 371 -3.22 37.32 -0.98
N LEU C 372 -3.67 37.76 0.19
CA LEU C 372 -3.61 39.17 0.63
C LEU C 372 -2.34 39.41 1.43
N THR C 373 -1.64 40.49 1.08
CA THR C 373 -0.39 40.95 1.72
C THR C 373 -0.70 42.11 2.65
N PHE C 374 -0.24 41.99 3.86
CA PHE C 374 -0.42 43.07 4.85
C PHE C 374 0.68 44.11 4.71
N SER D 1 -32.59 -41.54 -7.60
CA SER D 1 -33.80 -41.99 -8.38
C SER D 1 -34.70 -40.80 -8.75
N THR D 2 -34.59 -39.63 -8.07
CA THR D 2 -35.28 -38.40 -8.52
C THR D 2 -34.38 -37.58 -9.47
N ALA D 3 -33.12 -37.97 -9.62
CA ALA D 3 -32.17 -37.22 -10.47
C ALA D 3 -32.73 -37.24 -11.91
N GLY D 4 -32.77 -36.06 -12.52
CA GLY D 4 -33.22 -35.84 -13.91
C GLY D 4 -34.72 -35.68 -13.98
N LYS D 5 -35.42 -35.83 -12.84
CA LYS D 5 -36.90 -35.80 -12.81
C LYS D 5 -37.42 -34.54 -12.11
N VAL D 6 -38.62 -34.14 -12.50
CA VAL D 6 -39.43 -33.14 -11.75
C VAL D 6 -39.76 -33.74 -10.38
N ILE D 7 -39.57 -32.99 -9.31
CA ILE D 7 -39.97 -33.39 -7.93
C ILE D 7 -41.28 -32.68 -7.61
N LYS D 8 -42.27 -33.44 -7.13
CA LYS D 8 -43.50 -32.86 -6.53
C LYS D 8 -43.28 -32.82 -5.03
N CYS D 9 -43.36 -31.66 -4.42
CA CYS D 9 -43.17 -31.51 -2.97
C CYS D 9 -44.03 -30.34 -2.44
N LYS D 10 -43.97 -30.12 -1.15
CA LYS D 10 -44.64 -28.97 -0.51
C LYS D 10 -43.69 -27.77 -0.50
N ALA D 11 -44.26 -26.59 -0.70
CA ALA D 11 -43.56 -25.32 -0.42
C ALA D 11 -44.54 -24.32 0.18
N ALA D 12 -44.01 -23.29 0.79
CA ALA D 12 -44.80 -22.16 1.31
C ALA D 12 -44.77 -21.07 0.26
N VAL D 13 -45.91 -20.86 -0.41
CA VAL D 13 -46.03 -19.87 -1.50
C VAL D 13 -46.67 -18.61 -0.90
N LEU D 14 -46.11 -17.46 -1.24
CA LEU D 14 -46.74 -16.19 -0.92
C LEU D 14 -47.31 -15.65 -2.21
N TRP D 15 -48.63 -15.65 -2.32
CA TRP D 15 -49.29 -15.27 -3.57
C TRP D 15 -49.42 -13.75 -3.65
N GLU D 16 -49.55 -13.06 -2.51
CA GLU D 16 -49.78 -11.59 -2.50
C GLU D 16 -49.30 -11.07 -1.16
N GLU D 17 -49.02 -9.78 -1.11
CA GLU D 17 -48.57 -9.17 0.14
C GLU D 17 -49.67 -9.29 1.20
N LYS D 18 -49.27 -9.32 2.48
CA LYS D 18 -50.16 -9.16 3.66
C LYS D 18 -51.12 -10.34 3.76
N LYS D 19 -50.66 -11.52 3.36
CA LYS D 19 -51.40 -12.78 3.52
C LYS D 19 -50.48 -13.81 4.17
N PRO D 20 -51.09 -14.83 4.81
CA PRO D 20 -50.35 -16.00 5.27
C PRO D 20 -49.71 -16.69 4.05
N PHE D 21 -48.61 -17.39 4.33
CA PHE D 21 -48.02 -18.37 3.42
C PHE D 21 -49.05 -19.44 3.19
N SER D 22 -49.12 -19.92 1.96
CA SER D 22 -50.00 -21.04 1.55
C SER D 22 -49.12 -22.28 1.31
N ILE D 23 -49.27 -23.32 2.13
CA ILE D 23 -48.60 -24.63 1.94
C ILE D 23 -49.29 -25.29 0.75
N GLU D 24 -48.55 -25.39 -0.34
CA GLU D 24 -49.04 -25.80 -1.67
C GLU D 24 -48.17 -26.94 -2.16
N GLU D 25 -48.75 -27.80 -2.99
CA GLU D 25 -47.95 -28.71 -3.84
C GLU D 25 -47.32 -27.91 -4.97
N VAL D 26 -46.00 -27.98 -5.07
CA VAL D 26 -45.26 -27.40 -6.20
C VAL D 26 -44.48 -28.48 -6.97
N GLU D 27 -44.14 -28.15 -8.20
CA GLU D 27 -43.24 -28.92 -9.07
C GLU D 27 -41.89 -28.15 -9.06
N VAL D 28 -40.84 -28.89 -8.75
CA VAL D 28 -39.43 -28.41 -8.74
C VAL D 28 -38.68 -29.09 -9.89
N ALA D 29 -38.38 -28.32 -10.91
CA ALA D 29 -37.62 -28.80 -12.11
C ALA D 29 -36.25 -29.34 -11.69
N PRO D 30 -35.65 -30.27 -12.48
CA PRO D 30 -34.29 -30.72 -12.24
C PRO D 30 -33.37 -29.54 -12.54
N PRO D 31 -32.16 -29.60 -11.97
CA PRO D 31 -31.16 -28.55 -12.18
C PRO D 31 -30.61 -28.57 -13.62
N LYS D 32 -30.52 -27.40 -14.20
CA LYS D 32 -29.84 -27.16 -15.49
C LYS D 32 -28.35 -27.06 -15.22
N ALA D 33 -27.59 -26.76 -16.29
CA ALA D 33 -26.12 -26.60 -16.21
C ALA D 33 -25.75 -25.66 -15.04
N HIS D 34 -24.75 -26.03 -14.24
CA HIS D 34 -24.23 -25.14 -13.16
C HIS D 34 -25.32 -24.83 -12.14
N GLU D 35 -26.30 -25.69 -11.99
CA GLU D 35 -27.35 -25.53 -10.95
C GLU D 35 -27.33 -26.75 -10.02
N VAL D 36 -27.89 -26.54 -8.84
CA VAL D 36 -27.89 -27.52 -7.72
C VAL D 36 -29.30 -27.65 -7.11
N ARG D 37 -29.82 -28.87 -7.05
CA ARG D 37 -31.08 -29.14 -6.35
C ARG D 37 -30.78 -29.71 -4.99
N ILE D 38 -31.38 -29.05 -4.00
CA ILE D 38 -31.13 -29.24 -2.55
C ILE D 38 -32.38 -29.73 -1.85
N LYS D 39 -32.28 -30.79 -1.08
CA LYS D 39 -33.34 -31.20 -0.14
C LYS D 39 -33.14 -30.40 1.14
N MET D 40 -34.12 -29.57 1.50
CA MET D 40 -34.02 -28.70 2.70
C MET D 40 -34.13 -29.55 3.97
N VAL D 41 -33.30 -29.22 4.94
CA VAL D 41 -33.30 -29.90 6.25
C VAL D 41 -33.77 -28.88 7.30
N ALA D 42 -33.26 -27.64 7.30
CA ALA D 42 -33.71 -26.66 8.30
C ALA D 42 -33.69 -25.26 7.67
N THR D 43 -34.60 -24.38 8.08
CA THR D 43 -34.61 -22.97 7.60
C THR D 43 -35.07 -22.07 8.75
N GLY D 44 -34.39 -20.96 8.98
CA GLY D 44 -34.79 -19.96 9.96
C GLY D 44 -35.80 -18.99 9.42
N ILE D 45 -36.54 -18.33 10.32
CA ILE D 45 -37.44 -17.22 9.93
C ILE D 45 -36.75 -15.91 10.29
N CYS D 46 -36.33 -15.19 9.27
CA CYS D 46 -35.61 -13.91 9.34
C CYS D 46 -36.68 -12.83 9.15
N ARG D 47 -36.49 -11.68 9.82
CA ARG D 47 -37.35 -10.52 9.59
C ARG D 47 -37.36 -10.14 8.09
N SER D 48 -36.31 -10.35 7.29
CA SER D 48 -36.34 -9.96 5.86
C SER D 48 -37.43 -10.78 5.14
N ASP D 49 -37.66 -12.01 5.54
CA ASP D 49 -38.72 -12.85 4.91
C ASP D 49 -40.07 -12.17 5.19
N ASP D 50 -40.24 -11.70 6.40
CA ASP D 50 -41.46 -10.96 6.82
C ASP D 50 -41.61 -9.64 6.02
N HIS D 51 -40.51 -9.01 5.69
CA HIS D 51 -40.51 -7.75 4.89
C HIS D 51 -41.19 -8.04 3.55
N VAL D 52 -41.03 -9.24 3.03
CA VAL D 52 -41.70 -9.51 1.73
C VAL D 52 -43.23 -9.57 1.95
N VAL D 53 -43.67 -10.14 3.07
CA VAL D 53 -45.12 -10.18 3.38
C VAL D 53 -45.64 -8.75 3.57
N SER D 54 -44.91 -7.91 4.28
CA SER D 54 -45.41 -6.60 4.69
C SER D 54 -45.34 -5.62 3.50
N GLY D 55 -44.56 -5.93 2.44
CA GLY D 55 -44.26 -5.03 1.30
C GLY D 55 -43.12 -4.05 1.61
N THR D 56 -42.48 -4.18 2.77
CA THR D 56 -41.24 -3.43 3.11
C THR D 56 -40.18 -3.73 2.07
N LEU D 57 -40.07 -5.00 1.69
CA LEU D 57 -39.08 -5.49 0.70
C LEU D 57 -39.84 -5.95 -0.54
N VAL D 58 -39.62 -5.29 -1.65
CA VAL D 58 -40.27 -5.57 -2.94
C VAL D 58 -39.45 -6.60 -3.71
N THR D 59 -40.16 -7.64 -4.16
CA THR D 59 -39.59 -8.71 -4.98
C THR D 59 -40.75 -9.33 -5.72
N PRO D 60 -40.56 -9.82 -6.93
CA PRO D 60 -41.72 -10.28 -7.70
C PRO D 60 -42.50 -11.42 -7.01
N LEU D 61 -43.84 -11.29 -7.07
CA LEU D 61 -44.79 -12.27 -6.49
C LEU D 61 -45.49 -12.92 -7.66
N PRO D 62 -46.02 -14.15 -7.53
CA PRO D 62 -45.89 -14.93 -6.30
C PRO D 62 -44.46 -15.47 -6.11
N VAL D 63 -44.13 -15.82 -4.87
CA VAL D 63 -42.74 -16.20 -4.51
C VAL D 63 -42.68 -17.28 -3.43
N ILE D 64 -41.62 -18.07 -3.54
CA ILE D 64 -41.15 -18.92 -2.43
C ILE D 64 -40.00 -18.15 -1.74
N ALA D 65 -40.29 -17.60 -0.57
CA ALA D 65 -39.29 -16.87 0.24
C ALA D 65 -38.41 -17.85 1.02
N GLY D 66 -37.70 -17.37 2.05
CA GLY D 66 -36.72 -18.20 2.78
C GLY D 66 -35.32 -18.03 2.20
N HIS D 67 -34.37 -17.63 3.04
CA HIS D 67 -32.96 -17.44 2.60
C HIS D 67 -31.93 -17.85 3.65
N GLU D 68 -32.36 -18.27 4.83
CA GLU D 68 -31.47 -18.69 5.95
C GLU D 68 -31.67 -20.18 6.17
N ALA D 69 -30.83 -21.06 5.61
CA ALA D 69 -31.21 -22.50 5.57
C ALA D 69 -29.95 -23.38 5.38
N ALA D 70 -30.16 -24.68 5.50
CA ALA D 70 -29.16 -25.71 5.26
C ALA D 70 -29.90 -26.97 4.79
N GLY D 71 -29.23 -27.72 3.94
CA GLY D 71 -29.84 -28.90 3.33
C GLY D 71 -28.78 -29.82 2.78
N ILE D 72 -29.23 -30.80 1.99
CA ILE D 72 -28.35 -31.86 1.44
C ILE D 72 -28.60 -31.86 -0.06
N VAL D 73 -27.54 -31.88 -0.85
CA VAL D 73 -27.64 -31.92 -2.31
C VAL D 73 -28.32 -33.21 -2.74
N GLU D 74 -29.43 -33.08 -3.45
CA GLU D 74 -30.12 -34.23 -4.10
C GLU D 74 -29.46 -34.52 -5.44
N SER D 75 -29.19 -33.51 -6.26
CA SER D 75 -28.64 -33.71 -7.61
C SER D 75 -27.95 -32.42 -8.08
N ILE D 76 -27.07 -32.58 -9.07
CA ILE D 76 -26.31 -31.45 -9.64
C ILE D 76 -26.49 -31.43 -11.15
N GLY D 77 -26.48 -30.25 -11.72
CA GLY D 77 -26.52 -30.11 -13.19
C GLY D 77 -25.15 -30.33 -13.78
N GLU D 78 -25.12 -30.38 -15.12
CA GLU D 78 -23.92 -30.51 -15.95
C GLU D 78 -22.96 -29.39 -15.54
N GLY D 79 -21.72 -29.76 -15.28
CA GLY D 79 -20.67 -28.75 -15.15
C GLY D 79 -20.47 -28.30 -13.70
N VAL D 80 -21.33 -28.72 -12.77
CA VAL D 80 -21.12 -28.39 -11.32
C VAL D 80 -19.87 -29.10 -10.82
N THR D 81 -18.98 -28.39 -10.12
CA THR D 81 -17.71 -28.97 -9.64
C THR D 81 -17.55 -28.82 -8.14
N THR D 82 -18.30 -27.93 -7.47
CA THR D 82 -17.97 -27.52 -6.09
C THR D 82 -18.83 -28.21 -5.03
N VAL D 83 -19.89 -28.92 -5.45
CA VAL D 83 -20.70 -29.73 -4.49
C VAL D 83 -21.06 -31.03 -5.21
N ARG D 84 -21.37 -32.07 -4.46
CA ARG D 84 -21.80 -33.39 -5.03
C ARG D 84 -23.06 -33.82 -4.28
N PRO D 85 -23.86 -34.72 -4.89
CA PRO D 85 -24.98 -35.31 -4.19
C PRO D 85 -24.52 -35.86 -2.84
N GLY D 86 -25.30 -35.57 -1.81
CA GLY D 86 -25.10 -36.01 -0.43
C GLY D 86 -24.29 -35.02 0.37
N ASP D 87 -23.76 -33.97 -0.25
CA ASP D 87 -23.05 -32.93 0.54
C ASP D 87 -24.05 -32.07 1.31
N LYS D 88 -23.68 -31.73 2.51
CA LYS D 88 -24.35 -30.69 3.31
C LYS D 88 -23.96 -29.34 2.69
N VAL D 89 -24.96 -28.45 2.55
CA VAL D 89 -24.81 -27.14 1.85
C VAL D 89 -25.64 -26.09 2.61
N ILE D 90 -25.16 -24.85 2.52
CA ILE D 90 -25.92 -23.64 2.89
C ILE D 90 -26.08 -22.83 1.63
N PRO D 91 -27.34 -22.50 1.25
CA PRO D 91 -27.57 -21.57 0.15
C PRO D 91 -27.03 -20.20 0.54
N LEU D 92 -26.53 -19.47 -0.47
CA LEU D 92 -25.90 -18.15 -0.28
C LEU D 92 -26.83 -17.12 -0.91
N PHE D 93 -27.49 -16.30 -0.10
CA PHE D 93 -28.41 -15.30 -0.65
C PHE D 93 -27.62 -14.14 -1.31
N THR D 94 -26.37 -13.94 -0.87
CA THR D 94 -25.37 -13.12 -1.57
C THR D 94 -24.47 -14.11 -2.30
N PRO D 95 -24.47 -14.18 -3.64
CA PRO D 95 -23.61 -15.14 -4.30
C PRO D 95 -22.12 -14.76 -4.21
N GLN D 96 -21.27 -15.68 -4.68
CA GLN D 96 -19.83 -15.37 -4.91
C GLN D 96 -19.37 -16.04 -6.20
N CYS D 97 -19.52 -15.31 -7.30
CA CYS D 97 -19.09 -15.75 -8.65
C CYS D 97 -17.55 -15.93 -8.70
N GLY D 98 -16.78 -15.14 -7.97
CA GLY D 98 -15.30 -15.19 -7.95
C GLY D 98 -14.65 -14.56 -9.16
N LYS D 99 -15.39 -13.96 -10.10
CA LYS D 99 -14.87 -13.42 -11.38
C LYS D 99 -15.12 -11.92 -11.52
N CYS D 100 -16.08 -11.35 -10.81
CA CYS D 100 -16.49 -9.94 -11.01
C CYS D 100 -15.55 -9.02 -10.23
N ARG D 101 -15.61 -7.73 -10.53
CA ARG D 101 -14.67 -6.76 -9.88
C ARG D 101 -14.90 -6.78 -8.36
N VAL D 102 -16.13 -7.01 -7.88
CA VAL D 102 -16.33 -7.02 -6.42
C VAL D 102 -15.70 -8.27 -5.83
N CYS D 103 -15.98 -9.44 -6.44
CA CYS D 103 -15.50 -10.73 -5.90
C CYS D 103 -13.95 -10.67 -5.84
N LYS D 104 -13.33 -9.95 -6.76
CA LYS D 104 -11.83 -9.85 -6.82
C LYS D 104 -11.31 -8.78 -5.86
N HIS D 105 -12.14 -7.91 -5.37
CA HIS D 105 -11.68 -6.82 -4.47
C HIS D 105 -11.50 -7.37 -3.07
N PRO D 106 -10.43 -7.01 -2.34
CA PRO D 106 -10.22 -7.59 -1.02
C PRO D 106 -11.32 -7.34 0.02
N GLU D 107 -12.10 -6.25 -0.10
N GLU D 107 -12.05 -6.22 -0.07
CA GLU D 107 -13.09 -5.78 0.90
CA GLU D 107 -13.05 -5.82 0.94
C GLU D 107 -14.53 -5.84 0.37
C GLU D 107 -14.43 -6.31 0.46
N GLY D 108 -14.74 -6.32 -0.83
N GLY D 108 -14.73 -6.19 -0.83
CA GLY D 108 -16.08 -6.33 -1.43
C GLY D 108 -16.73 -7.70 -1.24
N ASN D 109 -18.06 -7.73 -0.99
CA ASN D 109 -18.79 -9.03 -0.93
C ASN D 109 -20.06 -8.98 -1.76
N PHE D 110 -20.52 -7.80 -2.17
CA PHE D 110 -21.81 -7.68 -2.89
C PHE D 110 -21.61 -8.01 -4.37
N CYS D 111 -21.45 -9.30 -4.65
CA CYS D 111 -21.18 -9.88 -5.99
C CYS D 111 -22.18 -9.31 -6.98
N LEU D 112 -21.70 -8.92 -8.17
CA LEU D 112 -22.55 -8.32 -9.22
C LEU D 112 -23.58 -9.29 -9.74
N LYS D 113 -23.53 -10.58 -9.41
CA LYS D 113 -24.60 -11.56 -9.82
C LYS D 113 -25.74 -11.63 -8.80
N ASN D 114 -25.73 -10.80 -7.75
CA ASN D 114 -26.79 -10.79 -6.72
C ASN D 114 -28.15 -10.47 -7.36
N ASP D 115 -29.21 -10.96 -6.73
CA ASP D 115 -30.61 -10.63 -7.03
C ASP D 115 -31.21 -9.73 -5.94
N LEU D 116 -30.40 -8.93 -5.27
CA LEU D 116 -30.89 -8.02 -4.18
C LEU D 116 -31.16 -6.65 -4.80
N SER D 117 -30.25 -6.09 -5.60
CA SER D 117 -30.29 -4.69 -6.09
C SER D 117 -31.54 -4.43 -6.93
N MET D 118 -31.83 -5.29 -7.89
CA MET D 118 -32.97 -5.08 -8.80
C MET D 118 -33.62 -6.46 -8.99
N PRO D 119 -34.32 -6.91 -7.94
CA PRO D 119 -34.72 -8.30 -7.84
C PRO D 119 -35.59 -8.74 -9.00
N ARG D 120 -35.15 -9.81 -9.64
CA ARG D 120 -35.84 -10.49 -10.77
C ARG D 120 -36.63 -11.68 -10.20
N GLY D 121 -36.21 -12.29 -9.09
CA GLY D 121 -36.90 -13.48 -8.57
C GLY D 121 -36.75 -14.70 -9.51
N THR D 122 -35.59 -14.88 -10.13
CA THR D 122 -35.30 -15.99 -11.05
C THR D 122 -33.97 -16.65 -10.67
N MET D 123 -33.67 -17.73 -11.39
CA MET D 123 -32.32 -18.31 -11.48
C MET D 123 -31.44 -17.32 -12.24
N GLN D 124 -30.14 -17.59 -12.32
CA GLN D 124 -29.23 -16.73 -13.12
C GLN D 124 -29.67 -16.66 -14.59
N ASP D 125 -30.26 -17.74 -15.13
CA ASP D 125 -30.69 -17.74 -16.56
C ASP D 125 -32.01 -16.99 -16.78
N GLY D 126 -32.57 -16.32 -15.78
CA GLY D 126 -33.78 -15.50 -15.98
C GLY D 126 -35.07 -16.30 -15.95
N THR D 127 -35.00 -17.58 -15.62
CA THR D 127 -36.18 -18.49 -15.56
C THR D 127 -36.36 -19.04 -14.15
N SER D 128 -37.51 -19.65 -13.89
CA SER D 128 -37.87 -20.25 -12.59
C SER D 128 -37.92 -21.78 -12.68
N ARG D 129 -37.56 -22.47 -11.60
CA ARG D 129 -37.61 -23.97 -11.50
C ARG D 129 -38.87 -24.43 -10.77
N PHE D 130 -39.70 -23.49 -10.32
CA PHE D 130 -40.93 -23.74 -9.52
C PHE D 130 -42.22 -23.47 -10.30
N THR D 131 -43.13 -24.42 -10.15
N THR D 131 -43.16 -24.42 -10.28
CA THR D 131 -44.49 -24.35 -10.68
CA THR D 131 -44.54 -24.16 -10.74
C THR D 131 -45.50 -24.65 -9.57
C THR D 131 -45.51 -24.66 -9.68
N CYS D 132 -46.62 -23.94 -9.55
CA CYS D 132 -47.74 -24.31 -8.67
C CYS D 132 -49.01 -24.26 -9.53
N ARG D 133 -49.73 -25.37 -9.65
CA ARG D 133 -50.87 -25.50 -10.60
C ARG D 133 -50.59 -24.78 -11.91
N GLY D 134 -49.49 -25.11 -12.58
CA GLY D 134 -49.16 -24.61 -13.93
C GLY D 134 -48.59 -23.20 -13.94
N LYS D 135 -48.57 -22.50 -12.80
CA LYS D 135 -48.18 -21.09 -12.75
C LYS D 135 -46.74 -21.03 -12.27
N PRO D 136 -45.86 -20.30 -12.97
CA PRO D 136 -44.48 -20.15 -12.50
C PRO D 136 -44.46 -19.40 -11.15
N ILE D 137 -43.57 -19.82 -10.26
CA ILE D 137 -43.40 -19.14 -8.96
C ILE D 137 -41.98 -18.57 -8.91
N HIS D 138 -41.90 -17.33 -8.45
CA HIS D 138 -40.61 -16.65 -8.35
C HIS D 138 -39.73 -17.28 -7.26
N HIS D 139 -38.42 -17.23 -7.50
CA HIS D 139 -37.39 -17.44 -6.50
C HIS D 139 -37.19 -16.14 -5.70
N PHE D 140 -36.40 -16.26 -4.61
CA PHE D 140 -36.14 -15.16 -3.68
C PHE D 140 -34.66 -15.18 -3.41
N LEU D 141 -33.98 -14.14 -3.84
CA LEU D 141 -32.53 -13.97 -3.53
C LEU D 141 -31.71 -15.18 -4.03
N GLY D 142 -32.16 -15.86 -5.09
CA GLY D 142 -31.44 -17.03 -5.60
C GLY D 142 -31.39 -18.18 -4.57
N THR D 143 -32.28 -18.22 -3.59
CA THR D 143 -32.28 -19.25 -2.54
C THR D 143 -33.62 -19.98 -2.48
N SER D 144 -34.66 -19.35 -2.00
CA SER D 144 -36.04 -19.94 -1.92
C SER D 144 -36.04 -21.20 -1.03
N THR D 145 -35.88 -21.00 0.26
CA THR D 145 -35.64 -22.08 1.21
C THR D 145 -36.93 -22.53 1.93
N PHE D 146 -38.07 -21.86 1.71
CA PHE D 146 -39.36 -22.29 2.30
C PHE D 146 -39.99 -23.33 1.39
N SER D 147 -39.24 -24.40 1.14
CA SER D 147 -39.65 -25.50 0.25
C SER D 147 -38.90 -26.76 0.62
N GLN D 148 -39.54 -27.92 0.54
CA GLN D 148 -38.83 -29.19 0.78
C GLN D 148 -37.65 -29.34 -0.16
N TYR D 149 -37.74 -28.86 -1.39
CA TYR D 149 -36.62 -28.89 -2.37
C TYR D 149 -36.48 -27.52 -3.03
N THR D 150 -35.25 -27.05 -3.23
CA THR D 150 -35.02 -25.82 -4.03
C THR D 150 -33.88 -26.09 -5.01
N VAL D 151 -33.81 -25.27 -6.04
CA VAL D 151 -32.73 -25.30 -7.05
C VAL D 151 -32.03 -23.95 -6.97
N VAL D 152 -30.73 -24.00 -6.83
CA VAL D 152 -29.91 -22.75 -6.77
C VAL D 152 -28.80 -22.83 -7.78
N ASP D 153 -28.33 -21.66 -8.17
CA ASP D 153 -27.07 -21.54 -8.95
C ASP D 153 -25.86 -22.00 -8.09
N GLU D 154 -24.86 -22.58 -8.76
CA GLU D 154 -23.62 -23.06 -8.09
C GLU D 154 -22.94 -21.91 -7.34
N ILE D 155 -23.01 -20.69 -7.86
CA ILE D 155 -22.35 -19.53 -7.15
C ILE D 155 -23.14 -19.12 -5.92
N SER D 156 -24.31 -19.73 -5.70
CA SER D 156 -25.21 -19.43 -4.55
C SER D 156 -25.32 -20.62 -3.63
N VAL D 157 -24.29 -21.47 -3.59
CA VAL D 157 -24.25 -22.55 -2.58
C VAL D 157 -22.81 -22.86 -2.16
N ALA D 158 -22.67 -23.19 -0.89
CA ALA D 158 -21.37 -23.60 -0.32
C ALA D 158 -21.51 -24.95 0.39
N LYS D 159 -20.58 -25.84 0.10
CA LYS D 159 -20.41 -27.12 0.81
C LYS D 159 -19.91 -26.80 2.20
N ILE D 160 -20.45 -27.49 3.19
CA ILE D 160 -20.01 -27.33 4.59
C ILE D 160 -19.67 -28.70 5.21
N ASP D 161 -19.10 -28.67 6.41
CA ASP D 161 -18.61 -29.87 7.14
C ASP D 161 -19.72 -30.96 7.13
N ALA D 162 -19.41 -32.16 6.68
CA ALA D 162 -20.31 -33.35 6.64
C ALA D 162 -20.92 -33.67 8.02
N ALA D 163 -20.31 -33.25 9.12
CA ALA D 163 -20.77 -33.56 10.49
C ALA D 163 -21.55 -32.41 11.11
N SER D 164 -21.77 -31.31 10.35
CA SER D 164 -22.47 -30.08 10.82
C SER D 164 -23.89 -30.40 11.26
N PRO D 165 -24.37 -29.89 12.42
CA PRO D 165 -25.80 -29.98 12.77
C PRO D 165 -26.64 -28.92 12.03
N LEU D 166 -27.43 -29.35 11.03
CA LEU D 166 -28.04 -28.40 10.08
C LEU D 166 -29.12 -27.55 10.79
N GLU D 167 -29.70 -28.04 11.92
CA GLU D 167 -30.78 -27.32 12.63
C GLU D 167 -30.21 -26.11 13.38
N LYS D 168 -28.89 -26.01 13.52
CA LYS D 168 -28.19 -24.82 14.11
C LYS D 168 -27.45 -24.04 13.04
N VAL D 169 -26.68 -24.70 12.17
CA VAL D 169 -25.79 -23.95 11.25
C VAL D 169 -26.58 -23.24 10.12
N CYS D 170 -27.86 -23.54 9.89
CA CYS D 170 -28.71 -22.73 8.98
C CYS D 170 -28.56 -21.24 9.34
N LEU D 171 -28.35 -20.87 10.62
CA LEU D 171 -28.24 -19.42 10.99
C LEU D 171 -26.99 -18.76 10.41
N ILE D 172 -25.99 -19.51 10.03
CA ILE D 172 -24.78 -18.95 9.35
C ILE D 172 -25.17 -18.50 7.92
N GLY D 173 -26.29 -18.99 7.41
CA GLY D 173 -26.88 -18.56 6.15
C GLY D 173 -27.40 -17.13 6.17
N CYS D 174 -27.69 -16.53 7.33
CA CYS D 174 -28.06 -15.07 7.32
C CYS D 174 -27.78 -14.45 8.68
N GLY D 175 -28.61 -14.72 9.69
CA GLY D 175 -28.68 -13.83 10.86
C GLY D 175 -27.36 -13.78 11.61
N PHE D 176 -26.76 -14.93 11.88
CA PHE D 176 -25.53 -14.94 12.70
C PHE D 176 -24.42 -14.22 11.91
N SER D 177 -24.17 -14.65 10.67
CA SER D 177 -23.01 -14.17 9.90
C SER D 177 -23.17 -12.66 9.70
N THR D 178 -24.40 -12.22 9.47
CA THR D 178 -24.67 -10.78 9.20
C THR D 178 -24.28 -10.00 10.45
N GLY D 179 -24.84 -10.36 11.60
CA GLY D 179 -24.61 -9.57 12.83
C GLY D 179 -23.14 -9.60 13.20
N TYR D 180 -22.58 -10.78 13.26
CA TYR D 180 -21.19 -11.00 13.72
C TYR D 180 -20.23 -10.23 12.80
N GLY D 181 -20.32 -10.44 11.50
CA GLY D 181 -19.46 -9.76 10.53
C GLY D 181 -19.66 -8.25 10.58
N SER D 182 -20.87 -7.77 10.81
CA SER D 182 -21.11 -6.30 10.88
C SER D 182 -20.24 -5.71 11.97
N ALA D 183 -20.06 -6.44 13.09
CA ALA D 183 -19.19 -5.93 14.19
C ALA D 183 -17.70 -6.12 13.85
N VAL D 184 -17.32 -7.32 13.48
CA VAL D 184 -15.89 -7.70 13.46
C VAL D 184 -15.23 -7.28 12.15
N LYS D 185 -15.96 -7.31 11.05
CA LYS D 185 -15.38 -7.11 9.71
C LYS D 185 -15.73 -5.69 9.23
N VAL D 186 -16.97 -5.25 9.38
CA VAL D 186 -17.44 -4.00 8.71
C VAL D 186 -17.11 -2.81 9.63
N ALA D 187 -17.63 -2.80 10.87
CA ALA D 187 -17.23 -1.80 11.88
C ALA D 187 -15.75 -1.97 12.29
N LYS D 188 -15.21 -3.19 12.40
CA LYS D 188 -13.85 -3.42 12.96
C LYS D 188 -13.85 -2.83 14.36
N VAL D 189 -14.81 -3.26 15.19
CA VAL D 189 -14.85 -2.93 16.64
C VAL D 189 -13.48 -3.25 17.29
N THR D 190 -13.01 -2.30 18.08
CA THR D 190 -11.71 -2.32 18.76
C THR D 190 -11.85 -2.73 20.24
N GLN D 191 -10.79 -3.34 20.77
CA GLN D 191 -10.63 -3.70 22.22
C GLN D 191 -10.85 -2.45 23.06
N GLY D 192 -11.77 -2.51 24.04
CA GLY D 192 -12.02 -1.45 25.03
C GLY D 192 -13.03 -0.42 24.62
N SER D 193 -13.60 -0.55 23.44
CA SER D 193 -14.54 0.45 22.88
C SER D 193 -15.93 0.39 23.51
N THR D 194 -16.73 1.42 23.25
CA THR D 194 -18.16 1.46 23.60
C THR D 194 -18.99 1.35 22.32
N CYS D 195 -19.88 0.39 22.34
CA CYS D 195 -20.78 0.03 21.24
C CYS D 195 -22.26 0.25 21.62
N ALA D 196 -23.07 0.70 20.67
CA ALA D 196 -24.54 0.79 20.82
C ALA D 196 -25.17 -0.04 19.70
N VAL D 197 -26.08 -0.92 20.07
CA VAL D 197 -26.77 -1.84 19.13
C VAL D 197 -28.27 -1.56 19.18
N PHE D 198 -28.83 -1.03 18.09
CA PHE D 198 -30.27 -0.71 17.99
C PHE D 198 -30.98 -1.93 17.40
N GLY D 199 -31.83 -2.59 18.19
CA GLY D 199 -32.53 -3.80 17.74
C GLY D 199 -31.86 -5.04 18.28
N LEU D 200 -32.63 -5.86 19.02
CA LEU D 200 -32.08 -7.00 19.76
C LEU D 200 -32.81 -8.27 19.33
N GLY D 201 -33.06 -8.39 18.03
CA GLY D 201 -33.52 -9.65 17.44
C GLY D 201 -32.35 -10.53 17.07
N GLY D 202 -32.54 -11.55 16.22
CA GLY D 202 -31.44 -12.49 15.95
C GLY D 202 -30.18 -11.79 15.46
N VAL D 203 -30.38 -10.79 14.60
CA VAL D 203 -29.21 -10.11 13.96
C VAL D 203 -28.51 -9.23 14.99
N GLY D 204 -29.26 -8.47 15.77
CA GLY D 204 -28.69 -7.55 16.74
C GLY D 204 -27.99 -8.32 17.82
N LEU D 205 -28.52 -9.49 18.22
CA LEU D 205 -27.80 -10.32 19.21
C LEU D 205 -26.48 -10.82 18.61
N SER D 206 -26.49 -11.17 17.33
CA SER D 206 -25.25 -11.57 16.63
C SER D 206 -24.24 -10.41 16.56
N VAL D 207 -24.71 -9.19 16.39
CA VAL D 207 -23.85 -7.96 16.47
C VAL D 207 -23.21 -7.87 17.87
N ILE D 208 -24.01 -8.04 18.92
CA ILE D 208 -23.46 -8.05 20.31
C ILE D 208 -22.40 -9.15 20.45
N MET D 209 -22.70 -10.36 19.98
CA MET D 209 -21.71 -11.47 20.02
C MET D 209 -20.40 -11.00 19.37
N GLY D 210 -20.48 -10.26 18.25
CA GLY D 210 -19.27 -9.81 17.57
C GLY D 210 -18.55 -8.73 18.35
N CYS D 211 -19.31 -7.83 18.94
CA CYS D 211 -18.72 -6.70 19.70
C CYS D 211 -17.97 -7.31 20.89
N LYS D 212 -18.56 -8.33 21.49
CA LYS D 212 -17.92 -8.94 22.67
C LYS D 212 -16.67 -9.71 22.23
N ALA D 213 -16.73 -10.48 21.13
CA ALA D 213 -15.57 -11.22 20.61
C ALA D 213 -14.41 -10.26 20.24
N ALA D 214 -14.73 -9.03 19.83
CA ALA D 214 -13.74 -8.01 19.42
C ALA D 214 -13.19 -7.27 20.64
N GLY D 215 -13.76 -7.51 21.83
CA GLY D 215 -13.22 -6.99 23.08
C GLY D 215 -13.79 -5.66 23.46
N ALA D 216 -15.01 -5.32 23.00
CA ALA D 216 -15.69 -4.08 23.47
C ALA D 216 -15.76 -4.07 25.00
N ALA D 217 -15.60 -2.90 25.62
CA ALA D 217 -15.69 -2.74 27.10
C ALA D 217 -17.15 -2.54 27.48
N ARG D 218 -17.92 -1.83 26.68
CA ARG D 218 -19.36 -1.54 26.90
C ARG D 218 -20.14 -1.79 25.61
N ILE D 219 -21.28 -2.40 25.78
CA ILE D 219 -22.21 -2.79 24.68
C ILE D 219 -23.61 -2.45 25.16
N ILE D 220 -24.15 -1.33 24.67
CA ILE D 220 -25.48 -0.83 25.10
C ILE D 220 -26.50 -1.32 24.08
N GLY D 221 -27.40 -2.21 24.47
CA GLY D 221 -28.54 -2.64 23.64
C GLY D 221 -29.66 -1.62 23.71
N VAL D 222 -30.35 -1.39 22.60
CA VAL D 222 -31.53 -0.48 22.50
C VAL D 222 -32.66 -1.24 21.84
N ASP D 223 -33.80 -1.35 22.51
CA ASP D 223 -35.02 -1.99 21.94
C ASP D 223 -36.24 -1.37 22.66
N ILE D 224 -37.33 -1.19 21.94
CA ILE D 224 -38.65 -0.78 22.51
C ILE D 224 -39.38 -1.98 23.15
N ASN D 225 -38.83 -3.19 23.03
CA ASN D 225 -39.37 -4.42 23.66
C ASN D 225 -38.43 -4.87 24.75
N LYS D 226 -38.76 -4.52 26.00
CA LYS D 226 -37.88 -4.80 27.14
C LYS D 226 -37.74 -6.31 27.35
N ASP D 227 -38.62 -7.13 26.76
CA ASP D 227 -38.51 -8.60 26.96
C ASP D 227 -37.23 -9.11 26.24
N LYS D 228 -36.66 -8.28 25.32
CA LYS D 228 -35.43 -8.66 24.55
C LYS D 228 -34.15 -8.42 25.36
N PHE D 229 -34.19 -7.78 26.53
CA PHE D 229 -32.97 -7.33 27.26
C PHE D 229 -32.22 -8.50 27.93
N ALA D 230 -32.95 -9.46 28.52
CA ALA D 230 -32.29 -10.53 29.29
C ALA D 230 -31.32 -11.29 28.37
N LYS D 231 -31.78 -11.65 27.16
CA LYS D 231 -30.99 -12.47 26.19
C LYS D 231 -29.78 -11.60 25.69
N ALA D 232 -30.01 -10.33 25.46
CA ALA D 232 -28.97 -9.38 25.03
C ALA D 232 -27.83 -9.34 26.07
N LYS D 233 -28.19 -9.24 27.35
CA LYS D 233 -27.17 -9.31 28.44
C LYS D 233 -26.49 -10.70 28.44
N GLU D 234 -27.22 -11.79 28.23
CA GLU D 234 -26.58 -13.11 28.32
C GLU D 234 -25.45 -13.18 27.26
N VAL D 235 -25.60 -12.59 26.06
CA VAL D 235 -24.60 -12.73 24.95
C VAL D 235 -23.61 -11.54 24.93
N GLY D 236 -23.74 -10.59 25.85
CA GLY D 236 -22.66 -9.65 26.14
C GLY D 236 -23.08 -8.22 26.33
N ALA D 237 -24.37 -7.87 26.23
CA ALA D 237 -24.78 -6.46 26.49
C ALA D 237 -24.46 -6.11 27.95
N THR D 238 -23.89 -4.94 28.18
CA THR D 238 -23.55 -4.49 29.55
C THR D 238 -24.70 -3.63 30.12
N GLU D 239 -25.52 -3.04 29.26
CA GLU D 239 -26.70 -2.22 29.65
C GLU D 239 -27.68 -2.30 28.49
N CYS D 240 -28.97 -2.14 28.78
CA CYS D 240 -30.05 -2.06 27.77
C CYS D 240 -30.94 -0.87 28.13
N VAL D 241 -31.39 -0.15 27.12
CA VAL D 241 -32.28 1.02 27.29
C VAL D 241 -33.44 0.86 26.35
N ASN D 242 -34.60 1.31 26.83
CA ASN D 242 -35.86 1.34 26.06
C ASN D 242 -36.22 2.79 25.77
N PRO D 243 -36.15 3.21 24.49
CA PRO D 243 -36.46 4.61 24.14
C PRO D 243 -37.79 5.11 24.70
N GLN D 244 -38.79 4.22 24.79
CA GLN D 244 -40.17 4.55 25.26
C GLN D 244 -40.16 4.93 26.75
N ASP D 245 -39.08 4.61 27.48
CA ASP D 245 -38.96 4.95 28.93
C ASP D 245 -38.63 6.42 29.15
N TYR D 246 -38.17 7.13 28.11
CA TYR D 246 -37.55 8.48 28.25
C TYR D 246 -38.40 9.55 27.58
N LYS D 247 -38.35 10.73 28.17
CA LYS D 247 -39.09 11.91 27.67
C LYS D 247 -38.17 12.75 26.79
N LYS D 248 -36.97 12.27 26.45
CA LYS D 248 -36.09 12.95 25.47
C LYS D 248 -35.58 11.92 24.46
N PRO D 249 -35.12 12.37 23.27
CA PRO D 249 -34.63 11.48 22.22
C PRO D 249 -33.50 10.60 22.76
N ILE D 250 -33.50 9.34 22.38
CA ILE D 250 -32.52 8.34 22.86
C ILE D 250 -31.11 8.72 22.37
N GLN D 251 -30.93 9.47 21.28
CA GLN D 251 -29.54 9.86 20.87
C GLN D 251 -28.92 10.70 22.00
N GLU D 252 -29.72 11.54 22.67
CA GLU D 252 -29.22 12.30 23.86
C GLU D 252 -28.89 11.40 25.05
N VAL D 253 -29.81 10.48 25.39
CA VAL D 253 -29.57 9.54 26.50
C VAL D 253 -28.23 8.89 26.17
N LEU D 254 -28.04 8.41 24.93
CA LEU D 254 -26.84 7.56 24.66
C LEU D 254 -25.57 8.42 24.67
N THR D 255 -25.64 9.62 24.12
CA THR D 255 -24.52 10.59 24.11
C THR D 255 -24.06 10.85 25.55
N GLU D 256 -24.99 11.10 26.47
CA GLU D 256 -24.64 11.32 27.91
C GLU D 256 -24.08 10.06 28.56
N MET D 257 -24.66 8.90 28.29
CA MET D 257 -24.27 7.62 28.92
C MET D 257 -22.82 7.29 28.53
N SER D 258 -22.43 7.68 27.30
CA SER D 258 -21.10 7.37 26.72
C SER D 258 -20.15 8.56 26.83
N ASN D 259 -20.49 9.64 27.55
CA ASN D 259 -19.60 10.79 27.85
C ASN D 259 -19.21 11.46 26.53
N GLY D 260 -20.22 11.58 25.65
CA GLY D 260 -20.26 12.43 24.43
C GLY D 260 -20.23 11.61 23.14
N GLY D 261 -20.65 10.34 23.16
CA GLY D 261 -20.89 9.52 21.95
C GLY D 261 -20.15 8.20 21.98
N VAL D 262 -20.73 7.16 21.32
CA VAL D 262 -20.18 5.78 21.32
C VAL D 262 -19.15 5.69 20.19
N ASP D 263 -18.24 4.73 20.32
CA ASP D 263 -17.22 4.43 19.29
C ASP D 263 -17.87 3.75 18.07
N PHE D 264 -18.82 2.89 18.28
CA PHE D 264 -19.48 2.12 17.21
C PHE D 264 -20.94 1.99 17.52
N SER D 265 -21.78 2.30 16.54
CA SER D 265 -23.22 2.09 16.63
C SER D 265 -23.73 1.32 15.43
N PHE D 266 -24.80 0.56 15.67
CA PHE D 266 -25.35 -0.38 14.67
C PHE D 266 -26.85 -0.17 14.62
N GLU D 267 -27.40 0.04 13.44
CA GLU D 267 -28.86 0.04 13.25
C GLU D 267 -29.25 -1.34 12.73
N VAL D 268 -29.95 -2.07 13.56
CA VAL D 268 -30.32 -3.49 13.28
C VAL D 268 -31.83 -3.64 13.45
N ILE D 269 -32.56 -2.72 12.85
CA ILE D 269 -34.05 -2.71 12.89
C ILE D 269 -34.65 -2.63 11.47
N GLY D 270 -34.37 -1.52 10.80
CA GLY D 270 -34.96 -1.19 9.48
C GLY D 270 -35.90 -0.02 9.52
N ARG D 271 -35.52 1.02 10.25
CA ARG D 271 -36.33 2.28 10.24
C ARG D 271 -35.42 3.48 9.90
N LEU D 272 -35.91 4.37 9.04
CA LEU D 272 -35.19 5.61 8.66
C LEU D 272 -34.81 6.39 9.92
N ASP D 273 -35.70 6.55 10.90
CA ASP D 273 -35.41 7.42 12.06
C ASP D 273 -34.32 6.82 12.93
N THR D 274 -34.33 5.52 13.14
CA THR D 274 -33.27 4.88 13.94
C THR D 274 -31.91 4.91 13.21
N MET D 275 -31.91 4.91 11.88
CA MET D 275 -30.63 4.98 11.14
C MET D 275 -30.01 6.34 11.49
N VAL D 276 -30.83 7.36 11.54
CA VAL D 276 -30.30 8.74 11.78
C VAL D 276 -29.89 8.83 13.28
N THR D 277 -30.70 8.29 14.17
CA THR D 277 -30.39 8.27 15.62
C THR D 277 -29.08 7.55 15.88
N ALA D 278 -28.88 6.41 15.23
CA ALA D 278 -27.70 5.57 15.49
C ALA D 278 -26.47 6.35 15.03
N LEU D 279 -26.57 7.03 13.90
CA LEU D 279 -25.46 7.84 13.37
C LEU D 279 -25.14 8.95 14.40
N SER D 280 -26.17 9.62 14.85
CA SER D 280 -26.03 10.78 15.76
C SER D 280 -25.34 10.35 17.05
N CYS D 281 -25.65 9.17 17.58
CA CYS D 281 -25.16 8.77 18.92
CA CYS D 281 -25.18 8.63 18.87
C CYS D 281 -23.69 8.32 18.87
N CYS D 282 -23.09 8.17 17.69
CA CYS D 282 -21.62 7.88 17.68
CA CYS D 282 -21.62 7.94 17.51
C CYS D 282 -20.90 9.22 17.79
N GLN D 283 -19.70 9.15 18.39
CA GLN D 283 -18.89 10.36 18.71
C GLN D 283 -18.69 11.14 17.40
N GLU D 284 -18.89 12.46 17.42
CA GLU D 284 -18.94 13.33 16.22
C GLU D 284 -17.60 13.34 15.47
N ALA D 285 -16.44 13.09 16.13
CA ALA D 285 -15.12 13.27 15.51
C ALA D 285 -14.58 11.94 14.98
N TYR D 286 -14.91 10.80 15.60
CA TYR D 286 -14.25 9.51 15.23
C TYR D 286 -15.20 8.30 15.36
N GLY D 287 -16.48 8.55 15.58
CA GLY D 287 -17.50 7.50 15.69
C GLY D 287 -17.78 6.80 14.35
N VAL D 288 -18.17 5.56 14.43
CA VAL D 288 -18.54 4.75 13.23
C VAL D 288 -19.95 4.25 13.45
N SER D 289 -20.82 4.38 12.43
CA SER D 289 -22.20 3.84 12.49
C SER D 289 -22.43 2.91 11.30
N VAL D 290 -22.92 1.71 11.58
CA VAL D 290 -23.17 0.70 10.51
C VAL D 290 -24.67 0.46 10.41
N ILE D 291 -25.22 0.61 9.21
CA ILE D 291 -26.63 0.23 8.91
C ILE D 291 -26.63 -1.24 8.55
N VAL D 292 -27.49 -1.98 9.25
CA VAL D 292 -27.73 -3.42 8.99
C VAL D 292 -29.21 -3.59 8.59
N GLY D 293 -30.12 -2.88 9.24
CA GLY D 293 -31.57 -3.02 9.00
C GLY D 293 -31.98 -2.62 7.60
N VAL D 294 -33.00 -3.32 7.10
CA VAL D 294 -33.59 -3.02 5.77
C VAL D 294 -34.83 -2.16 5.97
N PRO D 295 -34.84 -0.93 5.43
CA PRO D 295 -35.97 -0.03 5.58
C PRO D 295 -36.97 -0.18 4.44
N PRO D 296 -38.18 0.46 4.56
CA PRO D 296 -39.24 0.37 3.58
C PRO D 296 -38.76 0.84 2.20
N ASP D 297 -39.10 0.04 1.23
CA ASP D 297 -38.80 0.27 -0.19
C ASP D 297 -39.02 1.72 -0.60
N SER D 298 -38.01 2.27 -1.28
CA SER D 298 -38.09 3.56 -2.03
C SER D 298 -38.26 4.75 -1.06
N GLN D 299 -38.08 4.59 0.25
CA GLN D 299 -38.21 5.76 1.15
C GLN D 299 -36.83 6.31 1.50
N ASN D 300 -36.72 7.63 1.47
CA ASN D 300 -35.44 8.33 1.73
C ASN D 300 -35.44 8.86 3.14
N LEU D 301 -34.27 8.77 3.76
CA LEU D 301 -34.08 9.44 5.05
C LEU D 301 -33.66 10.89 4.79
N SER D 302 -33.82 11.66 5.83
CA SER D 302 -33.42 13.08 5.89
C SER D 302 -32.35 13.22 6.97
N MET D 303 -31.22 13.86 6.64
CA MET D 303 -30.17 14.05 7.65
C MET D 303 -29.31 15.27 7.31
N ASN D 304 -28.72 15.81 8.36
CA ASN D 304 -27.83 16.99 8.29
C ASN D 304 -26.41 16.50 8.08
N PRO D 305 -25.80 16.83 6.93
CA PRO D 305 -24.45 16.36 6.63
C PRO D 305 -23.37 16.88 7.58
N MET D 306 -23.69 17.86 8.43
CA MET D 306 -22.75 18.27 9.48
C MET D 306 -22.45 17.07 10.38
N LEU D 307 -23.35 16.06 10.47
CA LEU D 307 -23.05 14.88 11.31
C LEU D 307 -21.80 14.17 10.77
N LEU D 308 -21.62 14.20 9.45
CA LEU D 308 -20.46 13.53 8.81
C LEU D 308 -19.25 14.49 8.77
N LEU D 309 -19.45 15.77 8.45
CA LEU D 309 -18.29 16.70 8.29
C LEU D 309 -17.42 16.73 9.55
N SER D 310 -17.98 16.57 10.75
CA SER D 310 -17.23 16.63 12.01
C SER D 310 -16.25 15.43 12.11
N GLY D 311 -16.48 14.38 11.33
CA GLY D 311 -15.57 13.21 11.27
C GLY D 311 -16.25 11.85 11.37
N ARG D 312 -17.54 11.75 11.58
CA ARG D 312 -18.18 10.40 11.63
C ARG D 312 -17.98 9.64 10.33
N THR D 313 -18.09 8.33 10.45
CA THR D 313 -18.11 7.37 9.32
C THR D 313 -19.43 6.63 9.34
N TRP D 314 -20.10 6.59 8.22
CA TRP D 314 -21.40 5.87 8.10
C TRP D 314 -21.23 4.81 7.03
N LYS D 315 -21.61 3.58 7.31
CA LYS D 315 -21.46 2.51 6.33
C LYS D 315 -22.63 1.55 6.51
N GLY D 316 -22.84 0.74 5.49
CA GLY D 316 -23.77 -0.40 5.57
C GLY D 316 -23.10 -1.63 5.02
N ALA D 317 -23.77 -2.77 5.13
CA ALA D 317 -23.28 -4.01 4.52
C ALA D 317 -24.44 -4.98 4.42
N ILE D 318 -24.25 -5.91 3.50
CA ILE D 318 -25.04 -7.12 3.34
C ILE D 318 -24.21 -8.29 3.89
N PHE D 319 -24.85 -9.17 4.62
CA PHE D 319 -24.23 -10.45 5.09
C PHE D 319 -22.92 -10.18 5.86
N GLY D 320 -22.92 -9.13 6.71
CA GLY D 320 -21.77 -8.79 7.55
C GLY D 320 -20.44 -8.57 6.79
N GLY D 321 -20.46 -8.25 5.49
CA GLY D 321 -19.28 -8.03 4.65
C GLY D 321 -18.55 -9.30 4.24
N PHE D 322 -19.08 -10.49 4.60
CA PHE D 322 -18.42 -11.76 4.25
C PHE D 322 -18.57 -12.07 2.76
N LYS D 323 -17.45 -12.43 2.09
CA LYS D 323 -17.44 -13.10 0.76
C LYS D 323 -18.07 -14.46 1.05
N SER D 324 -19.23 -14.72 0.46
CA SER D 324 -20.16 -15.73 1.01
C SER D 324 -19.59 -17.14 0.88
N LYS D 325 -19.11 -17.56 -0.29
CA LYS D 325 -18.68 -18.95 -0.51
C LYS D 325 -17.32 -19.23 0.12
N ASP D 326 -16.46 -18.22 0.21
CA ASP D 326 -15.23 -18.34 1.03
C ASP D 326 -15.61 -18.52 2.50
N SER D 327 -16.57 -17.75 2.99
CA SER D 327 -16.68 -17.52 4.46
C SER D 327 -17.57 -18.57 5.11
N VAL D 328 -18.61 -19.03 4.42
CA VAL D 328 -19.63 -19.88 5.09
C VAL D 328 -19.01 -21.17 5.57
N PRO D 329 -18.17 -21.88 4.75
CA PRO D 329 -17.60 -23.15 5.22
C PRO D 329 -16.65 -22.88 6.40
N LYS D 330 -15.93 -21.75 6.38
CA LYS D 330 -15.02 -21.34 7.50
C LYS D 330 -15.84 -21.07 8.77
N LEU D 331 -16.92 -20.31 8.67
CA LEU D 331 -17.80 -20.04 9.85
C LEU D 331 -18.35 -21.35 10.39
N VAL D 332 -18.69 -22.30 9.52
CA VAL D 332 -19.23 -23.60 10.00
C VAL D 332 -18.07 -24.30 10.74
N ALA D 333 -16.85 -24.37 10.18
CA ALA D 333 -15.70 -25.04 10.84
C ALA D 333 -15.46 -24.39 12.21
N ASP D 334 -15.52 -23.05 12.27
CA ASP D 334 -15.34 -22.28 13.52
C ASP D 334 -16.44 -22.62 14.52
N PHE D 335 -17.70 -22.75 14.09
CA PHE D 335 -18.78 -23.19 15.00
C PHE D 335 -18.45 -24.59 15.55
N MET D 336 -17.99 -25.50 14.67
CA MET D 336 -17.70 -26.92 15.05
C MET D 336 -16.53 -26.90 16.03
N ALA D 337 -15.61 -25.94 15.90
CA ALA D 337 -14.46 -25.69 16.79
C ALA D 337 -14.86 -24.88 18.05
N LYS D 338 -16.16 -24.63 18.29
CA LYS D 338 -16.74 -23.93 19.49
C LYS D 338 -16.24 -22.48 19.58
N LYS D 339 -15.97 -21.79 18.48
CA LYS D 339 -15.48 -20.39 18.53
C LYS D 339 -16.62 -19.42 18.81
N PHE D 340 -17.87 -19.80 18.57
CA PHE D 340 -19.08 -18.98 18.88
C PHE D 340 -20.24 -19.93 19.10
N ALA D 341 -21.33 -19.44 19.69
CA ALA D 341 -22.53 -20.22 20.00
C ALA D 341 -23.68 -19.74 19.10
N LEU D 342 -24.56 -20.66 18.69
CA LEU D 342 -25.81 -20.37 17.93
C LEU D 342 -27.05 -20.63 18.78
N ASP D 343 -27.00 -21.52 19.79
CA ASP D 343 -28.18 -21.86 20.63
C ASP D 343 -28.84 -20.62 21.23
N PRO D 344 -28.11 -19.56 21.62
CA PRO D 344 -28.80 -18.39 22.18
C PRO D 344 -29.78 -17.68 21.22
N LEU D 345 -29.59 -17.87 19.91
CA LEU D 345 -30.47 -17.24 18.90
C LEU D 345 -31.74 -18.06 18.71
N ILE D 346 -31.72 -19.34 19.07
CA ILE D 346 -32.83 -20.28 18.74
C ILE D 346 -33.77 -20.33 19.95
N THR D 347 -34.95 -19.75 19.82
CA THR D 347 -35.97 -19.72 20.90
C THR D 347 -37.13 -20.71 20.64
N HIS D 348 -37.38 -21.11 19.40
CA HIS D 348 -38.54 -21.95 18.99
C HIS D 348 -38.13 -22.85 17.83
N VAL D 349 -38.72 -24.03 17.81
CA VAL D 349 -38.53 -25.06 16.75
C VAL D 349 -39.94 -25.49 16.35
N LEU D 350 -40.21 -25.49 15.04
CA LEU D 350 -41.51 -25.93 14.48
C LEU D 350 -41.28 -26.75 13.24
N PRO D 351 -42.22 -27.68 12.97
CA PRO D 351 -42.22 -28.34 11.67
C PRO D 351 -42.55 -27.29 10.59
N PHE D 352 -42.00 -27.47 9.42
CA PHE D 352 -42.15 -26.56 8.29
C PHE D 352 -43.64 -26.17 8.09
N GLU D 353 -44.56 -27.13 8.17
CA GLU D 353 -45.99 -26.93 7.85
C GLU D 353 -46.58 -25.87 8.80
N LYS D 354 -45.93 -25.54 9.94
CA LYS D 354 -46.41 -24.53 10.93
C LYS D 354 -45.67 -23.20 10.68
N ILE D 355 -45.23 -22.99 9.45
CA ILE D 355 -44.50 -21.76 9.10
C ILE D 355 -45.27 -20.52 9.60
N ASN D 356 -46.57 -20.45 9.39
CA ASN D 356 -47.38 -19.23 9.74
C ASN D 356 -47.37 -18.99 11.25
N GLU D 357 -47.41 -20.02 12.07
CA GLU D 357 -47.22 -19.84 13.53
C GLU D 357 -45.84 -19.27 13.82
N GLY D 358 -44.83 -19.67 13.04
CA GLY D 358 -43.47 -19.15 13.24
C GLY D 358 -43.43 -17.67 12.93
N PHE D 359 -44.15 -17.24 11.89
CA PHE D 359 -44.21 -15.81 11.56
C PHE D 359 -45.00 -15.04 12.64
N ASP D 360 -46.06 -15.67 13.16
CA ASP D 360 -46.89 -15.06 14.23
C ASP D 360 -46.00 -14.79 15.45
N LEU D 361 -45.10 -15.73 15.79
CA LEU D 361 -44.19 -15.64 16.94
C LEU D 361 -43.26 -14.45 16.71
N LEU D 362 -42.75 -14.31 15.49
CA LEU D 362 -41.84 -13.20 15.19
C LEU D 362 -42.61 -11.89 15.39
N ARG D 363 -43.81 -11.82 14.77
CA ARG D 363 -44.57 -10.54 14.69
C ARG D 363 -44.99 -10.12 16.09
N SER D 364 -45.33 -11.04 16.96
CA SER D 364 -45.84 -10.76 18.31
C SER D 364 -44.70 -10.31 19.23
N GLY D 365 -43.43 -10.45 18.83
CA GLY D 365 -42.29 -10.05 19.68
C GLY D 365 -41.77 -11.18 20.55
N GLU D 366 -42.42 -12.36 20.53
N GLU D 366 -42.36 -12.36 20.38
CA GLU D 366 -42.04 -13.47 21.44
CA GLU D 366 -42.25 -13.51 21.30
C GLU D 366 -40.72 -14.09 21.01
C GLU D 366 -41.03 -14.36 20.94
N SER D 367 -40.49 -14.27 19.71
CA SER D 367 -39.35 -15.12 19.25
C SER D 367 -38.08 -14.32 18.90
N ILE D 368 -36.93 -15.03 18.88
CA ILE D 368 -35.74 -14.52 18.16
C ILE D 368 -35.69 -15.27 16.83
N ARG D 369 -35.07 -16.47 16.79
CA ARG D 369 -35.18 -17.34 15.62
C ARG D 369 -36.06 -18.54 15.90
N THR D 370 -37.05 -18.73 15.05
CA THR D 370 -37.74 -20.03 14.89
C THR D 370 -37.00 -20.77 13.81
N ILE D 371 -36.59 -22.02 14.06
CA ILE D 371 -36.02 -22.96 13.06
C ILE D 371 -37.14 -23.92 12.65
N LEU D 372 -37.40 -23.96 11.36
CA LEU D 372 -38.39 -24.89 10.75
C LEU D 372 -37.64 -26.16 10.32
N THR D 373 -38.17 -27.33 10.70
CA THR D 373 -37.65 -28.67 10.33
C THR D 373 -38.53 -29.24 9.21
N PHE D 374 -37.91 -29.88 8.22
CA PHE D 374 -38.61 -30.52 7.08
C PHE D 374 -38.83 -31.99 7.39
#